data_2KG1
#
_entry.id   2KG1
#
_cell.length_a   1.000
_cell.length_b   1.000
_cell.length_c   1.000
_cell.angle_alpha   90.00
_cell.angle_beta   90.00
_cell.angle_gamma   90.00
#
_symmetry.space_group_name_H-M   'P 1'
#
loop_
_entity.id
_entity.type
_entity.pdbx_description
1 polymer 'Heterogeneous nuclear ribonucleoprotein F'
2 polymer "5'-R(*AP*GP*GP*GP*AP*U)-3'"
#
loop_
_entity_poly.entity_id
_entity_poly.type
_entity_poly.pdbx_seq_one_letter_code
_entity_poly.pdbx_strand_id
1 'polypeptide(L)'
;MGSSHHHHHHSSGLVPRGSHMASMTGGQQMGRGSGDSEFTVQSTTGHCVHMRGLPYKATENDIYNFFSPLNPVRVHIEIG
PDGRVTGEADVEFATHEEAVAAMSKDRANMQHRYIELFLNSTTGASNGAYSSQVMQGMG
;
A
2 'polyribonucleotide' AGGGAU B
#
# COMPACT_ATOMS: atom_id res chain seq x y z
N GLY A 35 -33.59 -15.04 -7.03
CA GLY A 35 -32.71 -13.88 -6.89
C GLY A 35 -31.28 -14.30 -6.58
N ASP A 36 -30.32 -13.74 -7.32
CA ASP A 36 -28.90 -14.06 -7.15
C ASP A 36 -28.03 -12.89 -7.60
N SER A 37 -26.72 -12.97 -7.34
CA SER A 37 -25.77 -11.94 -7.70
C SER A 37 -24.36 -12.54 -7.83
N GLU A 38 -23.39 -11.71 -8.21
CA GLU A 38 -22.01 -12.13 -8.37
C GLU A 38 -21.11 -10.92 -8.15
N PHE A 39 -19.88 -11.17 -7.68
CA PHE A 39 -18.93 -10.12 -7.37
C PHE A 39 -17.50 -10.56 -7.74
N THR A 40 -16.56 -9.61 -7.70
CA THR A 40 -15.17 -9.84 -8.03
C THR A 40 -14.28 -8.98 -7.13
N VAL A 41 -12.96 -9.08 -7.31
CA VAL A 41 -11.98 -8.32 -6.52
C VAL A 41 -10.87 -7.84 -7.44
N GLN A 42 -10.45 -6.58 -7.25
CA GLN A 42 -9.41 -5.95 -8.05
C GLN A 42 -8.70 -4.86 -7.27
N SER A 43 -8.81 -4.87 -5.93
CA SER A 43 -8.26 -3.83 -5.07
C SER A 43 -7.60 -4.41 -3.83
N THR A 44 -7.38 -5.73 -3.82
CA THR A 44 -6.74 -6.43 -2.70
C THR A 44 -5.76 -7.49 -3.22
N THR A 45 -5.81 -7.77 -4.53
CA THR A 45 -4.97 -8.76 -5.19
C THR A 45 -3.53 -8.30 -5.32
N GLY A 46 -2.83 -8.15 -4.21
CA GLY A 46 -1.45 -7.74 -4.27
C GLY A 46 -0.80 -7.62 -2.89
N HIS A 47 0.46 -7.17 -2.87
CA HIS A 47 1.25 -7.01 -1.67
C HIS A 47 0.97 -5.65 -1.06
N CYS A 48 1.18 -5.45 0.25
CA CYS A 48 0.86 -4.15 0.83
C CYS A 48 1.72 -3.77 2.04
N VAL A 49 1.54 -2.53 2.49
CA VAL A 49 2.20 -1.93 3.64
C VAL A 49 1.25 -0.90 4.24
N HIS A 50 1.42 -0.56 5.52
CA HIS A 50 0.57 0.43 6.17
C HIS A 50 1.37 1.71 6.40
N MET A 51 0.69 2.84 6.61
CA MET A 51 1.36 4.12 6.77
C MET A 51 0.55 5.07 7.64
N ARG A 52 1.25 5.91 8.41
CA ARG A 52 0.64 6.94 9.24
C ARG A 52 1.61 8.11 9.39
N GLY A 53 1.23 9.09 10.21
CA GLY A 53 2.03 10.28 10.43
C GLY A 53 1.75 11.32 9.35
N LEU A 54 1.21 10.88 8.21
CA LEU A 54 0.81 11.74 7.12
C LEU A 54 -0.05 12.86 7.70
N PRO A 55 0.43 14.11 7.68
CA PRO A 55 -0.29 15.25 8.21
C PRO A 55 -1.73 15.33 7.72
N TYR A 56 -2.61 15.79 8.61
CA TYR A 56 -4.02 16.02 8.31
C TYR A 56 -4.21 17.15 7.29
N LYS A 57 -3.17 17.48 6.51
CA LYS A 57 -3.16 18.57 5.56
C LYS A 57 -2.33 18.25 4.31
N ALA A 58 -2.07 16.96 4.05
CA ALA A 58 -1.29 16.52 2.91
C ALA A 58 -1.93 15.29 2.26
N THR A 59 -1.38 14.82 1.13
CA THR A 59 -2.01 13.76 0.34
C THR A 59 -1.02 12.83 -0.35
N GLU A 60 -1.59 11.84 -1.04
CA GLU A 60 -0.88 10.80 -1.75
C GLU A 60 0.14 11.32 -2.76
N ASN A 61 -0.07 12.53 -3.28
CA ASN A 61 0.86 13.13 -4.24
C ASN A 61 2.25 13.32 -3.63
N ASP A 62 2.37 13.18 -2.31
CA ASP A 62 3.67 13.27 -1.64
C ASP A 62 4.04 11.93 -1.00
N ILE A 63 3.07 11.03 -0.80
CA ILE A 63 3.35 9.70 -0.30
C ILE A 63 4.25 8.94 -1.28
N TYR A 64 3.77 8.76 -2.52
CA TYR A 64 4.52 7.98 -3.49
C TYR A 64 5.72 8.79 -4.02
N ASN A 65 5.98 9.95 -3.40
CA ASN A 65 7.06 10.82 -3.78
C ASN A 65 8.10 10.98 -2.67
N PHE A 66 7.86 10.41 -1.47
CA PHE A 66 8.86 10.41 -0.42
C PHE A 66 9.28 8.98 -0.06
N PHE A 67 8.44 8.00 -0.40
CA PHE A 67 8.66 6.61 -0.08
C PHE A 67 9.94 6.09 -0.74
N SER A 68 10.02 6.27 -2.07
CA SER A 68 11.10 5.82 -2.92
C SER A 68 10.81 6.31 -4.35
N PRO A 69 11.76 6.20 -5.29
CA PRO A 69 11.53 6.61 -6.68
C PRO A 69 10.53 5.72 -7.43
N LEU A 70 9.92 4.73 -6.77
CA LEU A 70 8.89 3.88 -7.32
C LEU A 70 7.70 4.64 -7.91
N ASN A 71 6.92 3.89 -8.68
CA ASN A 71 5.72 4.34 -9.37
C ASN A 71 4.55 4.57 -8.41
N PRO A 72 3.51 5.29 -8.84
CA PRO A 72 2.37 5.67 -8.02
C PRO A 72 1.32 4.56 -7.93
N VAL A 73 1.70 3.33 -8.28
CA VAL A 73 0.88 2.11 -8.18
C VAL A 73 0.46 1.81 -6.74
N ARG A 74 0.62 2.74 -5.80
CA ARG A 74 0.73 2.39 -4.39
C ARG A 74 0.15 3.43 -3.42
N VAL A 75 -0.99 4.06 -3.72
CA VAL A 75 -1.54 5.02 -2.76
C VAL A 75 -3.03 4.88 -2.52
N HIS A 76 -3.41 5.14 -1.26
CA HIS A 76 -4.78 5.20 -0.77
C HIS A 76 -4.78 5.99 0.53
N ILE A 77 -5.95 6.43 0.99
CA ILE A 77 -6.06 7.28 2.17
C ILE A 77 -7.33 6.92 2.94
N GLU A 78 -7.22 6.76 4.27
CA GLU A 78 -8.32 6.30 5.10
C GLU A 78 -8.06 6.56 6.58
N ILE A 79 -9.15 6.55 7.37
CA ILE A 79 -9.14 6.54 8.83
C ILE A 79 -10.44 5.87 9.28
N GLY A 80 -11.55 6.23 8.65
CA GLY A 80 -12.86 5.67 8.95
C GLY A 80 -13.98 6.65 8.59
N PRO A 81 -15.23 6.20 8.71
CA PRO A 81 -16.42 7.03 8.54
C PRO A 81 -16.56 7.96 9.76
N ASP A 82 -15.58 7.91 10.65
CA ASP A 82 -15.55 8.69 11.89
C ASP A 82 -14.15 9.22 12.18
N GLY A 83 -13.31 9.29 11.15
CA GLY A 83 -11.91 9.71 11.25
C GLY A 83 -11.76 11.23 11.42
N ARG A 84 -12.81 11.89 11.91
CA ARG A 84 -12.97 13.33 12.04
C ARG A 84 -12.91 14.05 10.70
N VAL A 85 -11.79 13.94 9.98
CA VAL A 85 -11.59 14.51 8.65
C VAL A 85 -10.74 13.59 7.78
N THR A 86 -10.36 12.43 8.32
CA THR A 86 -9.46 11.46 7.70
C THR A 86 -8.08 12.06 7.41
N GLY A 87 -7.07 11.21 7.20
CA GLY A 87 -5.73 11.72 6.95
C GLY A 87 -4.63 10.65 6.94
N GLU A 88 -4.89 9.42 7.41
CA GLU A 88 -3.86 8.39 7.39
C GLU A 88 -3.93 7.65 6.06
N ALA A 89 -3.02 6.71 5.82
CA ALA A 89 -2.91 6.12 4.50
C ALA A 89 -2.48 4.66 4.55
N ASP A 90 -2.54 4.02 3.38
CA ASP A 90 -2.05 2.68 3.18
C ASP A 90 -1.59 2.57 1.73
N VAL A 91 -0.72 1.59 1.46
CA VAL A 91 -0.15 1.44 0.13
C VAL A 91 -0.13 -0.03 -0.28
N GLU A 92 0.11 -0.26 -1.57
CA GLU A 92 0.19 -1.60 -2.13
C GLU A 92 1.38 -1.65 -3.10
N PHE A 93 1.84 -2.85 -3.46
CA PHE A 93 3.04 -2.96 -4.28
C PHE A 93 2.96 -4.15 -5.22
N ALA A 94 3.71 -4.02 -6.33
CA ALA A 94 3.89 -5.06 -7.31
C ALA A 94 4.94 -6.04 -6.77
N THR A 95 4.47 -7.16 -6.21
CA THR A 95 5.26 -8.22 -5.59
C THR A 95 6.03 -7.73 -4.37
N HIS A 96 6.58 -8.69 -3.62
CA HIS A 96 7.35 -8.39 -2.43
C HIS A 96 8.64 -7.67 -2.78
N GLU A 97 9.09 -7.78 -4.03
CA GLU A 97 10.32 -7.16 -4.49
C GLU A 97 10.19 -5.64 -4.53
N GLU A 98 9.06 -5.13 -5.01
CA GLU A 98 8.82 -3.70 -4.97
C GLU A 98 8.51 -3.25 -3.55
N ALA A 99 7.91 -4.13 -2.74
CA ALA A 99 7.57 -3.79 -1.36
C ALA A 99 8.82 -3.52 -0.53
N VAL A 100 9.83 -4.40 -0.61
CA VAL A 100 11.08 -4.18 0.11
C VAL A 100 11.89 -3.05 -0.53
N ALA A 101 11.65 -2.75 -1.82
CA ALA A 101 12.31 -1.65 -2.48
C ALA A 101 11.78 -0.31 -1.99
N ALA A 102 10.67 -0.33 -1.23
CA ALA A 102 10.10 0.85 -0.62
C ALA A 102 10.30 0.83 0.91
N MET A 103 10.67 -0.33 1.48
CA MET A 103 10.89 -0.46 2.90
C MET A 103 12.26 0.12 3.30
N SER A 104 12.32 1.43 3.52
CA SER A 104 13.57 2.08 3.89
C SER A 104 13.35 3.34 4.75
N LYS A 105 12.12 3.55 5.26
CA LYS A 105 11.77 4.77 5.98
C LYS A 105 10.84 4.50 7.16
N ASP A 106 11.00 3.32 7.80
CA ASP A 106 10.17 2.82 8.90
C ASP A 106 9.44 3.92 9.67
N ARG A 107 10.16 4.93 10.15
CA ARG A 107 9.58 6.02 10.92
C ARG A 107 10.35 7.32 10.65
N ALA A 108 10.65 7.54 9.37
CA ALA A 108 11.39 8.69 8.84
C ALA A 108 10.62 10.01 8.96
N ASN A 109 10.86 10.94 8.03
CA ASN A 109 10.27 12.28 8.00
C ASN A 109 9.89 12.65 6.57
N MET A 110 9.13 13.74 6.41
CA MET A 110 8.66 14.20 5.11
C MET A 110 8.56 15.73 5.06
N GLN A 111 8.17 16.36 6.17
CA GLN A 111 8.06 17.81 6.22
C GLN A 111 8.06 18.35 7.64
N HIS A 112 7.24 17.79 8.53
CA HIS A 112 7.17 18.30 9.89
C HIS A 112 6.70 17.26 10.92
N ARG A 113 6.45 16.02 10.50
CA ARG A 113 6.05 14.93 11.39
C ARG A 113 6.92 13.72 11.12
N TYR A 114 7.07 12.84 12.10
CA TYR A 114 7.81 11.61 11.91
C TYR A 114 6.94 10.60 11.16
N ILE A 115 6.85 10.72 9.83
CA ILE A 115 6.01 9.82 9.05
C ILE A 115 6.47 8.39 9.27
N GLU A 116 5.55 7.44 9.18
CA GLU A 116 5.87 6.04 9.45
C GLU A 116 5.12 5.12 8.50
N LEU A 117 5.71 3.96 8.24
CA LEU A 117 5.11 2.91 7.43
C LEU A 117 5.68 1.55 7.87
N PHE A 118 4.86 0.51 7.87
CA PHE A 118 5.21 -0.76 8.51
C PHE A 118 4.82 -1.92 7.57
N LEU A 119 5.81 -2.72 7.19
CA LEU A 119 5.70 -3.78 6.18
C LEU A 119 4.52 -4.71 6.46
N ASN A 120 3.78 -5.08 5.40
CA ASN A 120 2.64 -5.98 5.47
C ASN A 120 2.59 -6.84 4.20
N SER A 121 3.74 -7.47 3.88
CA SER A 121 3.90 -8.26 2.68
C SER A 121 4.98 -9.32 2.88
N THR A 122 4.95 -10.35 2.05
CA THR A 122 5.99 -11.37 1.98
C THR A 122 5.96 -12.01 0.59
N THR A 123 7.03 -12.72 0.24
CA THR A 123 7.24 -13.33 -1.08
C THR A 123 6.28 -14.50 -1.35
N GLY A 124 5.16 -14.60 -0.62
CA GLY A 124 4.24 -15.70 -0.75
C GLY A 124 2.86 -15.41 -0.16
N ALA A 125 2.37 -14.17 -0.29
CA ALA A 125 1.08 -13.79 0.28
C ALA A 125 0.27 -12.89 -0.66
N SER A 126 0.53 -12.97 -1.96
CA SER A 126 -0.24 -12.24 -2.97
C SER A 126 -1.72 -12.64 -2.93
N ASN A 127 -2.01 -13.82 -2.35
CA ASN A 127 -3.35 -14.34 -2.18
C ASN A 127 -3.30 -15.46 -1.13
N GLY A 128 -4.45 -15.80 -0.51
CA GLY A 128 -4.48 -16.89 0.45
C GLY A 128 -5.75 -16.95 1.30
N ALA A 129 -6.70 -16.02 1.12
CA ALA A 129 -7.91 -16.01 1.93
C ALA A 129 -9.12 -15.47 1.17
N TYR A 130 -8.99 -15.27 -0.15
CA TYR A 130 -10.06 -14.71 -0.96
C TYR A 130 -9.89 -15.11 -2.42
N SER A 131 -10.83 -14.71 -3.27
CA SER A 131 -10.83 -15.01 -4.69
C SER A 131 -11.44 -13.84 -5.47
N SER A 132 -11.52 -13.98 -6.80
CA SER A 132 -12.04 -12.94 -7.67
C SER A 132 -12.88 -13.52 -8.81
N GLN A 133 -13.09 -14.84 -8.81
CA GLN A 133 -13.88 -15.51 -9.84
C GLN A 133 -14.48 -16.80 -9.26
N VAL A 134 -15.60 -17.26 -9.85
CA VAL A 134 -16.29 -18.46 -9.40
C VAL A 134 -15.47 -19.73 -9.65
N MET A 135 -14.40 -19.58 -10.43
CA MET A 135 -13.48 -20.63 -10.84
C MET A 135 -14.18 -21.98 -11.11
N GLN A 136 -15.36 -21.95 -11.74
CA GLN A 136 -16.12 -23.15 -12.03
C GLN A 136 -16.88 -23.04 -13.36
N GLY A 137 -16.81 -21.88 -14.02
CA GLY A 137 -17.53 -21.69 -15.29
C GLY A 137 -17.26 -20.32 -15.91
N MET A 138 -16.28 -19.56 -15.38
CA MET A 138 -15.95 -18.23 -15.88
C MET A 138 -14.46 -17.95 -15.72
N GLY A 139 -13.68 -18.98 -15.39
CA GLY A 139 -12.25 -18.86 -15.18
C GLY A 139 -11.62 -20.22 -14.87
N GLY A 35 3.60 0.99 -27.53
CA GLY A 35 2.39 0.30 -27.07
C GLY A 35 1.15 1.16 -27.28
N ASP A 36 0.14 0.60 -27.96
CA ASP A 36 -1.09 1.31 -28.27
C ASP A 36 -2.31 0.40 -28.16
N SER A 37 -2.11 -0.84 -27.69
CA SER A 37 -3.17 -1.82 -27.51
C SER A 37 -2.77 -2.86 -26.47
N GLU A 38 -3.73 -3.69 -26.06
CA GLU A 38 -3.50 -4.75 -25.10
C GLU A 38 -4.57 -5.83 -25.26
N PHE A 39 -4.24 -7.07 -24.93
CA PHE A 39 -5.14 -8.20 -25.07
C PHE A 39 -5.01 -9.20 -23.91
N THR A 40 -4.07 -8.96 -23.00
CA THR A 40 -3.80 -9.84 -21.86
C THR A 40 -3.39 -9.01 -20.64
N VAL A 41 -3.19 -9.68 -19.50
CA VAL A 41 -2.79 -9.03 -18.26
C VAL A 41 -1.78 -9.93 -17.53
N GLN A 42 -0.75 -9.32 -16.96
CA GLN A 42 0.30 -10.04 -16.26
C GLN A 42 0.92 -9.21 -15.13
N SER A 43 0.32 -8.05 -14.82
CA SER A 43 0.80 -7.17 -13.76
C SER A 43 0.62 -7.80 -12.38
N THR A 44 1.18 -7.16 -11.36
CA THR A 44 1.10 -7.64 -9.98
C THR A 44 0.96 -6.45 -9.04
N THR A 45 0.05 -6.56 -8.07
CA THR A 45 -0.25 -5.50 -7.12
C THR A 45 -0.71 -6.12 -5.80
N GLY A 46 -0.24 -7.34 -5.52
CA GLY A 46 -0.70 -8.14 -4.40
C GLY A 46 0.19 -8.02 -3.18
N HIS A 47 0.96 -6.93 -3.04
CA HIS A 47 1.83 -6.75 -1.89
C HIS A 47 1.51 -5.41 -1.25
N CYS A 48 1.40 -5.36 0.08
CA CYS A 48 0.92 -4.17 0.75
C CYS A 48 1.82 -3.73 1.89
N VAL A 49 1.61 -2.49 2.31
CA VAL A 49 2.28 -1.85 3.42
C VAL A 49 1.29 -0.83 3.97
N HIS A 50 1.43 -0.43 5.24
CA HIS A 50 0.52 0.54 5.84
C HIS A 50 1.33 1.70 6.40
N MET A 51 0.70 2.86 6.58
CA MET A 51 1.43 4.04 7.02
C MET A 51 0.56 4.93 7.91
N ARG A 52 1.24 5.73 8.75
CA ARG A 52 0.61 6.58 9.74
C ARG A 52 1.43 7.85 9.94
N GLY A 53 0.84 8.82 10.62
CA GLY A 53 1.45 10.12 10.86
C GLY A 53 1.05 11.13 9.80
N LEU A 54 0.54 10.63 8.66
CA LEU A 54 0.13 11.45 7.53
C LEU A 54 -0.63 12.66 8.05
N PRO A 55 -0.14 13.89 7.77
CA PRO A 55 -0.79 15.10 8.21
C PRO A 55 -2.27 15.11 7.91
N TYR A 56 -3.06 15.57 8.88
CA TYR A 56 -4.51 15.72 8.77
C TYR A 56 -4.88 16.84 7.79
N LYS A 57 -3.95 17.19 6.87
CA LYS A 57 -4.12 18.22 5.88
C LYS A 57 -3.35 17.87 4.59
N ALA A 58 -3.06 16.57 4.39
CA ALA A 58 -2.30 16.10 3.21
C ALA A 58 -2.91 14.81 2.67
N THR A 59 -2.37 14.29 1.57
CA THR A 59 -2.95 13.14 0.86
C THR A 59 -1.92 12.26 0.18
N GLU A 60 -2.43 11.23 -0.49
CA GLU A 60 -1.64 10.25 -1.22
C GLU A 60 -0.72 10.91 -2.25
N ASN A 61 -1.07 12.11 -2.71
CA ASN A 61 -0.27 12.86 -3.66
C ASN A 61 1.14 13.16 -3.14
N ASP A 62 1.41 12.87 -1.86
CA ASP A 62 2.76 12.99 -1.33
C ASP A 62 3.23 11.70 -0.66
N ILE A 63 2.32 10.78 -0.36
CA ILE A 63 2.71 9.49 0.17
C ILE A 63 3.66 8.79 -0.80
N TYR A 64 3.25 8.62 -2.06
CA TYR A 64 4.07 7.93 -3.04
C TYR A 64 5.26 8.80 -3.47
N ASN A 65 5.42 9.96 -2.84
CA ASN A 65 6.50 10.90 -3.14
C ASN A 65 7.41 11.14 -1.93
N PHE A 66 7.18 10.45 -0.81
CA PHE A 66 8.11 10.47 0.31
C PHE A 66 8.64 9.06 0.58
N PHE A 67 7.90 8.05 0.13
CA PHE A 67 8.22 6.65 0.35
C PHE A 67 9.50 6.26 -0.39
N SER A 68 9.53 6.52 -1.69
CA SER A 68 10.59 6.12 -2.61
C SER A 68 10.29 6.69 -3.99
N PRO A 69 11.24 6.66 -4.93
CA PRO A 69 11.01 7.08 -6.30
C PRO A 69 10.06 6.15 -7.04
N LEU A 70 9.62 5.06 -6.40
CA LEU A 70 8.64 4.14 -6.93
C LEU A 70 7.38 4.83 -7.43
N ASN A 71 6.79 4.23 -8.46
CA ASN A 71 5.63 4.69 -9.17
C ASN A 71 4.39 4.74 -8.26
N PRO A 72 3.37 5.51 -8.65
CA PRO A 72 2.15 5.74 -7.89
C PRO A 72 1.15 4.60 -8.03
N VAL A 73 1.60 3.47 -8.57
CA VAL A 73 0.82 2.24 -8.75
C VAL A 73 0.26 1.67 -7.45
N ARG A 74 0.36 2.39 -6.33
CA ARG A 74 0.24 1.76 -5.03
C ARG A 74 -0.54 2.54 -3.97
N VAL A 75 -0.83 3.83 -4.16
CA VAL A 75 -1.49 4.56 -3.08
C VAL A 75 -2.93 4.14 -2.85
N HIS A 76 -3.37 4.27 -1.59
CA HIS A 76 -4.71 3.99 -1.13
C HIS A 76 -4.93 4.71 0.20
N ILE A 77 -6.18 4.80 0.66
CA ILE A 77 -6.51 5.50 1.89
C ILE A 77 -7.68 4.81 2.59
N GLU A 78 -7.76 4.97 3.90
CA GLU A 78 -8.78 4.38 4.74
C GLU A 78 -9.16 5.38 5.84
N ILE A 79 -9.83 6.44 5.40
CA ILE A 79 -10.21 7.59 6.22
C ILE A 79 -11.71 7.84 6.07
N GLY A 80 -12.30 8.52 7.06
CA GLY A 80 -13.72 8.83 7.09
C GLY A 80 -14.08 10.03 6.23
N PRO A 81 -15.25 10.61 6.45
CA PRO A 81 -15.71 11.82 5.79
C PRO A 81 -14.90 13.01 6.29
N ASP A 82 -13.88 12.74 7.11
CA ASP A 82 -12.96 13.71 7.65
C ASP A 82 -11.65 12.99 7.92
N GLY A 83 -10.54 13.73 7.89
CA GLY A 83 -9.21 13.14 7.99
C GLY A 83 -8.50 13.50 9.28
N ARG A 84 -9.25 13.75 10.35
CA ARG A 84 -8.73 14.00 11.68
C ARG A 84 -8.23 12.70 12.33
N VAL A 85 -7.43 11.93 11.57
CA VAL A 85 -6.83 10.68 12.00
C VAL A 85 -7.88 9.71 12.55
N THR A 86 -9.12 9.82 12.06
CA THR A 86 -10.18 8.87 12.40
C THR A 86 -9.93 7.51 11.73
N GLY A 87 -8.80 7.39 11.02
CA GLY A 87 -8.43 6.20 10.28
C GLY A 87 -6.94 6.24 9.94
N GLU A 88 -6.55 5.58 8.84
CA GLU A 88 -5.16 5.46 8.44
C GLU A 88 -5.04 5.45 6.91
N ALA A 89 -3.83 5.23 6.39
CA ALA A 89 -3.60 5.13 4.96
C ALA A 89 -2.70 3.95 4.70
N ASP A 90 -2.69 3.46 3.45
CA ASP A 90 -1.91 2.29 3.11
C ASP A 90 -1.51 2.31 1.64
N VAL A 91 -0.69 1.34 1.24
CA VAL A 91 -0.23 1.24 -0.13
C VAL A 91 -0.19 -0.22 -0.58
N GLU A 92 -0.08 -0.42 -1.90
CA GLU A 92 -0.16 -1.73 -2.53
C GLU A 92 0.95 -1.86 -3.57
N PHE A 93 2.18 -2.03 -3.11
CA PHE A 93 3.35 -2.14 -3.97
C PHE A 93 3.22 -3.27 -4.98
N ALA A 94 3.89 -3.07 -6.13
CA ALA A 94 4.03 -4.09 -7.14
C ALA A 94 5.16 -5.03 -6.72
N THR A 95 4.79 -6.26 -6.38
CA THR A 95 5.67 -7.32 -5.90
C THR A 95 6.32 -6.97 -4.57
N HIS A 96 6.83 -7.99 -3.88
CA HIS A 96 7.52 -7.77 -2.61
C HIS A 96 8.84 -7.03 -2.86
N GLU A 97 9.31 -7.01 -4.11
CA GLU A 97 10.57 -6.37 -4.46
C GLU A 97 10.46 -4.86 -4.36
N GLU A 98 9.34 -4.26 -4.81
CA GLU A 98 9.17 -2.84 -4.58
C GLU A 98 8.86 -2.58 -3.11
N ALA A 99 8.24 -3.56 -2.43
CA ALA A 99 7.90 -3.38 -1.02
C ALA A 99 9.17 -3.26 -0.17
N VAL A 100 10.18 -4.10 -0.42
CA VAL A 100 11.44 -4.01 0.31
C VAL A 100 12.29 -2.85 -0.20
N ALA A 101 12.09 -2.44 -1.46
CA ALA A 101 12.77 -1.28 -2.01
C ALA A 101 12.21 0.00 -1.39
N ALA A 102 11.10 -0.13 -0.65
CA ALA A 102 10.48 0.97 0.06
C ALA A 102 10.59 0.79 1.58
N MET A 103 11.07 -0.38 2.01
CA MET A 103 11.34 -0.66 3.43
C MET A 103 12.67 -0.02 3.85
N SER A 104 12.81 1.29 3.57
CA SER A 104 14.02 2.04 3.86
C SER A 104 13.65 3.41 4.46
N LYS A 105 12.47 3.51 5.06
CA LYS A 105 11.93 4.75 5.61
C LYS A 105 11.28 4.52 6.97
N ASP A 106 11.72 3.48 7.70
CA ASP A 106 11.24 3.17 9.04
C ASP A 106 11.07 4.44 9.86
N ARG A 107 9.79 4.81 10.07
CA ARG A 107 9.36 6.01 10.78
C ARG A 107 10.22 7.25 10.47
N ALA A 108 10.65 7.37 9.22
CA ALA A 108 11.48 8.44 8.70
C ALA A 108 10.76 9.80 8.68
N ASN A 109 11.48 10.84 8.24
CA ASN A 109 10.94 12.18 8.11
C ASN A 109 10.13 12.31 6.81
N MET A 110 9.42 13.43 6.67
CA MET A 110 8.61 13.74 5.49
C MET A 110 8.62 15.27 5.31
N GLN A 111 7.73 15.82 4.47
CA GLN A 111 7.67 17.24 4.16
C GLN A 111 7.84 18.16 5.36
N HIS A 112 7.38 17.76 6.55
CA HIS A 112 7.46 18.65 7.70
C HIS A 112 7.34 17.95 9.06
N ARG A 113 7.21 16.62 9.10
CA ARG A 113 7.08 15.92 10.38
C ARG A 113 7.46 14.44 10.32
N TYR A 114 7.41 13.81 11.50
CA TYR A 114 7.55 12.39 11.75
C TYR A 114 6.44 11.65 11.02
N ILE A 115 6.78 10.64 10.22
CA ILE A 115 5.82 9.84 9.47
C ILE A 115 6.33 8.40 9.45
N GLU A 116 5.45 7.41 9.30
CA GLU A 116 5.87 6.03 9.46
C GLU A 116 5.14 5.07 8.54
N LEU A 117 5.76 3.91 8.30
CA LEU A 117 5.19 2.85 7.47
C LEU A 117 5.67 1.48 7.96
N PHE A 118 4.81 0.47 7.83
CA PHE A 118 5.01 -0.83 8.45
C PHE A 118 4.65 -1.93 7.43
N LEU A 119 5.56 -2.90 7.24
CA LEU A 119 5.43 -3.92 6.19
C LEU A 119 4.19 -4.80 6.37
N ASN A 120 3.57 -5.18 5.26
CA ASN A 120 2.37 -6.02 5.21
C ASN A 120 2.36 -6.85 3.92
N SER A 121 3.50 -7.48 3.60
CA SER A 121 3.61 -8.35 2.43
C SER A 121 4.77 -9.32 2.59
N THR A 122 4.86 -10.29 1.66
CA THR A 122 5.98 -11.21 1.58
C THR A 122 6.12 -11.73 0.15
N THR A 123 7.29 -12.31 -0.15
CA THR A 123 7.59 -12.85 -1.46
C THR A 123 6.87 -14.18 -1.74
N GLY A 124 6.25 -14.76 -0.70
CA GLY A 124 5.61 -16.07 -0.77
C GLY A 124 4.16 -16.01 -1.27
N ALA A 125 3.73 -14.86 -1.80
CA ALA A 125 2.37 -14.69 -2.29
C ALA A 125 2.35 -13.69 -3.46
N SER A 126 1.22 -13.62 -4.17
CA SER A 126 1.04 -12.68 -5.28
C SER A 126 -0.44 -12.55 -5.62
N ASN A 127 -0.81 -11.41 -6.21
CA ASN A 127 -2.17 -11.12 -6.64
C ASN A 127 -2.14 -9.93 -7.61
N GLY A 128 -3.25 -9.66 -8.30
CA GLY A 128 -3.33 -8.56 -9.25
C GLY A 128 -4.75 -8.05 -9.43
N ALA A 129 -5.69 -8.61 -8.66
CA ALA A 129 -7.10 -8.26 -8.72
C ALA A 129 -7.65 -8.23 -10.14
N TYR A 130 -7.09 -9.04 -11.04
CA TYR A 130 -7.51 -9.07 -12.44
C TYR A 130 -7.33 -10.46 -13.04
N SER A 131 -7.66 -10.60 -14.32
CA SER A 131 -7.53 -11.83 -15.06
C SER A 131 -7.11 -11.54 -16.51
N SER A 132 -6.82 -12.59 -17.27
CA SER A 132 -6.32 -12.47 -18.63
C SER A 132 -7.01 -13.48 -19.55
N GLN A 133 -8.16 -14.00 -19.12
CA GLN A 133 -8.92 -15.00 -19.86
C GLN A 133 -10.43 -14.69 -19.77
N VAL A 134 -10.75 -13.42 -19.51
CA VAL A 134 -12.13 -12.97 -19.36
C VAL A 134 -12.93 -13.06 -20.65
N MET A 135 -12.27 -13.52 -21.72
CA MET A 135 -12.87 -13.72 -23.02
C MET A 135 -13.66 -15.02 -23.08
N GLN A 136 -13.47 -15.90 -22.08
CA GLN A 136 -14.11 -17.21 -22.04
C GLN A 136 -14.54 -17.57 -20.62
N GLY A 137 -14.50 -16.62 -19.69
CA GLY A 137 -14.84 -16.86 -18.30
C GLY A 137 -14.82 -15.57 -17.48
N MET A 138 -14.96 -15.70 -16.16
CA MET A 138 -14.95 -14.57 -15.24
C MET A 138 -14.27 -14.96 -13.93
N GLY A 139 -14.01 -13.97 -13.07
CA GLY A 139 -13.36 -14.20 -11.78
C GLY A 139 -13.22 -12.89 -11.02
N GLY A 35 -0.44 -25.48 -19.98
CA GLY A 35 0.24 -24.18 -19.96
C GLY A 35 1.69 -24.32 -19.56
N ASP A 36 2.57 -23.50 -20.14
CA ASP A 36 4.00 -23.53 -19.85
C ASP A 36 4.62 -22.13 -19.99
N SER A 37 3.78 -21.10 -20.15
CA SER A 37 4.22 -19.72 -20.35
C SER A 37 3.25 -18.76 -19.68
N GLU A 38 3.60 -17.46 -19.68
CA GLU A 38 2.78 -16.42 -19.09
C GLU A 38 3.05 -15.11 -19.83
N PHE A 39 2.02 -14.28 -19.98
CA PHE A 39 2.12 -13.03 -20.69
C PHE A 39 1.31 -11.90 -20.04
N THR A 40 0.68 -12.20 -18.90
CA THR A 40 -0.15 -11.26 -18.17
C THR A 40 0.00 -11.45 -16.66
N VAL A 41 -0.51 -10.49 -15.89
CA VAL A 41 -0.44 -10.47 -14.43
C VAL A 41 0.97 -10.80 -13.93
N GLN A 42 1.97 -10.38 -14.70
CA GLN A 42 3.38 -10.60 -14.45
C GLN A 42 3.91 -9.76 -13.28
N SER A 43 3.03 -9.27 -12.39
CA SER A 43 3.42 -8.37 -11.31
C SER A 43 2.78 -8.75 -9.97
N THR A 44 1.84 -9.70 -9.97
CA THR A 44 1.16 -10.19 -8.77
C THR A 44 0.89 -9.08 -7.75
N THR A 45 0.43 -7.92 -8.23
CA THR A 45 0.15 -6.76 -7.38
C THR A 45 -0.92 -7.05 -6.35
N GLY A 46 -0.52 -7.52 -5.16
CA GLY A 46 -1.42 -7.69 -4.05
C GLY A 46 -0.70 -7.46 -2.72
N HIS A 47 0.57 -7.07 -2.77
CA HIS A 47 1.37 -6.82 -1.57
C HIS A 47 1.01 -5.43 -1.04
N CYS A 48 1.08 -5.21 0.28
CA CYS A 48 0.76 -3.89 0.79
C CYS A 48 1.58 -3.54 2.04
N VAL A 49 1.47 -2.28 2.46
CA VAL A 49 2.14 -1.73 3.62
C VAL A 49 1.27 -0.60 4.15
N HIS A 50 1.03 -0.57 5.46
CA HIS A 50 0.20 0.48 6.05
C HIS A 50 1.04 1.74 6.26
N MET A 51 0.37 2.90 6.36
CA MET A 51 1.05 4.17 6.58
C MET A 51 0.10 5.15 7.28
N ARG A 52 0.65 5.98 8.18
CA ARG A 52 -0.14 6.94 8.95
C ARG A 52 0.70 8.15 9.31
N GLY A 53 0.11 9.10 10.04
CA GLY A 53 0.78 10.31 10.48
C GLY A 53 0.72 11.43 9.44
N LEU A 54 0.22 11.13 8.23
CA LEU A 54 0.25 12.08 7.13
C LEU A 54 -1.04 12.90 7.01
N PRO A 55 -2.19 12.30 6.68
CA PRO A 55 -3.30 12.90 5.94
C PRO A 55 -3.86 14.28 6.32
N TYR A 56 -3.43 14.92 7.41
CA TYR A 56 -4.04 16.18 7.82
C TYR A 56 -3.52 17.41 7.08
N LYS A 57 -2.46 17.30 6.27
CA LYS A 57 -1.95 18.47 5.53
C LYS A 57 -1.41 18.13 4.15
N ALA A 58 -1.47 16.86 3.76
CA ALA A 58 -0.96 16.40 2.48
C ALA A 58 -1.73 15.14 2.06
N THR A 59 -1.40 14.60 0.89
CA THR A 59 -2.10 13.44 0.35
C THR A 59 -1.17 12.55 -0.45
N GLU A 60 -1.74 11.46 -0.96
CA GLU A 60 -1.04 10.46 -1.75
C GLU A 60 -0.18 11.06 -2.87
N ASN A 61 -0.59 12.22 -3.39
CA ASN A 61 0.13 12.91 -4.46
C ASN A 61 1.57 13.26 -4.06
N ASP A 62 1.92 13.10 -2.78
CA ASP A 62 3.29 13.29 -2.32
C ASP A 62 3.80 12.09 -1.53
N ILE A 63 2.89 11.21 -1.11
CA ILE A 63 3.29 9.99 -0.43
C ILE A 63 4.16 9.14 -1.37
N TYR A 64 3.68 8.92 -2.61
CA TYR A 64 4.46 8.14 -3.56
C TYR A 64 5.67 8.94 -4.05
N ASN A 65 5.92 10.09 -3.43
CA ASN A 65 7.07 10.93 -3.72
C ASN A 65 7.94 11.15 -2.47
N PHE A 66 7.59 10.50 -1.34
CA PHE A 66 8.44 10.51 -0.15
C PHE A 66 8.87 9.09 0.21
N PHE A 67 8.11 8.08 -0.24
CA PHE A 67 8.39 6.70 0.08
C PHE A 67 9.66 6.21 -0.62
N SER A 68 9.80 6.54 -1.91
CA SER A 68 10.85 6.04 -2.80
C SER A 68 10.64 6.64 -4.20
N PRO A 69 11.61 6.46 -5.10
CA PRO A 69 11.49 6.89 -6.49
C PRO A 69 10.52 6.01 -7.29
N LEU A 70 9.92 5.00 -6.66
CA LEU A 70 8.91 4.14 -7.26
C LEU A 70 7.74 4.90 -7.89
N ASN A 71 7.01 4.18 -8.73
CA ASN A 71 5.84 4.63 -9.45
C ASN A 71 4.62 4.73 -8.52
N PRO A 72 3.58 5.46 -8.93
CA PRO A 72 2.40 5.74 -8.12
C PRO A 72 1.46 4.55 -7.99
N VAL A 73 1.94 3.36 -8.38
CA VAL A 73 1.25 2.09 -8.20
C VAL A 73 0.89 1.86 -6.73
N ARG A 74 1.47 2.65 -5.82
CA ARG A 74 1.48 2.37 -4.39
C ARG A 74 0.77 3.39 -3.52
N VAL A 75 -0.46 3.81 -3.87
CA VAL A 75 -1.19 4.69 -2.98
C VAL A 75 -2.69 4.36 -2.87
N HIS A 76 -3.22 4.62 -1.67
CA HIS A 76 -4.62 4.54 -1.31
C HIS A 76 -4.80 5.27 0.03
N ILE A 77 -6.04 5.56 0.42
CA ILE A 77 -6.30 6.30 1.66
C ILE A 77 -7.58 5.79 2.31
N GLU A 78 -7.66 5.94 3.64
CA GLU A 78 -8.80 5.49 4.41
C GLU A 78 -9.15 6.51 5.51
N ILE A 79 -10.43 6.53 5.90
CA ILE A 79 -10.98 7.49 6.84
C ILE A 79 -10.22 7.45 8.17
N GLY A 80 -10.21 8.59 8.87
CA GLY A 80 -9.52 8.76 10.13
C GLY A 80 -10.14 7.93 11.26
N PRO A 81 -9.48 7.94 12.42
CA PRO A 81 -9.92 7.27 13.62
C PRO A 81 -11.08 8.03 14.25
N ASP A 82 -11.55 9.08 13.56
CA ASP A 82 -12.62 9.93 14.05
C ASP A 82 -13.62 10.32 12.95
N GLY A 83 -13.36 9.89 11.71
CA GLY A 83 -14.21 10.13 10.56
C GLY A 83 -14.66 11.57 10.35
N ARG A 84 -13.90 12.54 10.86
CA ARG A 84 -14.16 13.96 10.58
C ARG A 84 -13.21 14.44 9.49
N VAL A 85 -12.18 13.64 9.20
CA VAL A 85 -11.20 13.83 8.16
C VAL A 85 -10.47 12.50 8.00
N THR A 86 -9.77 12.28 6.88
CA THR A 86 -8.95 11.08 6.75
C THR A 86 -7.76 11.18 7.71
N GLY A 87 -7.22 10.04 8.12
CA GLY A 87 -6.16 10.01 9.11
C GLY A 87 -5.24 8.80 8.97
N GLU A 88 -5.48 7.95 7.98
CA GLU A 88 -4.60 6.82 7.72
C GLU A 88 -4.59 6.50 6.22
N ALA A 89 -3.58 5.76 5.79
CA ALA A 89 -3.44 5.38 4.40
C ALA A 89 -2.84 3.97 4.29
N ASP A 90 -2.81 3.46 3.06
CA ASP A 90 -2.17 2.19 2.75
C ASP A 90 -1.55 2.30 1.37
N VAL A 91 -0.52 1.48 1.12
CA VAL A 91 0.15 1.46 -0.16
C VAL A 91 0.24 0.02 -0.63
N GLU A 92 0.39 -0.19 -1.94
CA GLU A 92 0.41 -1.52 -2.52
C GLU A 92 1.65 -1.65 -3.39
N PHE A 93 2.06 -2.89 -3.67
CA PHE A 93 3.29 -3.11 -4.40
C PHE A 93 3.20 -4.31 -5.34
N ALA A 94 3.95 -4.19 -6.44
CA ALA A 94 4.19 -5.26 -7.36
C ALA A 94 5.26 -6.16 -6.75
N THR A 95 4.79 -7.25 -6.13
CA THR A 95 5.61 -8.25 -5.45
C THR A 95 6.30 -7.67 -4.21
N HIS A 96 6.82 -8.56 -3.37
CA HIS A 96 7.53 -8.16 -2.16
C HIS A 96 8.83 -7.45 -2.51
N GLU A 97 9.29 -7.57 -3.76
CA GLU A 97 10.54 -6.97 -4.20
C GLU A 97 10.41 -5.45 -4.30
N GLU A 98 9.29 -4.95 -4.83
CA GLU A 98 9.04 -3.52 -4.81
C GLU A 98 8.69 -3.08 -3.37
N ALA A 99 8.11 -3.99 -2.58
CA ALA A 99 7.75 -3.66 -1.21
C ALA A 99 8.99 -3.37 -0.37
N VAL A 100 10.04 -4.20 -0.49
CA VAL A 100 11.29 -3.95 0.24
C VAL A 100 12.07 -2.81 -0.40
N ALA A 101 11.83 -2.52 -1.68
CA ALA A 101 12.46 -1.40 -2.35
C ALA A 101 11.89 -0.09 -1.82
N ALA A 102 10.79 -0.17 -1.07
CA ALA A 102 10.18 0.99 -0.43
C ALA A 102 10.24 0.90 1.10
N MET A 103 10.66 -0.24 1.65
CA MET A 103 10.79 -0.44 3.09
C MET A 103 12.08 0.21 3.60
N SER A 104 12.15 1.55 3.51
CA SER A 104 13.34 2.29 3.89
C SER A 104 13.01 3.62 4.60
N LYS A 105 11.80 3.72 5.17
CA LYS A 105 11.32 4.94 5.79
C LYS A 105 10.70 4.66 7.17
N ASP A 106 11.13 3.56 7.81
CA ASP A 106 10.73 3.17 9.16
C ASP A 106 10.64 4.39 10.07
N ARG A 107 9.41 4.78 10.42
CA ARG A 107 9.08 5.96 11.20
C ARG A 107 9.96 7.17 10.92
N ALA A 108 10.30 7.36 9.63
CA ALA A 108 11.09 8.48 9.13
C ALA A 108 10.29 9.78 9.18
N ASN A 109 10.66 10.74 8.33
CA ASN A 109 9.98 12.03 8.21
C ASN A 109 9.65 12.30 6.74
N MET A 110 8.94 13.41 6.47
CA MET A 110 8.47 13.68 5.11
C MET A 110 8.51 15.16 4.74
N GLN A 111 8.20 16.05 5.67
CA GLN A 111 8.26 17.49 5.40
C GLN A 111 8.25 18.34 6.67
N HIS A 112 7.73 17.82 7.78
CA HIS A 112 7.59 18.64 8.97
C HIS A 112 7.45 17.85 10.27
N ARG A 113 7.26 16.52 10.20
CA ARG A 113 7.01 15.73 11.40
C ARG A 113 7.31 14.25 11.14
N TYR A 114 7.18 13.45 12.21
CA TYR A 114 7.25 12.01 12.19
C TYR A 114 6.19 11.49 11.22
N ILE A 115 6.54 10.50 10.40
CA ILE A 115 5.62 9.80 9.51
C ILE A 115 6.01 8.34 9.57
N GLU A 116 5.07 7.43 9.34
CA GLU A 116 5.37 6.02 9.58
C GLU A 116 4.64 5.10 8.62
N LEU A 117 5.27 3.96 8.35
CA LEU A 117 4.75 2.90 7.51
C LEU A 117 5.30 1.55 7.99
N PHE A 118 4.47 0.51 7.97
CA PHE A 118 4.84 -0.76 8.59
C PHE A 118 4.43 -1.91 7.65
N LEU A 119 5.39 -2.79 7.33
CA LEU A 119 5.26 -3.82 6.31
C LEU A 119 4.03 -4.70 6.53
N ASN A 120 3.36 -5.08 5.43
CA ASN A 120 2.18 -5.94 5.45
C ASN A 120 2.18 -6.82 4.19
N SER A 121 3.31 -7.48 3.93
CA SER A 121 3.42 -8.45 2.85
C SER A 121 4.66 -9.32 3.07
N THR A 122 4.83 -10.36 2.24
CA THR A 122 6.02 -11.19 2.27
C THR A 122 6.22 -11.85 0.92
N THR A 123 7.43 -12.38 0.69
CA THR A 123 7.84 -13.02 -0.56
C THR A 123 7.13 -14.37 -0.80
N GLY A 124 6.02 -14.62 -0.11
CA GLY A 124 5.29 -15.88 -0.19
C GLY A 124 3.79 -15.70 -0.03
N ALA A 125 3.29 -14.47 -0.20
CA ALA A 125 1.87 -14.18 -0.08
C ALA A 125 1.50 -13.02 -1.02
N SER A 126 0.19 -12.77 -1.16
CA SER A 126 -0.32 -11.71 -2.02
C SER A 126 -1.65 -11.16 -1.49
N ASN A 127 -1.99 -11.49 -0.23
CA ASN A 127 -3.23 -11.08 0.42
C ASN A 127 -4.47 -11.40 -0.41
N GLY A 128 -4.38 -12.36 -1.33
CA GLY A 128 -5.47 -12.73 -2.22
C GLY A 128 -5.04 -13.83 -3.18
N ALA A 129 -5.69 -13.88 -4.34
CA ALA A 129 -5.37 -14.83 -5.39
C ALA A 129 -5.51 -14.18 -6.76
N TYR A 130 -5.01 -14.84 -7.81
CA TYR A 130 -4.99 -14.27 -9.14
C TYR A 130 -4.92 -15.37 -10.21
N SER A 131 -4.92 -14.95 -11.47
CA SER A 131 -4.83 -15.83 -12.63
C SER A 131 -4.01 -15.14 -13.72
N SER A 132 -3.72 -15.85 -14.81
CA SER A 132 -2.94 -15.32 -15.91
C SER A 132 -3.31 -16.02 -17.21
N GLN A 133 -2.71 -15.58 -18.33
CA GLN A 133 -2.97 -16.11 -19.66
C GLN A 133 -4.48 -16.16 -19.97
N VAL A 134 -5.22 -15.19 -19.42
CA VAL A 134 -6.67 -15.09 -19.57
C VAL A 134 -7.08 -14.63 -20.98
N MET A 135 -6.12 -14.64 -21.90
CA MET A 135 -6.30 -14.25 -23.28
C MET A 135 -5.39 -15.09 -24.17
N GLN A 136 -5.84 -15.40 -25.39
CA GLN A 136 -5.07 -16.20 -26.32
C GLN A 136 -5.43 -15.86 -27.78
N GLY A 137 -6.56 -15.16 -27.98
CA GLY A 137 -7.01 -14.78 -29.31
C GLY A 137 -8.43 -14.23 -29.27
N MET A 138 -8.97 -13.86 -30.43
CA MET A 138 -10.33 -13.34 -30.56
C MET A 138 -10.85 -13.61 -31.97
N GLY A 139 -12.17 -13.67 -32.13
CA GLY A 139 -12.81 -13.91 -33.41
C GLY A 139 -14.33 -13.94 -33.27
N GLY A 35 -18.27 -2.17 -7.67
CA GLY A 35 -18.58 -2.58 -9.05
C GLY A 35 -17.59 -3.62 -9.54
N ASP A 36 -18.08 -4.84 -9.79
CA ASP A 36 -17.25 -5.96 -10.22
C ASP A 36 -18.04 -6.86 -11.18
N SER A 37 -17.35 -7.82 -11.80
CA SER A 37 -17.96 -8.75 -12.74
C SER A 37 -17.31 -10.14 -12.64
N GLU A 38 -16.50 -10.36 -11.60
CA GLU A 38 -15.78 -11.60 -11.43
C GLU A 38 -15.57 -11.89 -9.94
N PHE A 39 -14.97 -13.04 -9.63
CA PHE A 39 -14.70 -13.47 -8.28
C PHE A 39 -13.32 -14.09 -8.19
N THR A 40 -12.82 -14.28 -6.96
CA THR A 40 -11.49 -14.83 -6.70
C THR A 40 -11.52 -15.67 -5.43
N VAL A 41 -10.41 -16.37 -5.18
CA VAL A 41 -10.19 -17.20 -4.01
C VAL A 41 -10.08 -16.36 -2.74
N GLN A 42 -9.80 -17.02 -1.62
CA GLN A 42 -9.64 -16.42 -0.30
C GLN A 42 -8.42 -15.51 -0.18
N SER A 43 -7.85 -15.07 -1.31
CA SER A 43 -6.60 -14.31 -1.35
C SER A 43 -6.68 -13.18 -2.37
N THR A 44 -5.54 -12.56 -2.66
CA THR A 44 -5.45 -11.40 -3.56
C THR A 44 -4.27 -11.58 -4.51
N THR A 45 -3.98 -10.57 -5.32
CA THR A 45 -2.95 -10.63 -6.35
C THR A 45 -2.00 -9.45 -6.26
N GLY A 46 -1.71 -9.01 -5.05
CA GLY A 46 -0.81 -7.91 -4.87
C GLY A 46 -0.25 -7.84 -3.45
N HIS A 47 0.55 -6.81 -3.17
CA HIS A 47 1.20 -6.64 -1.88
C HIS A 47 0.96 -5.21 -1.39
N CYS A 48 0.92 -4.99 -0.07
CA CYS A 48 0.59 -3.65 0.45
C CYS A 48 1.44 -3.29 1.66
N VAL A 49 1.34 -2.02 2.08
CA VAL A 49 2.01 -1.47 3.25
C VAL A 49 1.13 -0.35 3.81
N HIS A 50 1.11 -0.19 5.14
CA HIS A 50 0.32 0.86 5.78
C HIS A 50 1.11 2.16 5.86
N MET A 51 0.43 3.29 6.11
CA MET A 51 1.11 4.57 6.32
C MET A 51 0.27 5.49 7.19
N ARG A 52 0.95 6.27 8.03
CA ARG A 52 0.36 7.33 8.84
C ARG A 52 1.41 8.42 9.04
N GLY A 53 1.02 9.52 9.70
CA GLY A 53 1.94 10.61 9.99
C GLY A 53 1.66 11.83 9.13
N LEU A 54 0.98 11.66 8.00
CA LEU A 54 0.60 12.77 7.16
C LEU A 54 -0.19 13.78 7.98
N PRO A 55 0.13 15.07 7.87
CA PRO A 55 -0.72 16.12 8.40
C PRO A 55 -2.15 15.91 7.92
N TYR A 56 -3.13 16.36 8.71
CA TYR A 56 -4.54 16.21 8.38
C TYR A 56 -4.94 17.07 7.16
N LYS A 57 -3.97 17.43 6.31
CA LYS A 57 -4.19 18.23 5.11
C LYS A 57 -3.31 17.76 3.93
N ALA A 58 -2.32 16.91 4.19
CA ALA A 58 -1.44 16.38 3.15
C ALA A 58 -2.16 15.30 2.33
N THR A 59 -1.54 14.81 1.25
CA THR A 59 -2.19 13.83 0.37
C THR A 59 -1.22 12.87 -0.29
N GLU A 60 -1.82 11.88 -0.96
CA GLU A 60 -1.14 10.83 -1.69
C GLU A 60 -0.11 11.35 -2.68
N ASN A 61 -0.34 12.54 -3.25
CA ASN A 61 0.56 13.12 -4.24
C ASN A 61 1.98 13.31 -3.70
N ASP A 62 2.16 13.22 -2.38
CA ASP A 62 3.47 13.33 -1.77
C ASP A 62 3.89 12.00 -1.14
N ILE A 63 2.93 11.12 -0.85
CA ILE A 63 3.24 9.80 -0.33
C ILE A 63 4.15 9.03 -1.29
N TYR A 64 3.65 8.74 -2.50
CA TYR A 64 4.40 7.94 -3.46
C TYR A 64 5.54 8.76 -4.07
N ASN A 65 5.77 9.96 -3.52
CA ASN A 65 6.84 10.83 -3.93
C ASN A 65 7.91 10.93 -2.83
N PHE A 66 7.68 10.30 -1.67
CA PHE A 66 8.68 10.20 -0.61
C PHE A 66 8.91 8.74 -0.20
N PHE A 67 7.99 7.84 -0.56
CA PHE A 67 8.05 6.45 -0.14
C PHE A 67 9.33 5.76 -0.61
N SER A 68 9.72 6.01 -1.86
CA SER A 68 10.86 5.36 -2.50
C SER A 68 11.05 5.94 -3.90
N PRO A 69 12.25 5.84 -4.50
CA PRO A 69 12.49 6.21 -5.89
C PRO A 69 11.69 5.36 -6.88
N LEU A 70 10.88 4.41 -6.39
CA LEU A 70 9.92 3.65 -7.16
C LEU A 70 8.97 4.52 -7.98
N ASN A 71 8.12 3.86 -8.76
CA ASN A 71 7.19 4.48 -9.68
C ASN A 71 5.75 4.24 -9.20
N PRO A 72 4.80 5.06 -9.67
CA PRO A 72 3.44 5.06 -9.19
C PRO A 72 2.63 3.87 -9.72
N VAL A 73 2.21 3.02 -8.77
CA VAL A 73 1.35 1.87 -8.95
C VAL A 73 0.56 1.67 -7.66
N ARG A 74 0.46 2.73 -6.86
CA ARG A 74 0.15 2.62 -5.44
C ARG A 74 -0.77 3.75 -4.94
N VAL A 75 -0.64 4.07 -3.64
CA VAL A 75 -1.44 4.99 -2.84
C VAL A 75 -2.94 4.72 -2.81
N HIS A 76 -3.48 4.88 -1.59
CA HIS A 76 -4.90 4.81 -1.28
C HIS A 76 -5.08 5.46 0.10
N ILE A 77 -6.22 6.11 0.35
CA ILE A 77 -6.44 6.83 1.60
C ILE A 77 -7.61 6.18 2.36
N GLU A 78 -7.58 6.27 3.69
CA GLU A 78 -8.58 5.68 4.56
C GLU A 78 -8.94 6.64 5.69
N ILE A 79 -10.13 6.44 6.29
CA ILE A 79 -10.69 7.33 7.29
C ILE A 79 -11.23 6.50 8.48
N GLY A 80 -11.35 7.14 9.64
CA GLY A 80 -11.82 6.51 10.85
C GLY A 80 -13.30 6.14 10.81
N PRO A 81 -13.77 5.49 11.87
CA PRO A 81 -15.17 5.10 12.06
C PRO A 81 -16.00 6.33 12.42
N ASP A 82 -15.37 7.51 12.40
CA ASP A 82 -16.02 8.76 12.77
C ASP A 82 -15.63 9.92 11.85
N GLY A 83 -14.61 9.73 11.00
CA GLY A 83 -14.16 10.74 10.06
C GLY A 83 -13.94 12.11 10.69
N ARG A 84 -13.60 12.16 11.99
CA ARG A 84 -13.42 13.41 12.71
C ARG A 84 -12.40 14.31 12.02
N VAL A 85 -11.23 13.76 11.69
CA VAL A 85 -10.15 14.51 11.07
C VAL A 85 -9.13 13.55 10.43
N THR A 86 -9.48 12.26 10.33
CA THR A 86 -8.56 11.22 9.90
C THR A 86 -7.93 11.52 8.55
N GLY A 87 -6.77 10.91 8.30
CA GLY A 87 -6.01 11.08 7.07
C GLY A 87 -5.10 9.87 6.85
N GLU A 88 -5.54 8.69 7.30
CA GLU A 88 -4.77 7.47 7.23
C GLU A 88 -4.58 7.07 5.77
N ALA A 89 -3.58 6.24 5.47
CA ALA A 89 -3.33 5.84 4.10
C ALA A 89 -2.68 4.46 4.04
N ASP A 90 -2.67 3.91 2.82
CA ASP A 90 -2.01 2.66 2.51
C ASP A 90 -1.44 2.76 1.10
N VAL A 91 -0.62 1.78 0.72
CA VAL A 91 -0.04 1.72 -0.61
C VAL A 91 -0.06 0.28 -1.09
N GLU A 92 0.28 0.08 -2.37
CA GLU A 92 0.32 -1.23 -3.00
C GLU A 92 1.68 -1.40 -3.67
N PHE A 93 2.09 -2.65 -3.91
CA PHE A 93 3.41 -2.93 -4.45
C PHE A 93 3.38 -4.10 -5.42
N ALA A 94 4.32 -4.05 -6.36
CA ALA A 94 4.59 -5.14 -7.28
C ALA A 94 5.51 -6.13 -6.57
N THR A 95 4.90 -7.18 -5.98
CA THR A 95 5.57 -8.23 -5.22
C THR A 95 6.20 -7.71 -3.93
N HIS A 96 6.58 -8.63 -3.05
CA HIS A 96 7.21 -8.28 -1.79
C HIS A 96 8.60 -7.70 -2.03
N GLU A 97 9.17 -7.90 -3.22
CA GLU A 97 10.49 -7.41 -3.55
C GLU A 97 10.48 -5.89 -3.73
N GLU A 98 9.45 -5.35 -4.36
CA GLU A 98 9.31 -3.90 -4.45
C GLU A 98 8.90 -3.35 -3.09
N ALA A 99 8.16 -4.13 -2.31
CA ALA A 99 7.72 -3.69 -0.99
C ALA A 99 8.91 -3.47 -0.05
N VAL A 100 9.89 -4.38 -0.06
CA VAL A 100 11.08 -4.20 0.76
C VAL A 100 12.01 -3.16 0.15
N ALA A 101 11.86 -2.87 -1.15
CA ALA A 101 12.64 -1.83 -1.80
C ALA A 101 12.17 -0.44 -1.34
N ALA A 102 11.03 -0.38 -0.65
CA ALA A 102 10.53 0.85 -0.06
C ALA A 102 10.51 0.78 1.47
N MET A 103 10.79 -0.40 2.04
CA MET A 103 10.88 -0.58 3.48
C MET A 103 12.21 -0.04 4.01
N SER A 104 12.52 1.21 3.68
CA SER A 104 13.76 1.86 4.07
C SER A 104 13.50 3.26 4.62
N LYS A 105 12.25 3.53 5.00
CA LYS A 105 11.80 4.81 5.54
C LYS A 105 10.75 4.56 6.63
N ASP A 106 10.79 3.37 7.23
CA ASP A 106 9.78 2.87 8.17
C ASP A 106 9.17 3.92 9.08
N ARG A 107 9.96 4.87 9.59
CA ARG A 107 9.42 5.97 10.39
C ARG A 107 10.29 7.22 10.24
N ALA A 108 10.85 7.41 9.06
CA ALA A 108 11.72 8.53 8.72
C ALA A 108 10.96 9.85 8.61
N ASN A 109 11.70 10.96 8.53
CA ASN A 109 11.13 12.28 8.31
C ASN A 109 10.56 12.37 6.88
N MET A 110 9.73 13.39 6.62
CA MET A 110 9.14 13.59 5.31
C MET A 110 8.95 15.08 4.99
N GLN A 111 8.70 15.90 6.02
CA GLN A 111 8.58 17.34 5.86
C GLN A 111 8.76 18.06 7.19
N HIS A 112 8.01 17.64 8.22
CA HIS A 112 8.08 18.27 9.52
C HIS A 112 7.58 17.34 10.63
N ARG A 113 7.41 16.05 10.30
CA ARG A 113 6.90 15.02 11.20
C ARG A 113 7.59 13.70 10.88
N TYR A 114 7.62 12.79 11.85
CA TYR A 114 8.24 11.48 11.67
C TYR A 114 7.24 10.54 10.99
N ILE A 115 6.91 10.82 9.72
CA ILE A 115 5.96 10.02 8.98
C ILE A 115 6.40 8.56 9.02
N GLU A 116 5.46 7.63 8.90
CA GLU A 116 5.78 6.23 9.08
C GLU A 116 4.95 5.34 8.17
N LEU A 117 5.48 4.16 7.86
CA LEU A 117 4.84 3.15 7.05
C LEU A 117 5.30 1.77 7.53
N PHE A 118 4.39 0.80 7.56
CA PHE A 118 4.63 -0.48 8.23
C PHE A 118 4.14 -1.61 7.33
N LEU A 119 4.99 -2.63 7.14
CA LEU A 119 4.76 -3.71 6.19
C LEU A 119 3.39 -4.37 6.35
N ASN A 120 2.76 -4.71 5.22
CA ASN A 120 1.47 -5.37 5.17
C ASN A 120 1.46 -6.33 3.96
N SER A 121 2.53 -7.12 3.84
CA SER A 121 2.65 -8.14 2.81
C SER A 121 3.70 -9.17 3.20
N THR A 122 3.87 -10.18 2.36
CA THR A 122 4.90 -11.21 2.52
C THR A 122 5.28 -11.73 1.15
N THR A 123 6.42 -12.42 1.05
CA THR A 123 6.88 -12.99 -0.21
C THR A 123 5.80 -13.90 -0.79
N GLY A 124 5.67 -13.88 -2.12
CA GLY A 124 4.60 -14.59 -2.81
C GLY A 124 4.59 -14.20 -4.29
N ALA A 125 3.40 -14.13 -4.88
CA ALA A 125 3.23 -13.77 -6.28
C ALA A 125 2.05 -12.82 -6.46
N SER A 126 1.90 -12.30 -7.68
CA SER A 126 0.88 -11.32 -8.03
C SER A 126 0.15 -11.72 -9.32
N ASN A 127 0.42 -12.93 -9.82
CA ASN A 127 -0.22 -13.45 -11.02
C ASN A 127 -0.21 -14.98 -10.99
N GLY A 128 -1.25 -15.60 -11.55
CA GLY A 128 -1.38 -17.05 -11.63
C GLY A 128 -2.82 -17.46 -11.86
N ALA A 129 -3.05 -18.76 -12.03
CA ALA A 129 -4.40 -19.29 -12.22
C ALA A 129 -5.19 -19.28 -10.91
N TYR A 130 -4.49 -19.05 -9.79
CA TYR A 130 -5.09 -18.98 -8.46
C TYR A 130 -4.14 -18.25 -7.51
N SER A 131 -4.55 -18.07 -6.26
CA SER A 131 -3.73 -17.40 -5.25
C SER A 131 -4.02 -17.92 -3.83
N SER A 132 -4.78 -19.01 -3.73
CA SER A 132 -5.26 -19.53 -2.46
C SER A 132 -4.14 -19.91 -1.48
N GLN A 133 -2.89 -20.05 -1.95
CA GLN A 133 -1.80 -20.43 -1.06
C GLN A 133 -0.44 -19.94 -1.55
N VAL A 134 -0.44 -19.06 -2.56
CA VAL A 134 0.81 -18.57 -3.18
C VAL A 134 1.52 -17.54 -2.32
N MET A 135 1.12 -17.44 -1.05
CA MET A 135 1.64 -16.49 -0.10
C MET A 135 2.01 -17.18 1.21
N GLN A 136 2.07 -18.52 1.21
CA GLN A 136 2.40 -19.31 2.39
C GLN A 136 3.36 -20.45 2.02
N GLY A 137 3.86 -20.45 0.77
CA GLY A 137 4.79 -21.46 0.30
C GLY A 137 5.25 -21.15 -1.12
N MET A 138 6.19 -21.95 -1.63
CA MET A 138 6.73 -21.77 -2.97
C MET A 138 7.15 -23.12 -3.57
N GLY A 139 6.95 -24.22 -2.84
CA GLY A 139 7.33 -25.56 -3.29
C GLY A 139 6.96 -26.61 -2.25
N GLY A 35 -6.78 -26.83 -31.93
CA GLY A 35 -5.68 -26.02 -31.39
C GLY A 35 -6.10 -25.30 -30.12
N ASP A 36 -5.16 -25.16 -29.18
CA ASP A 36 -5.41 -24.50 -27.90
C ASP A 36 -4.11 -23.91 -27.35
N SER A 37 -4.22 -22.99 -26.40
CA SER A 37 -3.07 -22.33 -25.80
C SER A 37 -3.44 -21.79 -24.41
N GLU A 38 -2.45 -21.29 -23.67
CA GLU A 38 -2.65 -20.74 -22.34
C GLU A 38 -1.57 -19.71 -22.03
N PHE A 39 -1.78 -18.89 -21.01
CA PHE A 39 -0.88 -17.84 -20.61
C PHE A 39 -0.87 -17.69 -19.09
N THR A 40 0.00 -16.81 -18.58
CA THR A 40 0.10 -16.51 -17.16
C THR A 40 0.39 -15.02 -16.97
N VAL A 41 0.16 -14.51 -15.76
CA VAL A 41 0.38 -13.10 -15.45
C VAL A 41 1.87 -12.79 -15.29
N GLN A 42 2.68 -13.85 -15.17
CA GLN A 42 4.12 -13.80 -14.94
C GLN A 42 4.58 -12.75 -13.93
N SER A 43 3.67 -12.24 -13.08
CA SER A 43 3.97 -11.24 -12.08
C SER A 43 2.88 -11.25 -11.01
N THR A 44 3.07 -10.51 -9.93
CA THR A 44 2.14 -10.46 -8.81
C THR A 44 2.12 -9.04 -8.23
N THR A 45 0.97 -8.63 -7.67
CA THR A 45 0.80 -7.28 -7.14
C THR A 45 -0.07 -7.32 -5.89
N GLY A 46 0.00 -8.43 -5.14
CA GLY A 46 -0.81 -8.63 -3.96
C GLY A 46 -0.03 -8.32 -2.68
N HIS A 47 0.94 -7.40 -2.75
CA HIS A 47 1.78 -7.07 -1.61
C HIS A 47 1.39 -5.68 -1.10
N CYS A 48 1.34 -5.48 0.22
CA CYS A 48 0.88 -4.22 0.78
C CYS A 48 1.74 -3.76 1.95
N VAL A 49 1.57 -2.50 2.36
CA VAL A 49 2.30 -1.87 3.45
C VAL A 49 1.40 -0.81 4.09
N HIS A 50 1.57 -0.58 5.40
CA HIS A 50 0.80 0.44 6.12
C HIS A 50 1.43 1.81 5.95
N MET A 51 0.69 2.88 6.29
CA MET A 51 1.19 4.24 6.26
C MET A 51 0.42 5.11 7.27
N ARG A 52 1.17 5.80 8.14
CA ARG A 52 0.61 6.69 9.15
C ARG A 52 1.60 7.83 9.40
N GLY A 53 1.12 8.93 9.98
CA GLY A 53 1.98 10.06 10.32
C GLY A 53 1.59 11.36 9.63
N LEU A 54 0.76 11.31 8.57
CA LEU A 54 0.39 12.51 7.85
C LEU A 54 -0.16 13.55 8.84
N PRO A 55 0.10 14.85 8.59
CA PRO A 55 -0.42 15.98 9.37
C PRO A 55 -1.94 16.07 9.48
N TYR A 56 -2.68 14.99 9.21
CA TYR A 56 -4.13 14.99 9.13
C TYR A 56 -4.66 16.06 8.15
N LYS A 57 -3.75 16.59 7.31
CA LYS A 57 -4.04 17.66 6.36
C LYS A 57 -3.26 17.43 5.06
N ALA A 58 -2.90 16.18 4.78
CA ALA A 58 -2.12 15.80 3.61
C ALA A 58 -2.73 14.56 2.96
N THR A 59 -2.20 14.14 1.81
CA THR A 59 -2.77 13.03 1.04
C THR A 59 -1.71 12.20 0.34
N GLU A 60 -2.19 11.16 -0.34
CA GLU A 60 -1.37 10.26 -1.13
C GLU A 60 -0.45 11.00 -2.10
N ASN A 61 -0.83 12.20 -2.54
CA ASN A 61 -0.02 13.00 -3.45
C ASN A 61 1.39 13.25 -2.90
N ASP A 62 1.63 12.97 -1.61
CA ASP A 62 2.95 13.06 -1.03
C ASP A 62 3.43 11.71 -0.48
N ILE A 63 2.50 10.78 -0.25
CA ILE A 63 2.87 9.43 0.20
C ILE A 63 3.76 8.73 -0.82
N TYR A 64 3.32 8.63 -2.08
CA TYR A 64 4.11 7.92 -3.08
C TYR A 64 5.19 8.83 -3.66
N ASN A 65 5.33 10.03 -3.09
CA ASN A 65 6.31 11.01 -3.56
C ASN A 65 7.47 11.16 -2.58
N PHE A 66 7.38 10.53 -1.39
CA PHE A 66 8.50 10.47 -0.46
C PHE A 66 8.96 9.03 -0.26
N PHE A 67 8.12 8.07 -0.68
CA PHE A 67 8.38 6.65 -0.47
C PHE A 67 9.68 6.21 -1.16
N SER A 68 9.72 6.28 -2.49
CA SER A 68 10.82 5.82 -3.32
C SER A 68 10.64 6.35 -4.75
N PRO A 69 11.68 6.26 -5.59
CA PRO A 69 11.61 6.66 -6.99
C PRO A 69 10.75 5.71 -7.83
N LEU A 70 10.20 4.65 -7.21
CA LEU A 70 9.29 3.72 -7.85
C LEU A 70 8.13 4.44 -8.55
N ASN A 71 7.59 3.76 -9.56
CA ASN A 71 6.45 4.21 -10.34
C ASN A 71 5.18 4.07 -9.50
N PRO A 72 4.15 4.87 -9.80
CA PRO A 72 2.97 5.00 -8.98
C PRO A 72 2.07 3.76 -9.06
N VAL A 73 2.06 3.00 -7.97
CA VAL A 73 1.26 1.79 -7.79
C VAL A 73 0.91 1.61 -6.31
N ARG A 74 1.14 2.65 -5.50
CA ARG A 74 1.21 2.50 -4.05
C ARG A 74 0.43 3.57 -3.29
N VAL A 75 -0.86 3.77 -3.61
CA VAL A 75 -1.67 4.71 -2.84
C VAL A 75 -3.09 4.18 -2.60
N HIS A 76 -3.54 4.33 -1.35
CA HIS A 76 -4.92 4.07 -0.93
C HIS A 76 -5.12 4.74 0.42
N ILE A 77 -6.37 5.05 0.78
CA ILE A 77 -6.66 5.75 2.03
C ILE A 77 -7.95 5.24 2.65
N GLU A 78 -8.03 5.36 3.98
CA GLU A 78 -9.14 4.88 4.77
C GLU A 78 -9.39 5.86 5.92
N ILE A 79 -9.95 7.01 5.54
CA ILE A 79 -10.18 8.15 6.43
C ILE A 79 -11.61 8.67 6.23
N GLY A 80 -12.14 9.37 7.24
CA GLY A 80 -13.48 9.90 7.24
C GLY A 80 -13.63 11.14 6.37
N PRO A 81 -14.87 11.61 6.24
CA PRO A 81 -15.24 12.80 5.48
C PRO A 81 -14.83 14.06 6.25
N ASP A 82 -14.05 13.89 7.32
CA ASP A 82 -13.61 14.99 8.17
C ASP A 82 -12.10 14.96 8.39
N GLY A 83 -11.47 13.86 7.97
CA GLY A 83 -10.04 13.59 8.08
C GLY A 83 -9.44 13.74 9.47
N ARG A 84 -10.27 13.87 10.51
CA ARG A 84 -9.79 13.82 11.89
C ARG A 84 -9.35 12.40 12.22
N VAL A 85 -8.77 12.20 13.40
CA VAL A 85 -8.29 10.91 13.84
C VAL A 85 -9.44 9.91 13.94
N THR A 86 -9.59 9.08 12.90
CA THR A 86 -10.63 8.06 12.85
C THR A 86 -10.24 6.92 11.92
N GLY A 87 -9.00 6.94 11.40
CA GLY A 87 -8.54 5.96 10.43
C GLY A 87 -7.07 6.15 10.09
N GLU A 88 -6.65 5.55 8.97
CA GLU A 88 -5.26 5.57 8.54
C GLU A 88 -5.18 5.43 7.02
N ALA A 89 -3.97 5.20 6.48
CA ALA A 89 -3.77 5.01 5.06
C ALA A 89 -2.90 3.77 4.84
N ASP A 90 -2.89 3.27 3.60
CA ASP A 90 -2.09 2.11 3.26
C ASP A 90 -1.72 2.14 1.78
N VAL A 91 -0.83 1.24 1.37
CA VAL A 91 -0.35 1.21 0.00
C VAL A 91 -0.19 -0.23 -0.50
N GLU A 92 0.20 -0.37 -1.77
CA GLU A 92 0.32 -1.66 -2.44
C GLU A 92 1.60 -1.67 -3.28
N PHE A 93 2.11 -2.86 -3.59
CA PHE A 93 3.35 -3.00 -4.34
C PHE A 93 3.34 -4.25 -5.21
N ALA A 94 4.20 -4.22 -6.24
CA ALA A 94 4.44 -5.32 -7.15
C ALA A 94 5.54 -6.22 -6.57
N THR A 95 5.13 -7.37 -6.05
CA THR A 95 5.99 -8.36 -5.40
C THR A 95 6.67 -7.80 -4.16
N HIS A 96 7.30 -8.69 -3.39
CA HIS A 96 8.02 -8.29 -2.18
C HIS A 96 9.27 -7.50 -2.54
N GLU A 97 9.76 -7.64 -3.78
CA GLU A 97 10.98 -6.98 -4.21
C GLU A 97 10.80 -5.47 -4.34
N GLU A 98 9.64 -5.04 -4.86
CA GLU A 98 9.34 -3.61 -4.90
C GLU A 98 8.96 -3.13 -3.49
N ALA A 99 8.37 -4.02 -2.68
CA ALA A 99 7.98 -3.66 -1.33
C ALA A 99 9.21 -3.35 -0.47
N VAL A 100 10.29 -4.14 -0.59
CA VAL A 100 11.50 -3.86 0.17
C VAL A 100 12.26 -2.70 -0.47
N ALA A 101 12.01 -2.42 -1.75
CA ALA A 101 12.59 -1.26 -2.41
C ALA A 101 11.91 0.02 -1.92
N ALA A 102 10.85 -0.13 -1.12
CA ALA A 102 10.18 0.98 -0.46
C ALA A 102 10.34 0.91 1.06
N MET A 103 10.90 -0.19 1.57
CA MET A 103 11.24 -0.35 2.98
C MET A 103 12.53 0.43 3.28
N SER A 104 12.51 1.75 3.11
CA SER A 104 13.67 2.60 3.33
C SER A 104 13.30 3.91 4.02
N LYS A 105 12.10 3.96 4.61
CA LYS A 105 11.56 5.15 5.27
C LYS A 105 10.87 4.78 6.58
N ASP A 106 11.24 3.62 7.15
CA ASP A 106 10.65 3.01 8.35
C ASP A 106 9.87 3.98 9.22
N ARG A 107 10.52 5.06 9.68
CA ARG A 107 9.83 6.10 10.43
C ARG A 107 10.49 7.46 10.20
N ALA A 108 10.79 7.72 8.91
CA ALA A 108 11.41 8.95 8.42
C ALA A 108 10.49 10.18 8.58
N ASN A 109 10.74 11.23 7.78
CA ASN A 109 9.98 12.48 7.86
C ASN A 109 9.57 12.93 6.44
N MET A 110 8.75 13.97 6.35
CA MET A 110 8.20 14.42 5.07
C MET A 110 8.05 15.95 4.99
N GLN A 111 7.75 16.63 6.10
CA GLN A 111 7.63 18.09 6.07
C GLN A 111 7.77 18.71 7.45
N HIS A 112 6.90 18.34 8.39
CA HIS A 112 6.90 18.95 9.71
C HIS A 112 6.32 18.03 10.78
N ARG A 113 6.05 16.77 10.40
CA ARG A 113 5.46 15.75 11.24
C ARG A 113 6.01 14.43 10.72
N TYR A 114 6.62 13.60 11.57
CA TYR A 114 7.29 12.42 11.08
C TYR A 114 6.31 11.44 10.44
N ILE A 115 6.81 10.48 9.67
CA ILE A 115 5.95 9.56 8.93
C ILE A 115 6.46 8.16 9.09
N GLU A 116 5.57 7.17 9.00
CA GLU A 116 5.92 5.78 9.22
C GLU A 116 5.14 4.87 8.29
N LEU A 117 5.76 3.76 7.90
CA LEU A 117 5.15 2.75 7.04
C LEU A 117 5.68 1.38 7.46
N PHE A 118 4.81 0.36 7.48
CA PHE A 118 5.14 -0.91 8.12
C PHE A 118 4.76 -2.07 7.20
N LEU A 119 5.77 -2.88 6.83
CA LEU A 119 5.65 -3.94 5.84
C LEU A 119 4.52 -4.92 6.18
N ASN A 120 3.76 -5.33 5.16
CA ASN A 120 2.63 -6.23 5.32
C ASN A 120 2.43 -7.04 4.02
N SER A 121 3.44 -7.82 3.63
CA SER A 121 3.32 -8.63 2.44
C SER A 121 4.22 -9.86 2.41
N THR A 122 5.38 -9.79 3.08
CA THR A 122 6.43 -10.81 3.04
C THR A 122 6.63 -11.38 1.62
N THR A 123 7.25 -12.55 1.51
CA THR A 123 7.62 -13.16 0.23
C THR A 123 7.04 -14.57 0.10
N GLY A 124 6.09 -14.91 0.98
CA GLY A 124 5.45 -16.22 1.02
C GLY A 124 3.94 -16.10 1.03
N ALA A 125 3.41 -14.95 0.58
CA ALA A 125 1.98 -14.69 0.54
C ALA A 125 1.62 -13.84 -0.67
N SER A 126 0.32 -13.73 -0.97
CA SER A 126 -0.18 -12.98 -2.10
C SER A 126 -1.65 -12.61 -1.86
N ASN A 127 -2.29 -12.00 -2.87
CA ASN A 127 -3.68 -11.58 -2.79
C ASN A 127 -4.36 -11.75 -4.15
N GLY A 128 -3.89 -12.73 -4.92
CA GLY A 128 -4.39 -12.97 -6.27
C GLY A 128 -5.08 -14.33 -6.40
N ALA A 129 -5.57 -14.63 -7.60
CA ALA A 129 -6.31 -15.84 -7.91
C ALA A 129 -6.13 -16.21 -9.37
N TYR A 130 -4.95 -15.91 -9.92
CA TYR A 130 -4.67 -16.00 -11.35
C TYR A 130 -3.40 -16.81 -11.64
N SER A 131 -2.90 -17.56 -10.65
CA SER A 131 -1.75 -18.44 -10.78
C SER A 131 -0.70 -17.93 -11.77
N SER A 132 -0.01 -16.85 -11.39
CA SER A 132 1.00 -16.21 -12.23
C SER A 132 2.17 -17.13 -12.57
N GLN A 133 2.20 -18.35 -12.01
CA GLN A 133 3.24 -19.34 -12.29
C GLN A 133 2.64 -20.74 -12.22
N VAL A 134 3.14 -21.63 -13.08
CA VAL A 134 2.63 -23.00 -13.18
C VAL A 134 3.70 -23.94 -13.76
N MET A 135 4.96 -23.46 -13.80
CA MET A 135 6.09 -24.18 -14.37
C MET A 135 7.22 -24.32 -13.37
N GLN A 136 6.91 -24.15 -12.07
CA GLN A 136 7.89 -24.26 -11.00
C GLN A 136 7.30 -25.04 -9.81
N GLY A 137 6.17 -25.73 -10.03
CA GLY A 137 5.52 -26.51 -8.99
C GLY A 137 4.36 -27.36 -9.53
N MET A 138 4.10 -27.28 -10.84
CA MET A 138 3.03 -28.04 -11.49
C MET A 138 3.44 -28.51 -12.88
N GLY A 139 4.72 -28.33 -13.24
CA GLY A 139 5.25 -28.70 -14.54
C GLY A 139 6.72 -28.32 -14.67
N GLY A 35 -12.94 -37.92 -4.13
CA GLY A 35 -13.53 -36.70 -4.69
C GLY A 35 -12.63 -35.49 -4.44
N ASP A 36 -12.73 -34.48 -5.30
CA ASP A 36 -11.93 -33.26 -5.20
C ASP A 36 -12.68 -32.09 -5.82
N SER A 37 -12.20 -30.86 -5.59
CA SER A 37 -12.85 -29.65 -6.06
C SER A 37 -11.80 -28.58 -6.40
N GLU A 38 -12.27 -27.41 -6.83
CA GLU A 38 -11.42 -26.28 -7.20
C GLU A 38 -12.08 -24.99 -6.73
N PHE A 39 -11.33 -23.89 -6.74
CA PHE A 39 -11.79 -22.61 -6.24
C PHE A 39 -11.27 -21.46 -7.10
N THR A 40 -11.65 -20.24 -6.73
CA THR A 40 -11.24 -19.02 -7.42
C THR A 40 -10.93 -17.93 -6.39
N VAL A 41 -10.38 -16.80 -6.85
CA VAL A 41 -9.98 -15.72 -5.97
C VAL A 41 -10.29 -14.38 -6.62
N GLN A 42 -10.45 -13.33 -5.80
CA GLN A 42 -10.76 -11.99 -6.25
C GLN A 42 -10.10 -10.93 -5.36
N SER A 43 -9.18 -11.35 -4.48
CA SER A 43 -8.51 -10.49 -3.53
C SER A 43 -7.08 -10.96 -3.32
N THR A 44 -6.30 -10.19 -2.55
CA THR A 44 -4.90 -10.48 -2.27
C THR A 44 -4.09 -10.68 -3.56
N THR A 45 -4.58 -10.11 -4.67
CA THR A 45 -3.94 -10.19 -5.98
C THR A 45 -2.73 -9.26 -6.06
N GLY A 46 -2.19 -8.86 -4.92
CA GLY A 46 -1.12 -7.89 -4.84
C GLY A 46 -0.43 -7.92 -3.49
N HIS A 47 0.45 -6.94 -3.23
CA HIS A 47 1.18 -6.82 -1.99
C HIS A 47 0.98 -5.41 -1.44
N CYS A 48 0.97 -5.24 -0.11
CA CYS A 48 0.59 -3.94 0.46
C CYS A 48 1.49 -3.51 1.61
N VAL A 49 1.30 -2.24 2.00
CA VAL A 49 1.95 -1.59 3.14
C VAL A 49 0.98 -0.53 3.63
N HIS A 50 1.13 -0.07 4.88
CA HIS A 50 0.26 0.97 5.44
C HIS A 50 1.11 2.15 5.88
N MET A 51 0.50 3.35 5.95
CA MET A 51 1.24 4.57 6.25
C MET A 51 0.33 5.59 6.93
N ARG A 52 0.90 6.38 7.84
CA ARG A 52 0.18 7.39 8.61
C ARG A 52 1.12 8.55 8.93
N GLY A 53 0.61 9.55 9.65
CA GLY A 53 1.35 10.75 10.00
C GLY A 53 0.85 11.96 9.23
N LEU A 54 0.19 11.73 8.09
CA LEU A 54 -0.31 12.80 7.25
C LEU A 54 -1.70 13.33 7.67
N PRO A 55 -2.71 12.45 7.80
CA PRO A 55 -4.17 12.66 7.68
C PRO A 55 -4.88 14.00 7.98
N TYR A 56 -4.21 15.11 8.30
CA TYR A 56 -4.89 16.39 8.47
C TYR A 56 -4.18 17.54 7.75
N LYS A 57 -3.08 17.26 7.04
CA LYS A 57 -2.32 18.32 6.38
C LYS A 57 -1.62 17.86 5.09
N ALA A 58 -1.74 16.59 4.72
CA ALA A 58 -1.07 16.06 3.54
C ALA A 58 -1.77 14.82 3.00
N THR A 59 -1.34 14.34 1.83
CA THR A 59 -1.96 13.22 1.14
C THR A 59 -0.96 12.41 0.33
N GLU A 60 -1.49 11.41 -0.38
CA GLU A 60 -0.72 10.53 -1.23
C GLU A 60 0.15 11.28 -2.23
N ASN A 61 -0.21 12.53 -2.59
CA ASN A 61 0.57 13.31 -3.53
C ASN A 61 1.99 13.56 -3.05
N ASP A 62 2.30 13.15 -1.82
CA ASP A 62 3.64 13.25 -1.27
C ASP A 62 4.13 11.88 -0.76
N ILE A 63 3.19 10.95 -0.55
CA ILE A 63 3.53 9.58 -0.16
C ILE A 63 4.44 8.93 -1.19
N TYR A 64 3.96 8.76 -2.43
CA TYR A 64 4.76 8.08 -3.44
C TYR A 64 5.83 9.03 -3.99
N ASN A 65 6.05 10.15 -3.30
CA ASN A 65 7.06 11.11 -3.65
C ASN A 65 8.12 11.19 -2.54
N PHE A 66 7.94 10.45 -1.43
CA PHE A 66 8.96 10.35 -0.39
C PHE A 66 9.33 8.90 -0.09
N PHE A 67 8.50 7.94 -0.51
CA PHE A 67 8.72 6.54 -0.20
C PHE A 67 9.93 5.97 -0.93
N SER A 68 10.03 6.24 -2.24
CA SER A 68 11.02 5.64 -3.14
C SER A 68 10.86 6.23 -4.54
N PRO A 69 11.80 5.96 -5.45
CA PRO A 69 11.71 6.35 -6.86
C PRO A 69 10.77 5.43 -7.66
N LEU A 70 10.13 4.46 -7.00
CA LEU A 70 9.18 3.53 -7.59
C LEU A 70 8.06 4.20 -8.39
N ASN A 71 7.35 3.37 -9.14
CA ASN A 71 6.20 3.74 -9.95
C ASN A 71 5.00 4.06 -9.07
N PRO A 72 3.99 4.76 -9.60
CA PRO A 72 2.85 5.28 -8.84
C PRO A 72 1.81 4.20 -8.52
N VAL A 73 2.18 2.93 -8.71
CA VAL A 73 1.36 1.76 -8.37
C VAL A 73 1.10 1.65 -6.86
N ARG A 74 1.33 2.73 -6.09
CA ARG A 74 1.48 2.64 -4.65
C ARG A 74 0.83 3.79 -3.87
N VAL A 75 -0.42 4.13 -4.18
CA VAL A 75 -1.15 5.09 -3.36
C VAL A 75 -2.62 4.70 -3.16
N HIS A 76 -3.12 5.04 -1.97
CA HIS A 76 -4.51 4.90 -1.58
C HIS A 76 -4.71 5.67 -0.26
N ILE A 77 -5.96 5.95 0.10
CA ILE A 77 -6.29 6.68 1.32
C ILE A 77 -7.55 6.08 1.92
N GLU A 78 -7.70 6.15 3.25
CA GLU A 78 -8.86 5.59 3.93
C GLU A 78 -9.12 6.35 5.23
N ILE A 79 -10.39 6.45 5.62
CA ILE A 79 -10.78 7.18 6.80
C ILE A 79 -10.26 6.46 8.05
N GLY A 80 -10.14 7.20 9.16
CA GLY A 80 -9.64 6.67 10.42
C GLY A 80 -10.72 5.94 11.20
N PRO A 81 -10.47 5.71 12.50
CA PRO A 81 -11.44 5.18 13.43
C PRO A 81 -12.51 6.23 13.69
N ASP A 82 -12.38 7.37 13.01
CA ASP A 82 -13.31 8.48 13.02
C ASP A 82 -13.17 9.21 11.69
N GLY A 83 -14.21 9.94 11.30
CA GLY A 83 -14.25 10.58 10.00
C GLY A 83 -14.29 12.10 10.11
N ARG A 84 -13.60 12.66 11.11
CA ARG A 84 -13.52 14.09 11.31
C ARG A 84 -12.98 14.77 10.05
N VAL A 85 -12.01 14.12 9.40
CA VAL A 85 -11.49 14.51 8.09
C VAL A 85 -10.99 13.23 7.42
N THR A 86 -9.97 12.61 8.03
CA THR A 86 -9.39 11.34 7.63
C THR A 86 -8.61 10.81 8.83
N GLY A 87 -7.94 9.66 8.72
CA GLY A 87 -7.13 9.16 9.82
C GLY A 87 -6.14 8.08 9.42
N GLU A 88 -6.10 7.66 8.15
CA GLU A 88 -5.16 6.65 7.71
C GLU A 88 -4.86 6.78 6.21
N ALA A 89 -3.84 6.06 5.75
CA ALA A 89 -3.46 5.96 4.35
C ALA A 89 -2.81 4.60 4.15
N ASP A 90 -2.75 4.14 2.90
CA ASP A 90 -2.10 2.88 2.60
C ASP A 90 -1.60 2.85 1.17
N VAL A 91 -0.77 1.87 0.85
CA VAL A 91 -0.18 1.76 -0.47
C VAL A 91 -0.12 0.30 -0.90
N GLU A 92 0.26 0.07 -2.16
CA GLU A 92 0.35 -1.25 -2.75
C GLU A 92 1.65 -1.35 -3.54
N PHE A 93 2.08 -2.58 -3.87
CA PHE A 93 3.31 -2.78 -4.59
C PHE A 93 3.24 -4.04 -5.46
N ALA A 94 4.04 -4.04 -6.52
CA ALA A 94 4.21 -5.21 -7.36
C ALA A 94 5.19 -6.14 -6.66
N THR A 95 4.66 -7.24 -6.11
CA THR A 95 5.38 -8.26 -5.36
C THR A 95 6.02 -7.69 -4.09
N HIS A 96 6.49 -8.60 -3.23
CA HIS A 96 7.14 -8.22 -2.00
C HIS A 96 8.47 -7.52 -2.27
N GLU A 97 9.00 -7.66 -3.49
CA GLU A 97 10.28 -7.08 -3.86
C GLU A 97 10.20 -5.57 -3.95
N GLU A 98 9.13 -5.03 -4.53
CA GLU A 98 8.95 -3.58 -4.50
C GLU A 98 8.47 -3.15 -3.12
N ALA A 99 7.82 -4.06 -2.38
CA ALA A 99 7.35 -3.71 -1.04
C ALA A 99 8.53 -3.47 -0.09
N VAL A 100 9.57 -4.31 -0.15
CA VAL A 100 10.75 -4.11 0.69
C VAL A 100 11.62 -3.00 0.14
N ALA A 101 11.51 -2.68 -1.16
CA ALA A 101 12.26 -1.59 -1.75
C ALA A 101 11.74 -0.25 -1.21
N ALA A 102 10.50 -0.25 -0.69
CA ALA A 102 9.91 0.94 -0.09
C ALA A 102 9.94 0.86 1.44
N MET A 103 10.22 -0.33 1.99
CA MET A 103 10.31 -0.56 3.43
C MET A 103 11.66 -0.05 3.95
N SER A 104 11.96 1.23 3.71
CA SER A 104 13.23 1.83 4.07
C SER A 104 13.04 3.26 4.60
N LYS A 105 11.89 3.51 5.22
CA LYS A 105 11.52 4.84 5.74
C LYS A 105 10.97 4.73 7.17
N ASP A 106 11.43 3.72 7.92
CA ASP A 106 11.05 3.51 9.31
C ASP A 106 11.03 4.83 10.08
N ARG A 107 9.82 5.24 10.48
CA ARG A 107 9.53 6.48 11.19
C ARG A 107 10.38 7.67 10.74
N ALA A 108 10.63 7.75 9.43
CA ALA A 108 11.40 8.81 8.79
C ALA A 108 10.65 10.15 8.76
N ASN A 109 11.08 11.06 7.89
CA ASN A 109 10.52 12.39 7.73
C ASN A 109 10.20 12.62 6.25
N MET A 110 9.36 13.63 5.97
CA MET A 110 8.88 13.93 4.63
C MET A 110 8.96 15.43 4.33
N GLN A 111 8.91 16.27 5.37
CA GLN A 111 8.96 17.71 5.20
C GLN A 111 9.40 18.43 6.47
N HIS A 112 8.77 18.09 7.61
CA HIS A 112 9.05 18.78 8.85
C HIS A 112 8.53 18.01 10.07
N ARG A 113 8.13 16.75 9.90
CA ARG A 113 7.48 15.99 10.96
C ARG A 113 7.76 14.50 10.84
N TYR A 114 7.57 13.78 11.94
CA TYR A 114 7.62 12.34 11.98
C TYR A 114 6.55 11.80 11.03
N ILE A 115 6.88 10.81 10.21
CA ILE A 115 5.93 10.13 9.33
C ILE A 115 6.24 8.64 9.47
N GLU A 116 5.24 7.78 9.24
CA GLU A 116 5.44 6.37 9.49
C GLU A 116 4.71 5.48 8.50
N LEU A 117 5.17 4.23 8.45
CA LEU A 117 4.62 3.18 7.61
C LEU A 117 5.10 1.83 8.15
N PHE A 118 4.39 0.75 7.83
CA PHE A 118 4.80 -0.57 8.30
C PHE A 118 4.28 -1.64 7.34
N LEU A 119 5.07 -2.70 7.15
CA LEU A 119 4.82 -3.74 6.15
C LEU A 119 3.43 -4.38 6.28
N ASN A 120 2.88 -4.82 5.15
CA ASN A 120 1.60 -5.49 5.06
C ASN A 120 1.62 -6.47 3.88
N SER A 121 2.73 -7.22 3.74
CA SER A 121 2.88 -8.24 2.73
C SER A 121 3.97 -9.22 3.11
N THR A 122 4.16 -10.25 2.27
CA THR A 122 5.21 -11.23 2.43
C THR A 122 5.63 -11.73 1.04
N THR A 123 6.80 -12.36 0.94
CA THR A 123 7.30 -12.87 -0.33
C THR A 123 6.27 -13.78 -0.99
N GLY A 124 6.06 -13.57 -2.30
CA GLY A 124 5.04 -14.27 -3.06
C GLY A 124 4.89 -13.57 -4.41
N ALA A 125 3.76 -13.80 -5.08
CA ALA A 125 3.49 -13.18 -6.38
C ALA A 125 2.01 -12.85 -6.52
N SER A 126 1.72 -11.88 -7.40
CA SER A 126 0.37 -11.40 -7.66
C SER A 126 -0.53 -12.46 -8.30
N ASN A 127 -0.04 -13.69 -8.46
CA ASN A 127 -0.78 -14.78 -9.06
C ASN A 127 -0.46 -16.10 -8.34
N GLY A 128 0.05 -16.02 -7.12
CA GLY A 128 0.41 -17.20 -6.34
C GLY A 128 0.33 -16.96 -4.83
N ALA A 129 0.01 -15.74 -4.41
CA ALA A 129 -0.13 -15.39 -3.01
C ALA A 129 -1.43 -15.94 -2.41
N TYR A 130 -2.23 -16.66 -3.21
CA TYR A 130 -3.51 -17.18 -2.74
C TYR A 130 -3.92 -18.44 -3.51
N SER A 131 -5.11 -18.95 -3.21
CA SER A 131 -5.71 -20.13 -3.82
C SER A 131 -6.04 -19.95 -5.30
N SER A 132 -5.38 -19.01 -5.99
CA SER A 132 -5.61 -18.73 -7.40
C SER A 132 -5.42 -19.98 -8.26
N GLN A 133 -5.95 -19.94 -9.49
CA GLN A 133 -5.92 -21.07 -10.41
C GLN A 133 -5.90 -20.57 -11.86
N VAL A 134 -5.50 -21.43 -12.79
CA VAL A 134 -5.45 -21.11 -14.21
C VAL A 134 -6.84 -20.81 -14.78
N MET A 135 -7.86 -20.94 -13.93
CA MET A 135 -9.25 -20.70 -14.27
C MET A 135 -9.54 -19.21 -14.41
N GLN A 136 -8.56 -18.34 -14.13
CA GLN A 136 -8.75 -16.90 -14.15
C GLN A 136 -7.58 -16.17 -14.81
N GLY A 137 -6.59 -16.90 -15.33
CA GLY A 137 -5.43 -16.28 -15.95
C GLY A 137 -4.36 -17.31 -16.27
N MET A 138 -3.23 -16.84 -16.82
CA MET A 138 -2.10 -17.70 -17.16
C MET A 138 -1.50 -18.34 -15.90
N GLY A 139 -0.66 -19.36 -16.10
CA GLY A 139 -0.02 -20.09 -15.01
C GLY A 139 0.94 -21.13 -15.55
N GLY A 35 -14.80 -30.91 -9.05
CA GLY A 35 -14.78 -29.78 -9.99
C GLY A 35 -16.18 -29.49 -10.53
N ASP A 36 -16.70 -28.29 -10.25
CA ASP A 36 -18.04 -27.90 -10.66
C ASP A 36 -18.09 -26.43 -11.06
N SER A 37 -16.92 -25.77 -11.12
CA SER A 37 -16.83 -24.35 -11.45
C SER A 37 -15.54 -24.08 -12.21
N GLU A 38 -15.42 -22.87 -12.79
CA GLU A 38 -14.25 -22.48 -13.57
C GLU A 38 -13.99 -20.98 -13.49
N PHE A 39 -14.65 -20.32 -12.52
CA PHE A 39 -14.58 -18.88 -12.38
C PHE A 39 -14.65 -18.43 -10.92
N THR A 40 -14.47 -19.37 -9.99
CA THR A 40 -14.50 -19.11 -8.55
C THR A 40 -13.31 -18.28 -8.08
N VAL A 41 -12.45 -17.88 -9.03
CA VAL A 41 -11.23 -17.15 -8.73
C VAL A 41 -10.94 -16.12 -9.83
N GLN A 42 -10.31 -15.02 -9.42
CA GLN A 42 -9.91 -13.92 -10.29
C GLN A 42 -8.59 -13.35 -9.79
N SER A 43 -8.03 -12.38 -10.52
CA SER A 43 -6.74 -11.77 -10.15
C SER A 43 -6.79 -11.18 -8.74
N THR A 44 -5.68 -11.31 -8.02
CA THR A 44 -5.56 -10.80 -6.65
C THR A 44 -4.09 -10.57 -6.28
N THR A 45 -3.17 -10.75 -7.23
CA THR A 45 -1.74 -10.58 -7.01
C THR A 45 -1.43 -9.14 -6.62
N GLY A 46 -1.20 -8.92 -5.33
CA GLY A 46 -0.76 -7.61 -4.84
C GLY A 46 -0.07 -7.74 -3.48
N HIS A 47 0.63 -6.69 -3.07
CA HIS A 47 1.36 -6.67 -1.80
C HIS A 47 1.17 -5.28 -1.19
N CYS A 48 1.10 -5.16 0.14
CA CYS A 48 0.72 -3.88 0.72
C CYS A 48 1.48 -3.53 2.00
N VAL A 49 1.29 -2.28 2.43
CA VAL A 49 1.92 -1.68 3.60
C VAL A 49 1.02 -0.55 4.08
N HIS A 50 0.97 -0.32 5.39
CA HIS A 50 0.15 0.76 5.95
C HIS A 50 0.99 2.02 6.13
N MET A 51 0.34 3.18 6.25
CA MET A 51 1.04 4.45 6.46
C MET A 51 0.12 5.44 7.15
N ARG A 52 0.66 6.22 8.10
CA ARG A 52 -0.12 7.19 8.86
C ARG A 52 0.76 8.38 9.25
N GLY A 53 0.18 9.31 10.01
CA GLY A 53 0.86 10.56 10.38
C GLY A 53 0.80 11.59 9.26
N LEU A 54 0.13 11.27 8.15
CA LEU A 54 0.15 12.11 6.96
C LEU A 54 -1.15 12.92 6.77
N PRO A 55 -2.33 12.30 6.56
CA PRO A 55 -3.48 12.90 5.90
C PRO A 55 -3.98 14.30 6.28
N TYR A 56 -3.49 14.93 7.36
CA TYR A 56 -4.01 16.25 7.74
C TYR A 56 -3.31 17.40 7.01
N LYS A 57 -2.23 17.13 6.26
CA LYS A 57 -1.47 18.21 5.63
C LYS A 57 -1.02 17.87 4.21
N ALA A 58 -1.26 16.64 3.76
CA ALA A 58 -0.89 16.21 2.43
C ALA A 58 -1.75 15.02 2.01
N THR A 59 -1.49 14.48 0.82
CA THR A 59 -2.27 13.37 0.28
C THR A 59 -1.39 12.42 -0.53
N GLU A 60 -2.03 11.38 -1.05
CA GLU A 60 -1.40 10.35 -1.86
C GLU A 60 -0.48 10.92 -2.93
N ASN A 61 -0.81 12.11 -3.47
CA ASN A 61 -0.04 12.75 -4.51
C ASN A 61 1.41 13.01 -4.12
N ASP A 62 1.74 12.85 -2.83
CA ASP A 62 3.12 12.98 -2.37
C ASP A 62 3.57 11.78 -1.56
N ILE A 63 2.63 10.92 -1.18
CA ILE A 63 2.97 9.68 -0.49
C ILE A 63 3.80 8.78 -1.39
N TYR A 64 3.35 8.57 -2.63
CA TYR A 64 4.10 7.72 -3.55
C TYR A 64 5.37 8.43 -4.01
N ASN A 65 5.65 9.61 -3.43
CA ASN A 65 6.83 10.39 -3.74
C ASN A 65 7.68 10.65 -2.50
N PHE A 66 7.26 10.15 -1.33
CA PHE A 66 8.04 10.24 -0.11
C PHE A 66 8.69 8.91 0.23
N PHE A 67 8.09 7.80 -0.22
CA PHE A 67 8.58 6.47 0.08
C PHE A 67 9.97 6.25 -0.53
N SER A 68 10.08 6.42 -1.84
CA SER A 68 11.28 6.15 -2.62
C SER A 68 11.01 6.48 -4.09
N PRO A 69 12.02 6.37 -4.97
CA PRO A 69 11.91 6.55 -6.42
C PRO A 69 10.92 5.61 -7.13
N LEU A 70 10.01 5.02 -6.35
CA LEU A 70 9.00 4.06 -6.80
C LEU A 70 7.99 4.67 -7.77
N ASN A 71 6.81 4.04 -7.85
CA ASN A 71 5.78 4.34 -8.82
C ASN A 71 4.44 4.60 -8.12
N PRO A 72 3.50 5.26 -8.78
CA PRO A 72 2.21 5.65 -8.23
C PRO A 72 1.18 4.52 -8.31
N VAL A 73 1.62 3.34 -8.78
CA VAL A 73 0.81 2.14 -8.96
C VAL A 73 0.16 1.62 -7.66
N ARG A 74 0.24 2.36 -6.55
CA ARG A 74 0.05 1.74 -5.25
C ARG A 74 -0.70 2.57 -4.21
N VAL A 75 -0.91 3.87 -4.40
CA VAL A 75 -1.51 4.65 -3.33
C VAL A 75 -2.97 4.29 -3.08
N HIS A 76 -3.39 4.50 -1.83
CA HIS A 76 -4.74 4.30 -1.34
C HIS A 76 -4.90 5.09 -0.04
N ILE A 77 -6.13 5.23 0.46
CA ILE A 77 -6.40 6.01 1.66
C ILE A 77 -7.53 5.35 2.45
N GLU A 78 -7.57 5.61 3.77
CA GLU A 78 -8.54 5.03 4.68
C GLU A 78 -9.10 6.13 5.57
N ILE A 79 -10.38 6.00 5.95
CA ILE A 79 -11.10 7.06 6.64
C ILE A 79 -10.39 7.52 7.91
N GLY A 80 -9.89 6.59 8.73
CA GLY A 80 -9.23 6.94 9.98
C GLY A 80 -9.86 6.25 11.17
N PRO A 81 -9.29 6.49 12.36
CA PRO A 81 -9.83 6.03 13.62
C PRO A 81 -11.05 6.86 14.01
N ASP A 82 -11.45 7.80 13.15
CA ASP A 82 -12.60 8.67 13.40
C ASP A 82 -13.26 9.07 12.08
N GLY A 83 -12.47 9.66 11.20
CA GLY A 83 -12.89 10.00 9.85
C GLY A 83 -12.84 11.49 9.56
N ARG A 84 -12.74 12.32 10.60
CA ARG A 84 -12.63 13.76 10.41
C ARG A 84 -11.43 14.08 9.53
N VAL A 85 -11.64 14.94 8.54
CA VAL A 85 -10.70 15.29 7.48
C VAL A 85 -9.83 14.12 7.00
N THR A 86 -10.32 12.88 7.19
CA THR A 86 -9.58 11.64 7.00
C THR A 86 -8.31 11.59 7.88
N GLY A 87 -7.75 10.39 8.13
CA GLY A 87 -6.64 10.29 9.06
C GLY A 87 -5.72 9.08 8.88
N GLU A 88 -5.97 8.21 7.91
CA GLU A 88 -5.09 7.05 7.69
C GLU A 88 -4.92 6.79 6.20
N ALA A 89 -3.90 6.00 5.84
CA ALA A 89 -3.63 5.65 4.46
C ALA A 89 -2.90 4.31 4.38
N ASP A 90 -2.73 3.82 3.16
CA ASP A 90 -1.99 2.59 2.90
C ASP A 90 -1.55 2.56 1.44
N VAL A 91 -0.68 1.60 1.10
CA VAL A 91 -0.20 1.45 -0.26
C VAL A 91 -0.19 -0.01 -0.65
N GLU A 92 -0.11 -0.27 -1.97
CA GLU A 92 -0.17 -1.61 -2.55
C GLU A 92 0.96 -1.77 -3.58
N PHE A 93 2.17 -1.98 -3.07
CA PHE A 93 3.38 -2.15 -3.86
C PHE A 93 3.24 -3.28 -4.88
N ALA A 94 3.88 -3.10 -6.04
CA ALA A 94 4.00 -4.13 -7.04
C ALA A 94 5.04 -5.14 -6.57
N THR A 95 4.57 -6.28 -6.07
CA THR A 95 5.37 -7.36 -5.50
C THR A 95 6.08 -6.93 -4.23
N HIS A 96 6.57 -7.91 -3.46
CA HIS A 96 7.29 -7.64 -2.23
C HIS A 96 8.61 -6.94 -2.54
N GLU A 97 9.07 -6.98 -3.79
CA GLU A 97 10.32 -6.35 -4.18
C GLU A 97 10.19 -4.83 -4.18
N GLU A 98 9.06 -4.31 -4.67
CA GLU A 98 8.79 -2.88 -4.57
C GLU A 98 8.48 -2.53 -3.12
N ALA A 99 8.01 -3.50 -2.33
CA ALA A 99 7.71 -3.24 -0.92
C ALA A 99 8.97 -3.12 -0.06
N VAL A 100 9.99 -3.96 -0.30
CA VAL A 100 11.24 -3.84 0.44
C VAL A 100 12.07 -2.67 -0.08
N ALA A 101 11.88 -2.29 -1.34
CA ALA A 101 12.53 -1.11 -1.88
C ALA A 101 11.91 0.14 -1.27
N ALA A 102 10.69 0.01 -0.75
CA ALA A 102 9.99 1.08 -0.06
C ALA A 102 10.29 1.07 1.44
N MET A 103 10.83 -0.05 1.95
CA MET A 103 11.15 -0.23 3.37
C MET A 103 12.41 0.55 3.76
N SER A 104 12.42 1.86 3.51
CA SER A 104 13.54 2.73 3.78
C SER A 104 13.08 4.01 4.48
N LYS A 105 11.91 3.97 5.12
CA LYS A 105 11.32 5.11 5.82
C LYS A 105 10.75 4.71 7.18
N ASP A 106 11.20 3.58 7.73
CA ASP A 106 10.80 3.09 9.05
C ASP A 106 10.71 4.24 10.05
N ARG A 107 9.46 4.60 10.40
CA ARG A 107 9.13 5.73 11.26
C ARG A 107 10.03 6.95 11.06
N ALA A 108 10.42 7.21 9.80
CA ALA A 108 11.25 8.32 9.38
C ALA A 108 10.47 9.64 9.41
N ASN A 109 10.85 10.58 8.54
CA ASN A 109 10.21 11.89 8.42
C ASN A 109 9.87 12.18 6.96
N MET A 110 9.24 13.33 6.68
CA MET A 110 8.77 13.63 5.34
C MET A 110 8.76 15.13 5.03
N GLN A 111 8.54 15.98 6.03
CA GLN A 111 8.51 17.42 5.81
C GLN A 111 8.90 18.20 7.06
N HIS A 112 8.30 17.86 8.21
CA HIS A 112 8.59 18.59 9.43
C HIS A 112 8.26 17.78 10.69
N ARG A 113 7.88 16.50 10.51
CA ARG A 113 7.48 15.64 11.61
C ARG A 113 7.75 14.18 11.28
N TYR A 114 7.66 13.33 12.31
CA TYR A 114 7.75 11.89 12.19
C TYR A 114 6.58 11.41 11.33
N ILE A 115 6.81 10.40 10.49
CA ILE A 115 5.81 9.76 9.66
C ILE A 115 6.08 8.27 9.74
N GLU A 116 5.07 7.44 9.50
CA GLU A 116 5.23 6.02 9.75
C GLU A 116 4.55 5.16 8.69
N LEU A 117 5.16 4.01 8.42
CA LEU A 117 4.64 2.99 7.53
C LEU A 117 5.13 1.62 8.00
N PHE A 118 4.29 0.58 7.91
CA PHE A 118 4.58 -0.69 8.56
C PHE A 118 4.22 -1.84 7.60
N LEU A 119 5.19 -2.72 7.34
CA LEU A 119 5.10 -3.76 6.32
C LEU A 119 3.88 -4.67 6.49
N ASN A 120 3.29 -5.10 5.36
CA ASN A 120 2.17 -6.03 5.32
C ASN A 120 2.30 -6.88 4.05
N SER A 121 3.47 -7.52 3.91
CA SER A 121 3.78 -8.42 2.80
C SER A 121 4.90 -9.36 3.24
N THR A 122 5.10 -10.46 2.50
CA THR A 122 6.10 -11.47 2.86
C THR A 122 6.52 -12.30 1.65
N THR A 123 6.36 -11.76 0.44
CA THR A 123 6.63 -12.46 -0.82
C THR A 123 5.99 -13.86 -0.88
N GLY A 124 4.91 -14.05 -0.12
CA GLY A 124 4.22 -15.34 -0.06
C GLY A 124 2.75 -15.16 0.33
N ALA A 125 2.24 -13.92 0.26
CA ALA A 125 0.86 -13.60 0.59
C ALA A 125 0.40 -12.38 -0.21
N SER A 126 -0.91 -12.09 -0.14
CA SER A 126 -1.51 -10.98 -0.86
C SER A 126 -2.77 -10.50 -0.13
N ASN A 127 -3.51 -9.57 -0.74
CA ASN A 127 -4.73 -9.02 -0.18
C ASN A 127 -5.87 -10.06 -0.14
N GLY A 128 -5.58 -11.32 -0.49
CA GLY A 128 -6.58 -12.38 -0.52
C GLY A 128 -5.94 -13.75 -0.72
N ALA A 129 -6.76 -14.71 -1.16
CA ALA A 129 -6.32 -16.07 -1.43
C ALA A 129 -7.07 -16.62 -2.64
N TYR A 130 -6.72 -17.83 -3.09
CA TYR A 130 -7.31 -18.41 -4.28
C TYR A 130 -7.32 -19.94 -4.23
N SER A 131 -8.02 -20.56 -5.19
CA SER A 131 -8.16 -22.00 -5.29
C SER A 131 -8.30 -22.44 -6.75
N SER A 132 -7.85 -21.61 -7.70
CA SER A 132 -7.98 -21.87 -9.13
C SER A 132 -7.25 -23.14 -9.57
N GLN A 133 -6.42 -23.71 -8.70
CA GLN A 133 -5.66 -24.91 -9.00
C GLN A 133 -5.40 -25.67 -7.70
N VAL A 134 -5.21 -27.00 -7.81
CA VAL A 134 -5.02 -27.87 -6.66
C VAL A 134 -4.09 -29.04 -7.01
N MET A 135 -3.28 -28.85 -8.05
CA MET A 135 -2.35 -29.87 -8.54
C MET A 135 -0.99 -29.25 -8.88
N GLN A 136 -0.83 -27.94 -8.69
CA GLN A 136 0.41 -27.24 -8.95
C GLN A 136 1.46 -27.54 -7.88
N GLY A 137 1.06 -28.26 -6.82
CA GLY A 137 1.95 -28.60 -5.72
C GLY A 137 1.17 -29.29 -4.61
N MET A 138 1.88 -29.68 -3.54
CA MET A 138 1.30 -30.36 -2.39
C MET A 138 1.90 -29.84 -1.08
N GLY A 139 2.70 -28.77 -1.16
CA GLY A 139 3.35 -28.19 0.01
C GLY A 139 4.16 -26.95 -0.39
N GLY A 35 -11.47 -16.53 -14.28
CA GLY A 35 -10.35 -15.74 -13.73
C GLY A 35 -10.26 -14.38 -14.40
N ASP A 36 -9.91 -13.35 -13.64
CA ASP A 36 -9.80 -11.99 -14.14
C ASP A 36 -8.75 -11.20 -13.35
N SER A 37 -8.34 -10.04 -13.87
CA SER A 37 -7.30 -9.22 -13.28
C SER A 37 -7.58 -7.73 -13.49
N GLU A 38 -8.81 -7.37 -13.85
CA GLU A 38 -9.17 -5.99 -14.16
C GLU A 38 -10.41 -5.57 -13.37
N PHE A 39 -10.81 -6.41 -12.41
CA PHE A 39 -11.97 -6.19 -11.57
C PHE A 39 -11.79 -6.87 -10.22
N THR A 40 -10.55 -7.25 -9.90
CA THR A 40 -10.17 -7.99 -8.71
C THR A 40 -8.89 -7.42 -8.11
N VAL A 41 -8.42 -8.01 -7.00
CA VAL A 41 -7.20 -7.57 -6.32
C VAL A 41 -6.34 -8.76 -5.94
N GLN A 42 -6.69 -9.94 -6.47
CA GLN A 42 -5.95 -11.18 -6.24
C GLN A 42 -4.59 -11.16 -6.94
N SER A 43 -4.37 -10.18 -7.82
CA SER A 43 -3.10 -10.01 -8.52
C SER A 43 -2.02 -9.53 -7.56
N THR A 44 -0.76 -9.56 -8.00
CA THR A 44 0.38 -9.13 -7.19
C THR A 44 0.45 -7.61 -7.07
N THR A 45 -0.57 -6.89 -7.53
CA THR A 45 -0.69 -5.46 -7.32
C THR A 45 -1.32 -5.21 -5.94
N GLY A 46 -1.20 -6.19 -5.04
CA GLY A 46 -1.90 -6.15 -3.76
C GLY A 46 -0.99 -6.34 -2.55
N HIS A 47 0.34 -6.31 -2.71
CA HIS A 47 1.24 -6.40 -1.58
C HIS A 47 1.16 -5.06 -0.87
N CYS A 48 1.04 -5.02 0.47
CA CYS A 48 0.78 -3.73 1.10
C CYS A 48 1.61 -3.48 2.35
N VAL A 49 1.53 -2.24 2.83
CA VAL A 49 2.26 -1.76 3.99
C VAL A 49 1.44 -0.65 4.63
N HIS A 50 1.42 -0.59 5.96
CA HIS A 50 0.67 0.45 6.68
C HIS A 50 1.44 1.77 6.61
N MET A 51 0.77 2.90 6.83
CA MET A 51 1.43 4.19 6.93
C MET A 51 0.65 5.14 7.82
N ARG A 52 1.38 6.00 8.53
CA ARG A 52 0.83 6.97 9.46
C ARG A 52 1.83 8.10 9.63
N GLY A 53 1.45 9.13 10.40
CA GLY A 53 2.32 10.26 10.65
C GLY A 53 1.98 11.49 9.82
N LEU A 54 1.18 11.35 8.75
CA LEU A 54 0.83 12.49 7.94
C LEU A 54 0.24 13.58 8.84
N PRO A 55 0.71 14.84 8.71
CA PRO A 55 0.25 15.99 9.47
C PRO A 55 -1.25 16.32 9.38
N TYR A 56 -2.09 15.36 8.96
CA TYR A 56 -3.50 15.60 8.69
C TYR A 56 -3.70 16.76 7.69
N LYS A 57 -2.64 17.11 6.95
CA LYS A 57 -2.62 18.21 5.99
C LYS A 57 -1.80 17.84 4.76
N ALA A 58 -1.63 16.54 4.52
CA ALA A 58 -0.87 16.02 3.39
C ALA A 58 -1.60 14.81 2.80
N THR A 59 -1.21 14.38 1.60
CA THR A 59 -1.93 13.32 0.90
C THR A 59 -1.02 12.46 0.03
N GLU A 60 -1.65 11.44 -0.56
CA GLU A 60 -1.04 10.49 -1.48
C GLU A 60 -0.12 11.13 -2.51
N ASN A 61 -0.42 12.35 -2.93
CA ASN A 61 0.38 13.06 -3.93
C ASN A 61 1.83 13.25 -3.48
N ASP A 62 2.13 12.97 -2.20
CA ASP A 62 3.49 13.01 -1.70
C ASP A 62 3.90 11.73 -1.01
N ILE A 63 2.93 10.83 -0.73
CA ILE A 63 3.24 9.53 -0.17
C ILE A 63 4.07 8.70 -1.14
N TYR A 64 3.61 8.57 -2.39
CA TYR A 64 4.35 7.81 -3.38
C TYR A 64 5.60 8.56 -3.82
N ASN A 65 5.90 9.66 -3.13
CA ASN A 65 7.10 10.46 -3.36
C ASN A 65 7.95 10.57 -2.09
N PHE A 66 7.46 10.01 -0.98
CA PHE A 66 8.20 9.96 0.28
C PHE A 66 8.91 8.61 0.42
N PHE A 67 8.33 7.57 -0.17
CA PHE A 67 8.89 6.23 -0.12
C PHE A 67 10.14 6.11 -1.01
N SER A 68 9.93 6.23 -2.33
CA SER A 68 10.93 5.99 -3.35
C SER A 68 10.44 6.58 -4.67
N PRO A 69 11.29 6.66 -5.70
CA PRO A 69 10.89 7.10 -7.03
C PRO A 69 9.91 6.14 -7.70
N LEU A 70 9.48 5.08 -6.99
CA LEU A 70 8.45 4.15 -7.43
C LEU A 70 7.20 4.86 -7.92
N ASN A 71 6.49 4.17 -8.81
CA ASN A 71 5.27 4.63 -9.45
C ASN A 71 4.13 4.75 -8.44
N PRO A 72 3.09 5.53 -8.78
CA PRO A 72 1.95 5.82 -7.92
C PRO A 72 0.89 4.71 -7.95
N VAL A 73 1.27 3.54 -8.48
CA VAL A 73 0.43 2.35 -8.59
C VAL A 73 -0.10 1.83 -7.24
N ARG A 74 0.11 2.58 -6.15
CA ARG A 74 0.07 1.96 -4.83
C ARG A 74 -0.54 2.80 -3.71
N VAL A 75 -0.85 4.08 -3.90
CA VAL A 75 -1.34 4.87 -2.78
C VAL A 75 -2.77 4.53 -2.39
N HIS A 76 -3.10 4.77 -1.11
CA HIS A 76 -4.43 4.60 -0.56
C HIS A 76 -4.58 5.45 0.70
N ILE A 77 -5.82 5.84 1.03
CA ILE A 77 -6.10 6.66 2.20
C ILE A 77 -7.45 6.26 2.78
N GLU A 78 -7.53 6.13 4.11
CA GLU A 78 -8.74 5.64 4.77
C GLU A 78 -8.72 5.93 6.27
N ILE A 79 -9.92 5.96 6.87
CA ILE A 79 -10.15 5.96 8.31
C ILE A 79 -11.57 5.45 8.57
N GLY A 80 -12.55 6.01 7.84
CA GLY A 80 -13.95 5.66 7.99
C GLY A 80 -14.85 6.77 7.45
N PRO A 81 -16.16 6.54 7.44
CA PRO A 81 -17.16 7.53 7.07
C PRO A 81 -17.29 8.57 8.19
N ASP A 82 -16.45 8.45 9.23
CA ASP A 82 -16.48 9.31 10.40
C ASP A 82 -15.06 9.61 10.89
N GLY A 83 -14.07 9.47 10.00
CA GLY A 83 -12.66 9.61 10.33
C GLY A 83 -12.21 11.06 10.53
N ARG A 84 -13.19 11.97 10.72
CA ARG A 84 -13.12 13.43 10.84
C ARG A 84 -12.27 14.18 9.79
N VAL A 85 -11.16 13.61 9.32
CA VAL A 85 -10.33 14.18 8.27
C VAL A 85 -9.75 13.08 7.38
N THR A 86 -10.11 11.82 7.67
CA THR A 86 -9.64 10.62 7.00
C THR A 86 -8.17 10.74 6.56
N GLY A 87 -7.28 10.87 7.54
CA GLY A 87 -5.87 11.13 7.29
C GLY A 87 -4.94 9.93 7.53
N GLU A 88 -5.46 8.72 7.72
CA GLU A 88 -4.59 7.56 7.85
C GLU A 88 -4.42 6.97 6.46
N ALA A 89 -3.36 6.21 6.21
CA ALA A 89 -3.08 5.75 4.87
C ALA A 89 -2.45 4.37 4.83
N ASP A 90 -2.43 3.80 3.62
CA ASP A 90 -1.76 2.55 3.34
C ASP A 90 -1.14 2.63 1.95
N VAL A 91 -0.32 1.65 1.60
CA VAL A 91 0.26 1.57 0.27
C VAL A 91 0.16 0.12 -0.22
N GLU A 92 0.09 -0.06 -1.53
CA GLU A 92 -0.18 -1.35 -2.16
C GLU A 92 0.80 -1.59 -3.30
N PHE A 93 2.07 -1.81 -2.94
CA PHE A 93 3.16 -2.03 -3.88
C PHE A 93 2.90 -3.18 -4.85
N ALA A 94 3.53 -3.07 -6.02
CA ALA A 94 3.55 -4.13 -7.01
C ALA A 94 4.61 -5.16 -6.60
N THR A 95 4.15 -6.31 -6.12
CA THR A 95 4.96 -7.43 -5.61
C THR A 95 5.70 -7.04 -4.33
N HIS A 96 6.19 -8.05 -3.62
CA HIS A 96 6.96 -7.83 -2.40
C HIS A 96 8.32 -7.20 -2.74
N GLU A 97 8.75 -7.31 -4.01
CA GLU A 97 10.03 -6.79 -4.44
C GLU A 97 10.00 -5.26 -4.48
N GLU A 98 8.91 -4.66 -4.96
CA GLU A 98 8.77 -3.21 -4.91
C GLU A 98 8.58 -2.77 -3.46
N ALA A 99 7.93 -3.62 -2.64
CA ALA A 99 7.69 -3.28 -1.25
C ALA A 99 9.00 -3.17 -0.46
N VAL A 100 9.93 -4.11 -0.64
CA VAL A 100 11.22 -4.02 0.03
C VAL A 100 12.11 -2.98 -0.63
N ALA A 101 11.85 -2.65 -1.90
CA ALA A 101 12.58 -1.60 -2.59
C ALA A 101 12.17 -0.23 -2.07
N ALA A 102 11.14 -0.19 -1.22
CA ALA A 102 10.70 1.04 -0.56
C ALA A 102 10.83 0.95 0.96
N MET A 103 11.15 -0.24 1.50
CA MET A 103 11.36 -0.42 2.93
C MET A 103 12.77 0.05 3.31
N SER A 104 12.89 1.35 3.64
CA SER A 104 14.12 1.94 4.10
C SER A 104 13.85 3.20 4.92
N LYS A 105 12.60 3.35 5.40
CA LYS A 105 12.14 4.57 6.06
C LYS A 105 11.21 4.28 7.23
N ASP A 106 11.40 3.14 7.90
CA ASP A 106 10.57 2.63 8.99
C ASP A 106 9.83 3.73 9.76
N ARG A 107 10.54 4.78 10.19
CA ARG A 107 9.91 5.89 10.88
C ARG A 107 10.64 7.20 10.56
N ALA A 108 11.00 7.37 9.27
CA ALA A 108 11.66 8.55 8.73
C ALA A 108 10.75 9.78 8.76
N ASN A 109 10.98 10.73 7.84
CA ASN A 109 10.21 11.97 7.76
C ASN A 109 9.78 12.26 6.32
N MET A 110 9.03 13.35 6.11
CA MET A 110 8.51 13.69 4.79
C MET A 110 8.74 15.17 4.47
N GLN A 111 8.61 16.06 5.46
CA GLN A 111 8.86 17.48 5.24
C GLN A 111 9.15 18.25 6.53
N HIS A 112 8.56 17.83 7.66
CA HIS A 112 8.72 18.59 8.88
C HIS A 112 8.39 17.80 10.15
N ARG A 113 8.07 16.51 10.04
CA ARG A 113 7.66 15.72 11.20
C ARG A 113 7.97 14.24 11.01
N TYR A 114 7.86 13.49 12.10
CA TYR A 114 7.98 12.04 12.15
C TYR A 114 6.89 11.44 11.27
N ILE A 115 7.24 10.40 10.51
CA ILE A 115 6.33 9.65 9.65
C ILE A 115 6.66 8.19 9.86
N GLU A 116 5.74 7.27 9.54
CA GLU A 116 6.02 5.86 9.76
C GLU A 116 5.23 4.98 8.81
N LEU A 117 5.77 3.80 8.53
CA LEU A 117 5.15 2.79 7.70
C LEU A 117 5.67 1.40 8.11
N PHE A 118 4.80 0.39 8.14
CA PHE A 118 5.14 -0.89 8.76
C PHE A 118 4.65 -2.03 7.85
N LEU A 119 5.58 -2.92 7.45
CA LEU A 119 5.39 -3.94 6.42
C LEU A 119 4.15 -4.81 6.67
N ASN A 120 3.41 -5.12 5.60
CA ASN A 120 2.23 -5.96 5.64
C ASN A 120 2.11 -6.76 4.33
N SER A 121 3.20 -7.44 3.95
CA SER A 121 3.21 -8.31 2.78
C SER A 121 4.38 -9.29 2.85
N THR A 122 4.40 -10.25 1.93
CA THR A 122 5.50 -11.18 1.79
C THR A 122 5.57 -11.72 0.37
N THR A 123 6.71 -12.31 0.01
CA THR A 123 6.96 -12.86 -1.31
C THR A 123 6.10 -14.11 -1.59
N GLY A 124 5.35 -14.57 -0.59
CA GLY A 124 4.52 -15.77 -0.68
C GLY A 124 3.03 -15.45 -0.57
N ALA A 125 2.65 -14.20 -0.88
CA ALA A 125 1.27 -13.75 -0.81
C ALA A 125 1.00 -12.76 -1.94
N SER A 126 -0.22 -12.19 -1.97
CA SER A 126 -0.60 -11.22 -2.99
C SER A 126 -1.64 -10.22 -2.48
N ASN A 127 -2.12 -10.39 -1.24
CA ASN A 127 -3.11 -9.53 -0.64
C ASN A 127 -3.03 -9.62 0.88
N GLY A 128 -3.63 -8.66 1.59
CA GLY A 128 -3.61 -8.65 3.04
C GLY A 128 -4.28 -7.42 3.64
N ALA A 129 -5.01 -6.63 2.84
CA ALA A 129 -5.65 -5.42 3.34
C ALA A 129 -6.91 -5.04 2.57
N TYR A 130 -7.38 -5.88 1.64
CA TYR A 130 -8.55 -5.52 0.85
C TYR A 130 -9.33 -6.73 0.34
N SER A 131 -10.52 -6.47 -0.19
CA SER A 131 -11.35 -7.47 -0.85
C SER A 131 -10.83 -7.72 -2.27
N SER A 132 -11.39 -8.69 -2.97
CA SER A 132 -10.95 -9.04 -4.32
C SER A 132 -12.13 -9.43 -5.21
N GLN A 133 -13.32 -8.92 -4.91
CA GLN A 133 -14.54 -9.18 -5.67
C GLN A 133 -15.12 -10.56 -5.32
N VAL A 134 -16.23 -10.94 -5.98
CA VAL A 134 -16.89 -12.22 -5.74
C VAL A 134 -17.34 -12.84 -7.06
N MET A 135 -16.81 -12.30 -8.17
CA MET A 135 -17.16 -12.72 -9.51
C MET A 135 -15.99 -12.39 -10.44
N GLN A 136 -15.72 -13.27 -11.42
CA GLN A 136 -14.59 -13.09 -12.33
C GLN A 136 -14.91 -13.58 -13.75
N GLY A 137 -16.19 -13.90 -14.02
CA GLY A 137 -16.59 -14.38 -15.34
C GLY A 137 -16.16 -15.83 -15.56
N MET A 138 -16.34 -16.31 -16.79
CA MET A 138 -16.00 -17.69 -17.16
C MET A 138 -15.33 -17.72 -18.53
N GLY A 139 -14.76 -18.87 -18.90
CA GLY A 139 -14.09 -19.05 -20.17
C GLY A 139 -13.49 -20.45 -20.27
N GLY A 35 -10.88 -35.83 -6.39
CA GLY A 35 -10.87 -34.50 -7.02
C GLY A 35 -11.26 -34.60 -8.49
N ASP A 36 -12.02 -33.61 -8.98
CA ASP A 36 -12.48 -33.58 -10.37
C ASP A 36 -12.61 -32.13 -10.86
N SER A 37 -12.14 -31.17 -10.07
CA SER A 37 -12.23 -29.75 -10.41
C SER A 37 -11.08 -28.97 -9.76
N GLU A 38 -10.96 -27.69 -10.13
CA GLU A 38 -9.93 -26.80 -9.62
C GLU A 38 -10.40 -25.35 -9.71
N PHE A 39 -9.56 -24.42 -9.28
CA PHE A 39 -9.86 -23.00 -9.28
C PHE A 39 -8.68 -22.20 -9.82
N THR A 40 -8.91 -20.91 -10.12
CA THR A 40 -7.91 -20.01 -10.65
C THR A 40 -8.11 -18.61 -10.09
N VAL A 41 -7.15 -17.71 -10.37
CA VAL A 41 -7.14 -16.35 -9.87
C VAL A 41 -6.55 -15.41 -10.92
N GLN A 42 -6.97 -14.14 -10.88
CA GLN A 42 -6.48 -13.11 -11.78
C GLN A 42 -6.45 -11.73 -11.09
N SER A 43 -6.69 -11.70 -9.77
CA SER A 43 -6.72 -10.47 -8.99
C SER A 43 -6.42 -10.80 -7.52
N THR A 44 -6.37 -9.77 -6.67
CA THR A 44 -6.02 -9.94 -5.26
C THR A 44 -4.68 -10.67 -5.11
N THR A 45 -3.67 -10.18 -5.83
CA THR A 45 -2.32 -10.75 -5.82
C THR A 45 -1.29 -9.64 -5.65
N GLY A 46 -1.67 -8.60 -4.91
CA GLY A 46 -0.82 -7.43 -4.72
C GLY A 46 -0.03 -7.52 -3.42
N HIS A 47 0.78 -6.49 -3.15
CA HIS A 47 1.60 -6.44 -1.95
C HIS A 47 1.44 -5.05 -1.33
N CYS A 48 1.29 -4.96 -0.01
CA CYS A 48 0.91 -3.69 0.59
C CYS A 48 1.75 -3.31 1.80
N VAL A 49 1.57 -2.06 2.22
CA VAL A 49 2.18 -1.43 3.38
C VAL A 49 1.19 -0.33 3.81
N HIS A 50 1.29 0.18 5.02
CA HIS A 50 0.45 1.29 5.44
C HIS A 50 1.27 2.35 6.14
N MET A 51 0.70 3.55 6.28
CA MET A 51 1.43 4.68 6.84
C MET A 51 0.51 5.61 7.62
N ARG A 52 1.11 6.48 8.43
CA ARG A 52 0.40 7.39 9.31
C ARG A 52 1.18 8.70 9.46
N GLY A 53 0.52 9.74 10.00
CA GLY A 53 1.16 11.02 10.25
C GLY A 53 0.65 12.16 9.37
N LEU A 54 -0.26 11.89 8.42
CA LEU A 54 -0.67 12.91 7.45
C LEU A 54 -1.99 13.65 7.77
N PRO A 55 -3.09 12.95 8.11
CA PRO A 55 -4.49 13.38 8.11
C PRO A 55 -4.97 14.83 8.30
N TYR A 56 -4.13 15.85 8.45
CA TYR A 56 -4.59 17.23 8.49
C TYR A 56 -3.73 18.18 7.64
N LYS A 57 -2.73 17.67 6.91
CA LYS A 57 -1.86 18.55 6.13
C LYS A 57 -1.32 17.90 4.84
N ALA A 58 -1.51 16.60 4.65
CA ALA A 58 -0.95 15.92 3.48
C ALA A 58 -1.79 14.72 3.06
N THR A 59 -1.44 14.12 1.92
CA THR A 59 -2.19 13.01 1.33
C THR A 59 -1.29 12.09 0.51
N GLU A 60 -1.91 11.06 -0.06
CA GLU A 60 -1.23 10.06 -0.89
C GLU A 60 -0.43 10.69 -2.01
N ASN A 61 -0.81 11.90 -2.45
CA ASN A 61 -0.12 12.64 -3.50
C ASN A 61 1.35 12.87 -3.18
N ASP A 62 1.77 12.60 -1.94
CA ASP A 62 3.16 12.69 -1.57
C ASP A 62 3.67 11.41 -0.90
N ILE A 63 2.75 10.51 -0.52
CA ILE A 63 3.13 9.21 0.03
C ILE A 63 3.98 8.44 -0.99
N TYR A 64 3.48 8.26 -2.21
CA TYR A 64 4.22 7.54 -3.22
C TYR A 64 5.40 8.38 -3.72
N ASN A 65 5.64 9.51 -3.07
CA ASN A 65 6.75 10.41 -3.40
C ASN A 65 7.67 10.63 -2.19
N PHE A 66 7.45 9.91 -1.09
CA PHE A 66 8.36 9.95 0.06
C PHE A 66 8.81 8.54 0.44
N PHE A 67 8.04 7.52 0.06
CA PHE A 67 8.39 6.13 0.32
C PHE A 67 9.68 5.77 -0.39
N SER A 68 9.67 5.83 -1.73
CA SER A 68 10.78 5.44 -2.59
C SER A 68 10.41 5.80 -4.03
N PRO A 69 11.38 5.94 -4.95
CA PRO A 69 11.16 6.32 -6.35
C PRO A 69 10.19 5.44 -7.16
N LEU A 70 9.61 4.36 -6.62
CA LEU A 70 8.70 3.53 -7.38
C LEU A 70 7.50 4.31 -7.94
N ASN A 71 6.86 3.71 -8.95
CA ASN A 71 5.72 4.24 -9.67
C ASN A 71 4.51 4.43 -8.75
N PRO A 72 3.53 5.25 -9.18
CA PRO A 72 2.36 5.63 -8.40
C PRO A 72 1.27 4.57 -8.38
N VAL A 73 1.61 3.35 -8.83
CA VAL A 73 0.73 2.19 -8.87
C VAL A 73 0.24 1.76 -7.48
N ARG A 74 0.46 2.57 -6.43
CA ARG A 74 0.46 2.07 -5.07
C ARG A 74 -0.05 3.07 -4.03
N VAL A 75 -1.19 3.74 -4.24
CA VAL A 75 -1.75 4.57 -3.18
C VAL A 75 -3.27 4.43 -3.06
N HIS A 76 -3.74 4.61 -1.82
CA HIS A 76 -5.13 4.59 -1.45
C HIS A 76 -5.27 5.23 -0.05
N ILE A 77 -6.50 5.50 0.39
CA ILE A 77 -6.77 6.13 1.68
C ILE A 77 -7.99 5.46 2.30
N GLU A 78 -8.02 5.37 3.64
CA GLU A 78 -9.13 4.74 4.34
C GLU A 78 -9.19 5.25 5.78
N ILE A 79 -10.22 6.03 6.10
CA ILE A 79 -10.37 6.65 7.40
C ILE A 79 -11.84 6.75 7.81
N GLY A 80 -12.60 7.62 7.12
CA GLY A 80 -13.98 7.90 7.46
C GLY A 80 -14.53 9.06 6.64
N PRO A 81 -15.78 9.44 6.92
CA PRO A 81 -16.46 10.56 6.29
C PRO A 81 -15.94 11.88 6.85
N ASP A 82 -14.95 11.80 7.74
CA ASP A 82 -14.45 12.98 8.44
C ASP A 82 -12.93 13.13 8.34
N GLY A 83 -12.24 12.09 7.86
CA GLY A 83 -10.80 12.13 7.58
C GLY A 83 -9.91 12.50 8.77
N ARG A 84 -10.44 12.54 9.99
CA ARG A 84 -9.65 12.83 11.19
C ARG A 84 -8.64 11.72 11.45
N VAL A 85 -7.82 11.88 12.50
CA VAL A 85 -6.93 10.85 12.99
C VAL A 85 -7.77 9.74 13.62
N THR A 86 -8.38 8.92 12.76
CA THR A 86 -9.26 7.82 13.15
C THR A 86 -9.03 6.62 12.23
N GLY A 87 -8.00 6.70 11.39
CA GLY A 87 -7.70 5.70 10.39
C GLY A 87 -6.29 5.90 9.85
N GLU A 88 -6.04 5.41 8.63
CA GLU A 88 -4.70 5.41 8.04
C GLU A 88 -4.75 5.72 6.55
N ALA A 89 -3.58 5.59 5.92
CA ALA A 89 -3.40 5.65 4.48
C ALA A 89 -2.57 4.43 4.11
N ASP A 90 -2.74 3.91 2.91
CA ASP A 90 -2.04 2.70 2.54
C ASP A 90 -1.52 2.73 1.10
N VAL A 91 -0.66 1.76 0.80
CA VAL A 91 -0.02 1.64 -0.50
C VAL A 91 -0.09 0.20 -0.98
N GLU A 92 0.13 0.00 -2.29
CA GLU A 92 0.00 -1.30 -2.93
C GLU A 92 1.14 -1.51 -3.91
N PHE A 93 2.34 -1.75 -3.39
CA PHE A 93 3.53 -1.97 -4.18
C PHE A 93 3.35 -3.14 -5.15
N ALA A 94 4.04 -3.05 -6.29
CA ALA A 94 4.11 -4.14 -7.24
C ALA A 94 5.16 -5.12 -6.72
N THR A 95 4.68 -6.29 -6.29
CA THR A 95 5.46 -7.36 -5.68
C THR A 95 6.10 -6.94 -4.36
N HIS A 96 6.49 -7.92 -3.56
CA HIS A 96 7.16 -7.67 -2.29
C HIS A 96 8.53 -7.04 -2.54
N GLU A 97 9.03 -7.13 -3.77
CA GLU A 97 10.34 -6.58 -4.12
C GLU A 97 10.31 -5.06 -4.11
N GLU A 98 9.25 -4.44 -4.64
CA GLU A 98 9.14 -2.99 -4.51
C GLU A 98 8.82 -2.62 -3.07
N ALA A 99 8.13 -3.49 -2.33
CA ALA A 99 7.81 -3.20 -0.95
C ALA A 99 9.07 -3.08 -0.10
N VAL A 100 10.02 -4.01 -0.23
CA VAL A 100 11.28 -3.93 0.49
C VAL A 100 12.18 -2.86 -0.11
N ALA A 101 11.98 -2.51 -1.39
CA ALA A 101 12.75 -1.45 -2.03
C ALA A 101 12.31 -0.09 -1.51
N ALA A 102 11.21 -0.05 -0.74
CA ALA A 102 10.73 1.16 -0.11
C ALA A 102 10.79 1.06 1.43
N MET A 103 11.16 -0.11 1.97
CA MET A 103 11.37 -0.30 3.40
C MET A 103 12.71 0.29 3.83
N SER A 104 12.87 1.59 3.63
CA SER A 104 14.06 2.33 3.99
C SER A 104 13.65 3.64 4.66
N LYS A 105 12.40 3.68 5.14
CA LYS A 105 11.82 4.90 5.71
C LYS A 105 11.14 4.64 7.05
N ASP A 106 11.53 3.56 7.76
CA ASP A 106 10.98 3.25 9.08
C ASP A 106 10.87 4.50 9.93
N ARG A 107 9.62 4.92 10.15
CA ARG A 107 9.22 6.15 10.84
C ARG A 107 10.17 7.32 10.58
N ALA A 108 10.62 7.46 9.33
CA ALA A 108 11.52 8.49 8.84
C ALA A 108 10.82 9.85 8.68
N ASN A 109 11.61 10.87 8.32
CA ASN A 109 11.10 12.19 7.97
C ASN A 109 10.41 12.12 6.61
N MET A 110 9.73 13.20 6.20
CA MET A 110 9.01 13.24 4.95
C MET A 110 9.02 14.64 4.34
N GLN A 111 8.99 15.67 5.18
CA GLN A 111 9.08 17.05 4.73
C GLN A 111 9.48 17.97 5.88
N HIS A 112 8.86 17.78 7.05
CA HIS A 112 9.15 18.63 8.20
C HIS A 112 8.69 17.97 9.51
N ARG A 113 8.29 16.69 9.46
CA ARG A 113 7.68 16.03 10.61
C ARG A 113 8.00 14.55 10.64
N TYR A 114 7.85 13.97 11.83
CA TYR A 114 7.87 12.55 12.09
C TYR A 114 6.71 11.94 11.29
N ILE A 115 6.99 10.93 10.47
CA ILE A 115 5.97 10.24 9.67
C ILE A 115 6.34 8.76 9.67
N GLU A 116 5.36 7.87 9.48
CA GLU A 116 5.66 6.46 9.68
C GLU A 116 4.92 5.54 8.71
N LEU A 117 5.52 4.37 8.46
CA LEU A 117 4.93 3.32 7.63
C LEU A 117 5.37 1.94 8.14
N PHE A 118 4.50 0.95 7.97
CA PHE A 118 4.64 -0.36 8.60
C PHE A 118 4.23 -1.44 7.58
N LEU A 119 5.08 -2.46 7.39
CA LEU A 119 4.91 -3.48 6.35
C LEU A 119 3.58 -4.24 6.50
N ASN A 120 2.98 -4.62 5.37
CA ASN A 120 1.75 -5.38 5.29
C ASN A 120 1.81 -6.31 4.05
N SER A 121 2.91 -7.06 3.94
CA SER A 121 3.13 -7.97 2.83
C SER A 121 4.23 -8.98 3.14
N THR A 122 4.34 -9.99 2.28
CA THR A 122 5.33 -11.04 2.35
C THR A 122 5.59 -11.51 0.91
N THR A 123 6.80 -12.02 0.63
CA THR A 123 7.22 -12.46 -0.69
C THR A 123 6.49 -13.74 -1.15
N GLY A 124 5.37 -14.07 -0.51
CA GLY A 124 4.60 -15.27 -0.82
C GLY A 124 3.15 -15.14 -0.35
N ALA A 125 2.64 -13.91 -0.27
CA ALA A 125 1.29 -13.64 0.20
C ALA A 125 0.67 -12.46 -0.55
N SER A 126 -0.52 -12.05 -0.12
CA SER A 126 -1.28 -10.96 -0.72
C SER A 126 -2.07 -10.22 0.36
N ASN A 127 -2.68 -9.09 0.00
CA ASN A 127 -3.46 -8.28 0.92
C ASN A 127 -4.78 -8.95 1.31
N GLY A 128 -5.03 -10.17 0.81
CA GLY A 128 -6.25 -10.91 1.10
C GLY A 128 -6.12 -12.36 0.66
N ALA A 129 -7.17 -13.15 0.91
CA ALA A 129 -7.19 -14.56 0.55
C ALA A 129 -7.17 -14.76 -0.96
N TYR A 130 -6.97 -16.02 -1.38
CA TYR A 130 -6.87 -16.37 -2.79
C TYR A 130 -7.27 -17.83 -2.99
N SER A 131 -7.35 -18.26 -4.26
CA SER A 131 -7.75 -19.62 -4.63
C SER A 131 -6.90 -20.14 -5.78
N SER A 132 -5.72 -19.54 -6.00
CA SER A 132 -4.80 -19.92 -7.07
C SER A 132 -4.21 -21.32 -6.83
N GLN A 133 -4.54 -21.94 -5.70
CA GLN A 133 -4.03 -23.25 -5.32
C GLN A 133 -5.08 -23.95 -4.46
N VAL A 134 -4.87 -25.24 -4.14
CA VAL A 134 -5.80 -26.03 -3.35
C VAL A 134 -5.11 -26.61 -2.11
N MET A 135 -3.95 -26.05 -1.80
CA MET A 135 -3.13 -26.42 -0.66
C MET A 135 -2.32 -25.21 -0.22
N GLN A 136 -1.97 -25.13 1.07
CA GLN A 136 -1.21 -24.01 1.60
C GLN A 136 -0.34 -24.46 2.78
N GLY A 137 -0.43 -25.73 3.18
CA GLY A 137 0.34 -26.25 4.30
C GLY A 137 0.02 -27.73 4.53
N MET A 138 0.66 -28.33 5.55
CA MET A 138 0.47 -29.73 5.89
C MET A 138 0.62 -29.94 7.40
N GLY A 139 0.78 -28.86 8.16
CA GLY A 139 0.94 -28.91 9.60
C GLY A 139 1.04 -27.52 10.20
N GLY A 35 -21.35 -18.56 14.13
CA GLY A 35 -22.27 -17.55 13.59
C GLY A 35 -22.07 -17.34 12.10
N ASP A 36 -22.20 -16.10 11.63
CA ASP A 36 -22.02 -15.76 10.24
C ASP A 36 -21.56 -14.30 10.12
N SER A 37 -20.95 -13.96 8.97
CA SER A 37 -20.42 -12.63 8.71
C SER A 37 -20.46 -12.31 7.22
N GLU A 38 -20.08 -11.09 6.85
CA GLU A 38 -20.05 -10.64 5.47
C GLU A 38 -18.85 -9.71 5.29
N PHE A 39 -18.22 -9.75 4.12
CA PHE A 39 -17.04 -8.99 3.83
C PHE A 39 -17.02 -8.55 2.37
N THR A 40 -16.02 -7.75 1.99
CA THR A 40 -15.85 -7.25 0.63
C THR A 40 -14.38 -7.22 0.26
N VAL A 41 -14.08 -6.98 -1.02
CA VAL A 41 -12.71 -6.97 -1.54
C VAL A 41 -12.62 -5.89 -2.61
N GLN A 42 -11.40 -5.43 -2.90
CA GLN A 42 -11.14 -4.38 -3.87
C GLN A 42 -9.86 -4.67 -4.65
N SER A 43 -9.72 -5.91 -5.14
CA SER A 43 -8.53 -6.37 -5.84
C SER A 43 -7.28 -6.26 -4.95
N THR A 44 -7.49 -6.45 -3.64
CA THR A 44 -6.44 -6.38 -2.63
C THR A 44 -5.35 -7.43 -2.84
N THR A 45 -5.53 -8.34 -3.81
CA THR A 45 -4.55 -9.36 -4.14
C THR A 45 -3.23 -8.73 -4.57
N GLY A 46 -2.28 -8.67 -3.62
CA GLY A 46 -0.97 -8.10 -3.91
C GLY A 46 -0.15 -7.95 -2.63
N HIS A 47 0.85 -7.08 -2.67
CA HIS A 47 1.74 -6.83 -1.55
C HIS A 47 1.46 -5.43 -1.01
N CYS A 48 1.44 -5.25 0.31
CA CYS A 48 1.04 -3.97 0.90
C CYS A 48 1.91 -3.56 2.07
N VAL A 49 1.75 -2.31 2.50
CA VAL A 49 2.46 -1.71 3.63
C VAL A 49 1.57 -0.61 4.21
N HIS A 50 1.55 -0.45 5.54
CA HIS A 50 0.78 0.60 6.19
C HIS A 50 1.50 1.95 6.05
N MET A 51 0.77 3.05 6.22
CA MET A 51 1.34 4.40 6.17
C MET A 51 0.48 5.34 7.03
N ARG A 52 1.13 6.03 7.98
CA ARG A 52 0.45 6.95 8.88
C ARG A 52 1.37 8.10 9.26
N GLY A 53 0.83 9.09 9.96
CA GLY A 53 1.55 10.28 10.37
C GLY A 53 1.03 11.53 9.70
N LEU A 54 0.21 11.37 8.66
CA LEU A 54 -0.35 12.51 7.93
C LEU A 54 -1.81 12.39 7.50
N PRO A 55 -2.51 11.24 7.57
CA PRO A 55 -3.91 11.07 7.15
C PRO A 55 -4.92 12.19 7.43
N TYR A 56 -4.60 13.27 8.15
CA TYR A 56 -5.52 14.39 8.30
C TYR A 56 -4.81 15.75 8.31
N LYS A 57 -3.63 15.83 7.66
CA LYS A 57 -2.94 17.09 7.42
C LYS A 57 -2.34 17.15 6.00
N ALA A 58 -2.33 16.02 5.30
CA ALA A 58 -1.81 15.90 3.95
C ALA A 58 -2.48 14.70 3.27
N THR A 59 -2.04 14.33 2.07
CA THR A 59 -2.68 13.25 1.33
C THR A 59 -1.70 12.40 0.53
N GLU A 60 -2.25 11.33 -0.04
CA GLU A 60 -1.53 10.37 -0.86
C GLU A 60 -0.69 11.00 -1.95
N ASN A 61 -1.10 12.16 -2.46
CA ASN A 61 -0.36 12.87 -3.51
C ASN A 61 1.08 13.19 -3.09
N ASP A 62 1.40 13.04 -1.80
CA ASP A 62 2.75 13.23 -1.31
C ASP A 62 3.31 11.94 -0.69
N ILE A 63 2.43 11.00 -0.33
CA ILE A 63 2.86 9.71 0.20
C ILE A 63 3.70 8.95 -0.83
N TYR A 64 3.16 8.70 -2.02
CA TYR A 64 3.90 7.94 -3.02
C TYR A 64 4.95 8.82 -3.69
N ASN A 65 5.16 10.02 -3.15
CA ASN A 65 6.12 10.98 -3.66
C ASN A 65 7.27 11.23 -2.67
N PHE A 66 7.20 10.67 -1.46
CA PHE A 66 8.32 10.74 -0.51
C PHE A 66 8.87 9.34 -0.23
N PHE A 67 8.08 8.31 -0.56
CA PHE A 67 8.39 6.92 -0.24
C PHE A 67 9.61 6.42 -1.01
N SER A 68 9.55 6.55 -2.33
CA SER A 68 10.54 6.01 -3.25
C SER A 68 10.25 6.51 -4.66
N PRO A 69 11.20 6.36 -5.61
CA PRO A 69 11.01 6.73 -7.00
C PRO A 69 10.03 5.80 -7.73
N LEU A 70 9.47 4.81 -7.03
CA LEU A 70 8.50 3.87 -7.58
C LEU A 70 7.31 4.55 -8.23
N ASN A 71 6.65 3.75 -9.08
CA ASN A 71 5.47 4.11 -9.83
C ASN A 71 4.25 4.24 -8.91
N PRO A 72 3.19 4.91 -9.39
CA PRO A 72 1.99 5.21 -8.62
C PRO A 72 1.01 4.04 -8.60
N VAL A 73 1.53 2.82 -8.76
CA VAL A 73 0.80 1.55 -8.64
C VAL A 73 0.30 1.33 -7.21
N ARG A 74 0.10 2.41 -6.45
CA ARG A 74 -0.02 2.34 -4.99
C ARG A 74 -0.99 3.40 -4.44
N VAL A 75 -0.82 3.72 -3.15
CA VAL A 75 -1.66 4.56 -2.31
C VAL A 75 -3.15 4.21 -2.29
N HIS A 76 -3.69 4.23 -1.07
CA HIS A 76 -5.10 4.05 -0.77
C HIS A 76 -5.34 4.60 0.63
N ILE A 77 -6.60 4.89 0.99
CA ILE A 77 -6.88 5.53 2.27
C ILE A 77 -8.13 4.92 2.90
N GLU A 78 -8.19 4.98 4.23
CA GLU A 78 -9.24 4.36 5.03
C GLU A 78 -9.69 5.36 6.10
N ILE A 79 -10.35 6.40 5.59
CA ILE A 79 -10.85 7.58 6.31
C ILE A 79 -9.72 8.37 6.99
N GLY A 80 -9.83 9.69 6.90
CA GLY A 80 -8.85 10.61 7.47
C GLY A 80 -9.12 12.04 7.01
N PRO A 81 -8.94 12.30 5.72
CA PRO A 81 -9.26 13.56 5.07
C PRO A 81 -10.77 13.78 4.98
N ASP A 82 -11.55 12.90 5.61
CA ASP A 82 -13.00 12.97 5.61
C ASP A 82 -13.60 12.53 6.95
N GLY A 83 -12.73 12.15 7.88
CA GLY A 83 -13.13 11.78 9.23
C GLY A 83 -12.45 12.70 10.24
N ARG A 84 -11.67 13.64 9.69
CA ARG A 84 -10.83 14.65 10.36
C ARG A 84 -9.79 14.11 11.34
N VAL A 85 -10.10 13.08 12.13
CA VAL A 85 -9.18 12.51 13.11
C VAL A 85 -9.54 11.04 13.32
N THR A 86 -9.44 10.24 12.26
CA THR A 86 -9.79 8.82 12.33
C THR A 86 -8.99 8.02 11.30
N GLY A 87 -9.13 6.70 11.39
CA GLY A 87 -8.58 5.76 10.41
C GLY A 87 -7.09 5.93 10.16
N GLU A 88 -6.65 5.41 9.01
CA GLU A 88 -5.26 5.43 8.59
C GLU A 88 -5.19 5.33 7.07
N ALA A 89 -3.98 5.16 6.53
CA ALA A 89 -3.79 4.99 5.10
C ALA A 89 -2.83 3.83 4.86
N ASP A 90 -2.78 3.36 3.60
CA ASP A 90 -1.87 2.30 3.22
C ASP A 90 -1.42 2.45 1.77
N VAL A 91 -0.49 1.58 1.37
CA VAL A 91 0.03 1.56 0.01
C VAL A 91 0.12 0.12 -0.48
N GLU A 92 0.41 -0.04 -1.78
CA GLU A 92 0.49 -1.34 -2.42
C GLU A 92 1.75 -1.40 -3.27
N PHE A 93 2.17 -2.62 -3.63
CA PHE A 93 3.40 -2.81 -4.39
C PHE A 93 3.29 -4.05 -5.27
N ALA A 94 4.01 -4.00 -6.39
CA ALA A 94 4.17 -5.15 -7.26
C ALA A 94 5.26 -6.02 -6.65
N THR A 95 4.84 -7.15 -6.06
CA THR A 95 5.69 -8.11 -5.36
C THR A 95 6.39 -7.49 -4.15
N HIS A 96 6.97 -8.36 -3.31
CA HIS A 96 7.69 -7.94 -2.14
C HIS A 96 8.98 -7.20 -2.53
N GLU A 97 9.39 -7.33 -3.80
CA GLU A 97 10.61 -6.69 -4.29
C GLU A 97 10.44 -5.19 -4.37
N GLU A 98 9.27 -4.70 -4.81
CA GLU A 98 9.01 -3.26 -4.74
C GLU A 98 8.72 -2.87 -3.29
N ALA A 99 8.18 -3.78 -2.49
CA ALA A 99 7.86 -3.44 -1.11
C ALA A 99 9.13 -3.13 -0.32
N VAL A 100 10.21 -3.89 -0.54
CA VAL A 100 11.48 -3.62 0.13
C VAL A 100 12.22 -2.47 -0.56
N ALA A 101 11.89 -2.19 -1.83
CA ALA A 101 12.46 -1.05 -2.53
C ALA A 101 11.85 0.25 -2.01
N ALA A 102 10.82 0.14 -1.18
CA ALA A 102 10.19 1.28 -0.52
C ALA A 102 10.46 1.27 0.98
N MET A 103 10.96 0.15 1.51
CA MET A 103 11.37 0.06 2.91
C MET A 103 12.69 0.79 3.13
N SER A 104 12.62 2.13 3.19
CA SER A 104 13.76 3.00 3.43
C SER A 104 13.34 4.23 4.24
N LYS A 105 12.19 4.14 4.92
CA LYS A 105 11.61 5.29 5.62
C LYS A 105 11.06 4.91 6.99
N ASP A 106 11.55 3.82 7.59
CA ASP A 106 11.13 3.40 8.93
C ASP A 106 11.09 4.58 9.88
N ARG A 107 9.86 4.97 10.26
CA ARG A 107 9.54 6.12 11.09
C ARG A 107 10.42 7.35 10.82
N ALA A 108 10.80 7.54 9.55
CA ALA A 108 11.63 8.65 9.07
C ALA A 108 10.86 9.98 9.09
N ASN A 109 11.43 11.01 8.45
CA ASN A 109 10.80 12.33 8.34
C ASN A 109 10.30 12.55 6.91
N MET A 110 9.56 13.63 6.68
CA MET A 110 8.94 13.86 5.38
C MET A 110 8.69 15.34 5.04
N GLN A 111 8.34 16.17 6.02
CA GLN A 111 8.02 17.57 5.73
C GLN A 111 8.11 18.51 6.92
N HIS A 112 7.81 18.01 8.12
CA HIS A 112 7.67 18.87 9.28
C HIS A 112 7.56 18.05 10.58
N ARG A 113 7.17 16.77 10.47
CA ARG A 113 7.13 15.85 11.59
C ARG A 113 7.48 14.46 11.07
N TYR A 114 7.65 13.47 11.95
CA TYR A 114 7.99 12.15 11.50
C TYR A 114 6.82 11.52 10.75
N ILE A 115 7.09 10.47 9.96
CA ILE A 115 6.09 9.74 9.20
C ILE A 115 6.49 8.28 9.27
N GLU A 116 5.53 7.37 9.18
CA GLU A 116 5.83 5.96 9.42
C GLU A 116 5.06 5.06 8.49
N LEU A 117 5.68 3.90 8.21
CA LEU A 117 5.13 2.86 7.35
C LEU A 117 5.70 1.52 7.81
N PHE A 118 4.86 0.49 7.83
CA PHE A 118 5.24 -0.79 8.45
C PHE A 118 4.80 -1.93 7.54
N LEU A 119 5.73 -2.87 7.26
CA LEU A 119 5.56 -3.91 6.26
C LEU A 119 4.29 -4.74 6.49
N ASN A 120 3.62 -5.11 5.38
CA ASN A 120 2.41 -5.91 5.40
C ASN A 120 2.40 -6.80 4.14
N SER A 121 3.52 -7.45 3.86
CA SER A 121 3.65 -8.40 2.77
C SER A 121 4.84 -9.32 3.00
N THR A 122 5.03 -10.31 2.12
CA THR A 122 6.19 -11.18 2.16
C THR A 122 6.47 -11.72 0.75
N THR A 123 7.68 -12.24 0.56
CA THR A 123 8.19 -12.74 -0.72
C THR A 123 7.54 -14.07 -1.14
N GLY A 124 6.41 -14.44 -0.53
CA GLY A 124 5.80 -15.74 -0.81
C GLY A 124 4.28 -15.76 -0.62
N ALA A 125 3.62 -14.60 -0.58
CA ALA A 125 2.18 -14.54 -0.44
C ALA A 125 1.58 -13.31 -1.12
N SER A 126 0.29 -13.41 -1.46
CA SER A 126 -0.47 -12.35 -2.12
C SER A 126 -1.96 -12.49 -1.81
N ASN A 127 -2.36 -13.63 -1.24
CA ASN A 127 -3.73 -13.92 -0.85
C ASN A 127 -3.72 -15.11 0.13
N GLY A 128 -4.83 -15.38 0.80
CA GLY A 128 -4.90 -16.50 1.73
C GLY A 128 -6.19 -16.55 2.56
N ALA A 129 -7.16 -15.67 2.29
CA ALA A 129 -8.38 -15.65 3.09
C ALA A 129 -9.62 -15.20 2.31
N TYR A 130 -9.49 -14.94 1.00
CA TYR A 130 -10.60 -14.48 0.19
C TYR A 130 -10.37 -14.83 -1.28
N SER A 131 -11.39 -14.57 -2.11
CA SER A 131 -11.33 -14.86 -3.55
C SER A 131 -12.05 -13.78 -4.37
N SER A 132 -12.41 -12.66 -3.72
CA SER A 132 -13.12 -11.55 -4.35
C SER A 132 -14.40 -11.97 -5.08
N GLN A 133 -14.94 -13.15 -4.75
CA GLN A 133 -16.16 -13.66 -5.37
C GLN A 133 -16.95 -14.52 -4.37
N VAL A 134 -16.57 -14.44 -3.09
CA VAL A 134 -17.13 -15.23 -2.00
C VAL A 134 -18.53 -14.80 -1.60
N MET A 135 -19.20 -14.08 -2.49
CA MET A 135 -20.51 -13.50 -2.21
C MET A 135 -21.50 -13.75 -3.35
N GLN A 136 -21.07 -14.45 -4.40
CA GLN A 136 -21.94 -14.81 -5.51
C GLN A 136 -21.47 -16.09 -6.20
N GLY A 137 -20.55 -16.83 -5.60
CA GLY A 137 -20.03 -18.06 -6.16
C GLY A 137 -19.21 -18.84 -5.13
N MET A 138 -18.71 -20.02 -5.53
CA MET A 138 -17.94 -20.89 -4.68
C MET A 138 -17.00 -21.75 -5.53
N GLY A 139 -15.92 -22.25 -4.93
CA GLY A 139 -14.95 -23.09 -5.61
C GLY A 139 -13.85 -23.55 -4.66
N GLY A 35 -3.97 -2.88 -34.38
CA GLY A 35 -2.97 -3.90 -34.01
C GLY A 35 -3.44 -4.71 -32.81
N ASP A 36 -3.06 -5.99 -32.75
CA ASP A 36 -3.42 -6.88 -31.65
C ASP A 36 -2.80 -6.39 -30.33
N SER A 37 -3.34 -6.85 -29.21
CA SER A 37 -2.86 -6.46 -27.88
C SER A 37 -3.18 -7.54 -26.85
N GLU A 38 -2.71 -7.33 -25.62
CA GLU A 38 -2.92 -8.26 -24.52
C GLU A 38 -3.08 -7.45 -23.22
N PHE A 39 -3.55 -8.10 -22.16
CA PHE A 39 -3.80 -7.46 -20.89
C PHE A 39 -3.43 -8.38 -19.73
N THR A 40 -3.55 -7.88 -18.50
CA THR A 40 -3.25 -8.61 -17.28
C THR A 40 -4.26 -8.25 -16.20
N VAL A 41 -4.22 -8.94 -15.06
CA VAL A 41 -5.15 -8.73 -13.96
C VAL A 41 -4.42 -8.85 -12.63
N GLN A 42 -4.98 -8.23 -11.59
CA GLN A 42 -4.45 -8.25 -10.24
C GLN A 42 -5.60 -8.18 -9.23
N SER A 43 -5.28 -8.27 -7.93
CA SER A 43 -6.28 -8.25 -6.89
C SER A 43 -5.70 -7.66 -5.61
N THR A 44 -6.57 -7.40 -4.61
CA THR A 44 -6.16 -6.84 -3.33
C THR A 44 -5.21 -7.78 -2.58
N THR A 45 -5.10 -9.03 -3.03
CA THR A 45 -4.20 -10.02 -2.45
C THR A 45 -2.74 -9.73 -2.82
N GLY A 46 -2.51 -8.63 -3.53
CA GLY A 46 -1.19 -8.16 -3.93
C GLY A 46 -0.34 -7.81 -2.71
N HIS A 47 0.90 -7.38 -2.95
CA HIS A 47 1.81 -7.09 -1.86
C HIS A 47 1.43 -5.74 -1.25
N CYS A 48 1.45 -5.60 0.08
CA CYS A 48 0.92 -4.39 0.70
C CYS A 48 1.78 -3.91 1.86
N VAL A 49 1.52 -2.65 2.26
CA VAL A 49 2.12 -1.96 3.38
C VAL A 49 1.12 -0.91 3.84
N HIS A 50 1.25 -0.38 5.05
CA HIS A 50 0.38 0.68 5.54
C HIS A 50 1.22 1.84 6.03
N MET A 51 0.64 3.04 6.08
CA MET A 51 1.40 4.22 6.47
C MET A 51 0.51 5.29 7.10
N ARG A 52 1.11 6.12 7.97
CA ARG A 52 0.43 7.20 8.66
C ARG A 52 1.43 8.31 8.94
N GLY A 53 0.97 9.38 9.59
CA GLY A 53 1.80 10.52 9.94
C GLY A 53 1.47 11.73 9.06
N LEU A 54 0.77 11.50 7.94
CA LEU A 54 0.40 12.57 7.05
C LEU A 54 -0.29 13.68 7.85
N PRO A 55 0.15 14.93 7.69
CA PRO A 55 -0.56 16.08 8.22
C PRO A 55 -2.03 16.02 7.83
N TYR A 56 -2.90 16.61 8.65
CA TYR A 56 -4.33 16.68 8.40
C TYR A 56 -4.65 17.56 7.16
N LYS A 57 -3.64 17.82 6.32
CA LYS A 57 -3.77 18.62 5.11
C LYS A 57 -2.89 18.07 3.98
N ALA A 58 -2.37 16.85 4.12
CA ALA A 58 -1.53 16.19 3.12
C ALA A 58 -2.32 15.07 2.44
N THR A 59 -1.76 14.47 1.40
CA THR A 59 -2.46 13.45 0.62
C THR A 59 -1.52 12.43 -0.01
N GLU A 60 -2.09 11.48 -0.74
CA GLU A 60 -1.36 10.43 -1.42
C GLU A 60 -0.27 10.98 -2.35
N ASN A 61 -0.46 12.20 -2.88
CA ASN A 61 0.54 12.81 -3.74
C ASN A 61 1.85 13.04 -2.98
N ASP A 62 1.82 12.97 -1.65
CA ASP A 62 2.99 13.10 -0.81
C ASP A 62 3.52 11.73 -0.40
N ILE A 63 2.65 10.72 -0.31
CA ILE A 63 3.03 9.37 0.07
C ILE A 63 3.98 8.76 -0.97
N TYR A 64 3.52 8.61 -2.21
CA TYR A 64 4.36 8.00 -3.23
C TYR A 64 5.43 8.99 -3.71
N ASN A 65 5.51 10.15 -3.05
CA ASN A 65 6.51 11.16 -3.30
C ASN A 65 7.65 11.09 -2.28
N PHE A 66 7.47 10.40 -1.15
CA PHE A 66 8.54 10.27 -0.15
C PHE A 66 8.96 8.83 0.08
N PHE A 67 8.11 7.86 -0.28
CA PHE A 67 8.39 6.45 -0.03
C PHE A 67 9.66 6.00 -0.76
N SER A 68 9.70 6.19 -2.09
CA SER A 68 10.73 5.68 -2.97
C SER A 68 10.59 6.35 -4.35
N PRO A 69 11.59 6.19 -5.23
CA PRO A 69 11.50 6.63 -6.62
C PRO A 69 10.57 5.72 -7.44
N LEU A 70 9.97 4.70 -6.81
CA LEU A 70 9.01 3.80 -7.42
C LEU A 70 7.84 4.51 -8.07
N ASN A 71 7.14 3.75 -8.91
CA ASN A 71 5.95 4.14 -9.63
C ASN A 71 4.77 4.35 -8.68
N PRO A 72 3.75 5.10 -9.11
CA PRO A 72 2.63 5.52 -8.29
C PRO A 72 1.60 4.41 -8.07
N VAL A 73 1.99 3.17 -8.39
CA VAL A 73 1.20 1.97 -8.18
C VAL A 73 0.89 1.71 -6.69
N ARG A 74 1.14 2.68 -5.81
CA ARG A 74 1.22 2.40 -4.38
C ARG A 74 0.53 3.42 -3.48
N VAL A 75 -0.70 3.85 -3.80
CA VAL A 75 -1.44 4.72 -2.88
C VAL A 75 -2.93 4.40 -2.79
N HIS A 76 -3.46 4.66 -1.59
CA HIS A 76 -4.87 4.57 -1.24
C HIS A 76 -5.07 5.33 0.07
N ILE A 77 -6.33 5.58 0.47
CA ILE A 77 -6.63 6.35 1.66
C ILE A 77 -7.89 5.80 2.33
N GLU A 78 -7.96 5.89 3.66
CA GLU A 78 -9.11 5.37 4.40
C GLU A 78 -9.39 6.15 5.69
N ILE A 79 -10.63 5.96 6.18
CA ILE A 79 -11.20 6.56 7.38
C ILE A 79 -11.16 8.09 7.38
N GLY A 80 -12.21 8.72 7.91
CA GLY A 80 -12.31 10.16 7.97
C GLY A 80 -13.53 10.64 8.74
N PRO A 81 -14.72 10.48 8.15
CA PRO A 81 -16.00 10.83 8.74
C PRO A 81 -16.33 9.89 9.90
N ASP A 82 -15.38 9.04 10.29
CA ASP A 82 -15.56 8.04 11.33
C ASP A 82 -14.26 7.74 12.08
N GLY A 83 -13.24 8.57 11.86
CA GLY A 83 -11.94 8.44 12.50
C GLY A 83 -11.41 9.82 12.83
N ARG A 84 -12.32 10.79 12.96
CA ARG A 84 -12.00 12.19 13.20
C ARG A 84 -10.99 12.69 12.18
N VAL A 85 -11.40 12.72 10.91
CA VAL A 85 -10.62 13.17 9.76
C VAL A 85 -9.19 12.60 9.74
N THR A 86 -9.01 11.39 10.29
CA THR A 86 -7.70 10.74 10.34
C THR A 86 -6.99 10.75 8.99
N GLY A 87 -7.76 10.62 7.88
CA GLY A 87 -7.21 10.61 6.54
C GLY A 87 -6.01 9.68 6.40
N GLU A 88 -6.00 8.57 7.15
CA GLU A 88 -4.86 7.65 7.15
C GLU A 88 -4.80 6.92 5.81
N ALA A 89 -3.73 6.18 5.55
CA ALA A 89 -3.52 5.62 4.23
C ALA A 89 -2.91 4.23 4.27
N ASP A 90 -2.97 3.58 3.11
CA ASP A 90 -2.34 2.30 2.88
C ASP A 90 -1.80 2.27 1.46
N VAL A 91 -0.89 1.35 1.18
CA VAL A 91 -0.26 1.27 -0.13
C VAL A 91 -0.15 -0.18 -0.59
N GLU A 92 0.23 -0.36 -1.86
CA GLU A 92 0.36 -1.67 -2.48
C GLU A 92 1.65 -1.70 -3.30
N PHE A 93 2.12 -2.89 -3.68
CA PHE A 93 3.35 -3.02 -4.42
C PHE A 93 3.31 -4.20 -5.39
N ALA A 94 4.07 -4.04 -6.48
CA ALA A 94 4.30 -5.09 -7.44
C ALA A 94 5.43 -5.96 -6.88
N THR A 95 5.07 -7.18 -6.45
CA THR A 95 5.94 -8.15 -5.81
C THR A 95 6.50 -7.63 -4.48
N HIS A 96 6.94 -8.57 -3.63
CA HIS A 96 7.51 -8.21 -2.36
C HIS A 96 8.85 -7.49 -2.55
N GLU A 97 9.41 -7.57 -3.76
CA GLU A 97 10.68 -6.95 -4.08
C GLU A 97 10.54 -5.43 -4.14
N GLU A 98 9.46 -4.91 -4.72
CA GLU A 98 9.23 -3.47 -4.65
C GLU A 98 8.79 -3.08 -3.23
N ALA A 99 8.19 -4.03 -2.49
CA ALA A 99 7.77 -3.73 -1.12
C ALA A 99 8.97 -3.53 -0.20
N VAL A 100 10.02 -4.36 -0.34
CA VAL A 100 11.21 -4.19 0.49
C VAL A 100 12.09 -3.07 -0.06
N ALA A 101 11.96 -2.74 -1.35
CA ALA A 101 12.66 -1.60 -1.91
C ALA A 101 12.05 -0.31 -1.37
N ALA A 102 10.82 -0.40 -0.84
CA ALA A 102 10.15 0.71 -0.22
C ALA A 102 10.36 0.72 1.29
N MET A 103 10.82 -0.40 1.86
CA MET A 103 11.19 -0.47 3.26
C MET A 103 12.53 0.21 3.48
N SER A 104 12.50 1.55 3.52
CA SER A 104 13.67 2.38 3.75
C SER A 104 13.29 3.65 4.50
N LYS A 105 12.07 3.68 5.06
CA LYS A 105 11.52 4.88 5.69
C LYS A 105 10.93 4.59 7.07
N ASP A 106 11.39 3.51 7.72
CA ASP A 106 10.99 3.12 9.06
C ASP A 106 10.85 4.35 9.97
N ARG A 107 9.60 4.73 10.24
CA ARG A 107 9.21 5.91 10.99
C ARG A 107 10.14 7.11 10.74
N ALA A 108 10.48 7.33 9.46
CA ALA A 108 11.33 8.42 8.97
C ALA A 108 10.63 9.78 9.04
N ASN A 109 10.93 10.68 8.10
CA ASN A 109 10.38 12.03 8.04
C ASN A 109 9.98 12.38 6.60
N MET A 110 9.40 13.56 6.38
CA MET A 110 8.96 13.97 5.05
C MET A 110 9.03 15.48 4.83
N GLN A 111 8.72 16.31 5.83
CA GLN A 111 8.70 17.75 5.63
C GLN A 111 8.92 18.54 6.91
N HIS A 112 8.21 18.21 7.99
CA HIS A 112 8.33 18.97 9.23
C HIS A 112 8.01 18.14 10.48
N ARG A 113 7.70 16.85 10.29
CA ARG A 113 7.40 15.92 11.37
C ARG A 113 7.71 14.51 10.91
N TYR A 114 7.68 13.54 11.83
CA TYR A 114 7.98 12.17 11.46
C TYR A 114 6.82 11.57 10.66
N ILE A 115 7.09 10.53 9.89
CA ILE A 115 6.11 9.82 9.08
C ILE A 115 6.47 8.35 9.17
N GLU A 116 5.51 7.45 9.01
CA GLU A 116 5.78 6.05 9.27
C GLU A 116 5.02 5.13 8.32
N LEU A 117 5.59 3.94 8.12
CA LEU A 117 5.01 2.88 7.30
C LEU A 117 5.45 1.52 7.85
N PHE A 118 4.56 0.52 7.80
CA PHE A 118 4.78 -0.76 8.46
C PHE A 118 4.38 -1.89 7.50
N LEU A 119 5.30 -2.82 7.27
CA LEU A 119 5.19 -3.86 6.24
C LEU A 119 3.95 -4.73 6.42
N ASN A 120 3.34 -5.16 5.31
CA ASN A 120 2.19 -6.04 5.27
C ASN A 120 2.27 -6.96 4.05
N SER A 121 3.42 -7.63 3.90
CA SER A 121 3.67 -8.58 2.83
C SER A 121 4.71 -9.60 3.27
N THR A 122 4.79 -10.74 2.58
CA THR A 122 5.71 -11.81 2.94
C THR A 122 6.05 -12.70 1.74
N THR A 123 5.92 -12.15 0.52
CA THR A 123 6.17 -12.86 -0.74
C THR A 123 5.48 -14.23 -0.82
N GLY A 124 4.35 -14.41 -0.11
CA GLY A 124 3.65 -15.68 -0.07
C GLY A 124 2.32 -15.67 -0.82
N ALA A 125 1.92 -14.51 -1.37
CA ALA A 125 0.69 -14.39 -2.13
C ALA A 125 0.70 -13.14 -3.01
N SER A 126 -0.17 -13.10 -4.01
CA SER A 126 -0.32 -11.95 -4.91
C SER A 126 -1.69 -11.94 -5.60
N ASN A 127 -2.42 -13.06 -5.55
CA ASN A 127 -3.75 -13.16 -6.12
C ASN A 127 -4.53 -14.25 -5.37
N GLY A 128 -5.83 -14.37 -5.64
CA GLY A 128 -6.66 -15.37 -4.99
C GLY A 128 -8.10 -15.39 -5.50
N ALA A 129 -8.41 -14.64 -6.56
CA ALA A 129 -9.77 -14.59 -7.08
C ALA A 129 -9.80 -14.40 -8.60
N TYR A 130 -8.63 -14.28 -9.25
CA TYR A 130 -8.57 -14.10 -10.69
C TYR A 130 -7.19 -14.49 -11.23
N SER A 131 -7.07 -14.53 -12.57
CA SER A 131 -5.82 -14.85 -13.24
C SER A 131 -5.76 -14.09 -14.57
N SER A 132 -4.55 -13.84 -15.06
CA SER A 132 -4.33 -13.11 -16.30
C SER A 132 -4.56 -13.97 -17.54
N GLN A 133 -4.85 -15.26 -17.36
CA GLN A 133 -5.10 -16.17 -18.47
C GLN A 133 -6.04 -17.29 -18.02
N VAL A 134 -6.43 -18.17 -18.95
CA VAL A 134 -7.37 -19.27 -18.75
C VAL A 134 -8.60 -18.83 -17.96
N MET A 135 -8.92 -17.53 -18.03
CA MET A 135 -10.04 -16.93 -17.33
C MET A 135 -10.60 -15.73 -18.11
N GLN A 136 -10.14 -15.54 -19.36
CA GLN A 136 -10.59 -14.43 -20.19
C GLN A 136 -12.07 -14.53 -20.54
N GLY A 137 -12.68 -15.70 -20.31
CA GLY A 137 -14.09 -15.93 -20.59
C GLY A 137 -14.51 -17.35 -20.19
N MET A 138 -15.79 -17.66 -20.39
CA MET A 138 -16.35 -18.97 -20.05
C MET A 138 -17.58 -19.23 -20.94
N GLY A 139 -17.93 -20.51 -21.10
CA GLY A 139 -19.06 -20.91 -21.91
C GLY A 139 -19.24 -22.44 -21.88
N GLY A 35 -33.05 -12.54 -10.88
CA GLY A 35 -31.68 -12.07 -10.62
C GLY A 35 -31.64 -11.12 -9.43
N ASP A 36 -30.57 -11.18 -8.64
CA ASP A 36 -30.40 -10.34 -7.47
C ASP A 36 -28.92 -10.05 -7.21
N SER A 37 -28.05 -10.41 -8.16
CA SER A 37 -26.61 -10.23 -8.05
C SER A 37 -25.97 -10.12 -9.43
N GLU A 38 -24.65 -9.90 -9.45
CA GLU A 38 -23.87 -9.76 -10.66
C GLU A 38 -22.49 -10.37 -10.41
N PHE A 39 -21.73 -10.60 -11.49
CA PHE A 39 -20.45 -11.26 -11.39
C PHE A 39 -19.40 -10.38 -10.73
N THR A 40 -18.46 -11.01 -10.04
CA THR A 40 -17.36 -10.36 -9.34
C THR A 40 -16.15 -11.28 -9.31
N VAL A 41 -15.01 -10.76 -8.84
CA VAL A 41 -13.78 -11.53 -8.70
C VAL A 41 -13.06 -11.08 -7.43
N GLN A 42 -12.34 -12.00 -6.79
CA GLN A 42 -11.59 -11.72 -5.58
C GLN A 42 -10.28 -12.51 -5.58
N SER A 43 -9.28 -12.00 -4.87
CA SER A 43 -7.96 -12.62 -4.78
C SER A 43 -7.17 -12.03 -3.62
N THR A 44 -5.92 -12.47 -3.47
CA THR A 44 -5.01 -12.00 -2.42
C THR A 44 -3.62 -11.77 -3.02
N THR A 45 -3.48 -11.95 -4.34
CA THR A 45 -2.22 -11.72 -5.05
C THR A 45 -1.87 -10.24 -5.07
N GLY A 46 -1.00 -9.85 -4.15
CA GLY A 46 -0.51 -8.49 -4.08
C GLY A 46 0.38 -8.31 -2.86
N HIS A 47 1.00 -7.14 -2.70
CA HIS A 47 1.91 -6.89 -1.59
C HIS A 47 1.60 -5.51 -1.02
N CYS A 48 1.64 -5.33 0.31
CA CYS A 48 1.22 -4.06 0.88
C CYS A 48 2.02 -3.64 2.09
N VAL A 49 1.79 -2.40 2.53
CA VAL A 49 2.43 -1.75 3.67
C VAL A 49 1.42 -0.75 4.23
N HIS A 50 1.54 -0.40 5.51
CA HIS A 50 0.65 0.57 6.14
C HIS A 50 1.42 1.85 6.44
N MET A 51 0.71 2.98 6.62
CA MET A 51 1.37 4.26 6.86
C MET A 51 0.49 5.18 7.71
N ARG A 52 1.13 5.89 8.63
CA ARG A 52 0.47 6.83 9.52
C ARG A 52 1.42 7.97 9.84
N GLY A 53 0.91 9.01 10.51
CA GLY A 53 1.71 10.17 10.87
C GLY A 53 1.44 11.33 9.94
N LEU A 54 0.88 11.05 8.76
CA LEU A 54 0.54 12.10 7.81
C LEU A 54 -0.29 13.15 8.56
N PRO A 55 0.11 14.42 8.48
CA PRO A 55 -0.69 15.51 8.99
C PRO A 55 -2.12 15.39 8.47
N TYR A 56 -3.07 15.92 9.25
CA TYR A 56 -4.47 15.94 8.88
C TYR A 56 -4.72 16.89 7.68
N LYS A 57 -3.66 17.16 6.90
CA LYS A 57 -3.68 18.06 5.75
C LYS A 57 -2.69 17.59 4.67
N ALA A 58 -2.39 16.28 4.63
CA ALA A 58 -1.48 15.70 3.65
C ALA A 58 -2.10 14.43 3.07
N THR A 59 -1.61 13.96 1.92
CA THR A 59 -2.24 12.84 1.21
C THR A 59 -1.27 11.99 0.40
N GLU A 60 -1.86 10.94 -0.20
CA GLU A 60 -1.19 9.98 -1.06
C GLU A 60 -0.38 10.64 -2.18
N ASN A 61 -0.76 11.85 -2.59
CA ASN A 61 -0.06 12.58 -3.64
C ASN A 61 1.40 12.83 -3.28
N ASP A 62 1.79 12.57 -2.02
CA ASP A 62 3.18 12.69 -1.62
C ASP A 62 3.69 11.38 -1.01
N ILE A 63 2.80 10.46 -0.66
CA ILE A 63 3.21 9.15 -0.16
C ILE A 63 4.02 8.40 -1.20
N TYR A 64 3.50 8.29 -2.43
CA TYR A 64 4.21 7.58 -3.48
C TYR A 64 5.41 8.40 -3.96
N ASN A 65 5.70 9.49 -3.25
CA ASN A 65 6.84 10.36 -3.49
C ASN A 65 7.70 10.51 -2.23
N PHE A 66 7.36 9.76 -1.16
CA PHE A 66 8.10 9.74 0.09
C PHE A 66 8.72 8.37 0.33
N PHE A 67 8.06 7.31 -0.15
CA PHE A 67 8.56 5.95 -0.01
C PHE A 67 9.79 5.72 -0.89
N SER A 68 9.68 6.14 -2.16
CA SER A 68 10.69 5.94 -3.20
C SER A 68 10.17 6.55 -4.50
N PRO A 69 11.01 6.67 -5.53
CA PRO A 69 10.61 7.14 -6.85
C PRO A 69 9.65 6.17 -7.56
N LEU A 70 9.33 5.05 -6.92
CA LEU A 70 8.36 4.08 -7.41
C LEU A 70 7.06 4.74 -7.84
N ASN A 71 6.44 4.12 -8.86
CA ASN A 71 5.21 4.55 -9.48
C ASN A 71 4.04 4.54 -8.50
N PRO A 72 2.97 5.29 -8.80
CA PRO A 72 1.81 5.48 -7.95
C PRO A 72 0.82 4.31 -8.05
N VAL A 73 1.29 3.18 -8.59
CA VAL A 73 0.54 1.93 -8.73
C VAL A 73 0.02 1.37 -7.40
N ARG A 74 0.19 2.11 -6.30
CA ARG A 74 0.14 1.50 -4.98
C ARG A 74 -0.56 2.32 -3.90
N VAL A 75 -0.90 3.59 -4.12
CA VAL A 75 -1.46 4.36 -3.03
C VAL A 75 -2.93 4.04 -2.73
N HIS A 76 -3.31 4.30 -1.47
CA HIS A 76 -4.64 4.17 -0.95
C HIS A 76 -4.76 5.05 0.29
N ILE A 77 -5.97 5.17 0.86
CA ILE A 77 -6.22 6.07 1.98
C ILE A 77 -7.08 5.36 3.03
N GLU A 78 -7.03 5.86 4.28
CA GLU A 78 -7.70 5.26 5.42
C GLU A 78 -8.44 6.30 6.24
N ILE A 79 -9.45 5.80 6.97
CA ILE A 79 -10.44 6.55 7.73
C ILE A 79 -11.44 7.31 6.85
N GLY A 80 -12.54 7.72 7.47
CA GLY A 80 -13.71 8.31 6.82
C GLY A 80 -14.25 9.48 7.62
N PRO A 81 -15.55 9.77 7.46
CA PRO A 81 -16.25 10.86 8.12
C PRO A 81 -16.40 10.55 9.61
N ASP A 82 -15.65 9.57 10.09
CA ASP A 82 -15.73 9.08 11.46
C ASP A 82 -14.37 9.11 12.14
N GLY A 83 -13.37 9.71 11.49
CA GLY A 83 -12.03 9.91 12.04
C GLY A 83 -11.82 11.38 12.37
N ARG A 84 -12.89 12.18 12.17
CA ARG A 84 -13.02 13.63 12.36
C ARG A 84 -12.81 14.30 11.01
N VAL A 85 -11.83 13.78 10.29
CA VAL A 85 -11.44 14.13 8.92
C VAL A 85 -10.77 12.88 8.37
N THR A 86 -10.14 12.98 7.19
CA THR A 86 -9.40 11.84 6.64
C THR A 86 -8.03 12.27 6.18
N GLY A 87 -7.11 11.31 6.12
CA GLY A 87 -5.72 11.58 5.76
C GLY A 87 -4.79 10.42 6.10
N GLU A 88 -5.27 9.37 6.77
CA GLU A 88 -4.43 8.21 7.05
C GLU A 88 -4.26 7.44 5.74
N ALA A 89 -3.34 6.48 5.66
CA ALA A 89 -3.09 5.84 4.38
C ALA A 89 -2.52 4.45 4.51
N ASP A 90 -2.42 3.79 3.36
CA ASP A 90 -1.78 2.51 3.19
C ASP A 90 -1.39 2.35 1.73
N VAL A 91 -0.55 1.38 1.42
CA VAL A 91 -0.10 1.20 0.04
C VAL A 91 -0.07 -0.28 -0.33
N GLU A 92 -0.04 -0.56 -1.64
CA GLU A 92 -0.10 -1.90 -2.19
C GLU A 92 0.90 -2.03 -3.34
N PHE A 93 2.17 -2.24 -2.98
CA PHE A 93 3.26 -2.34 -3.93
C PHE A 93 3.11 -3.50 -4.91
N ALA A 94 3.74 -3.33 -6.08
CA ALA A 94 3.87 -4.36 -7.08
C ALA A 94 5.01 -5.29 -6.64
N THR A 95 4.65 -6.50 -6.22
CA THR A 95 5.56 -7.54 -5.74
C THR A 95 6.29 -7.11 -4.46
N HIS A 96 6.85 -8.10 -3.77
CA HIS A 96 7.62 -7.86 -2.55
C HIS A 96 8.90 -7.10 -2.88
N GLU A 97 9.34 -7.15 -4.14
CA GLU A 97 10.57 -6.51 -4.58
C GLU A 97 10.45 -5.00 -4.54
N GLU A 98 9.33 -4.44 -5.03
CA GLU A 98 9.14 -2.99 -4.93
C GLU A 98 8.85 -2.60 -3.48
N ALA A 99 8.27 -3.53 -2.71
CA ALA A 99 7.94 -3.23 -1.31
C ALA A 99 9.21 -3.05 -0.48
N VAL A 100 10.16 -4.00 -0.56
CA VAL A 100 11.41 -3.86 0.17
C VAL A 100 12.29 -2.78 -0.43
N ALA A 101 12.12 -2.47 -1.71
CA ALA A 101 12.87 -1.40 -2.35
C ALA A 101 12.38 -0.04 -1.85
N ALA A 102 11.21 -0.01 -1.21
CA ALA A 102 10.66 1.19 -0.62
C ALA A 102 10.85 1.21 0.90
N MET A 103 11.24 0.07 1.47
CA MET A 103 11.54 -0.03 2.90
C MET A 103 12.88 0.63 3.21
N SER A 104 12.86 1.96 3.32
CA SER A 104 14.02 2.77 3.66
C SER A 104 13.62 3.98 4.49
N LYS A 105 12.42 3.93 5.10
CA LYS A 105 11.86 5.07 5.82
C LYS A 105 11.19 4.65 7.13
N ASP A 106 11.59 3.53 7.71
CA ASP A 106 11.07 3.06 8.99
C ASP A 106 10.96 4.23 9.98
N ARG A 107 9.71 4.60 10.28
CA ARG A 107 9.36 5.75 11.11
C ARG A 107 10.30 6.94 10.94
N ALA A 108 10.62 7.25 9.67
CA ALA A 108 11.53 8.31 9.27
C ALA A 108 10.78 9.59 8.89
N ASN A 109 11.53 10.68 8.63
CA ASN A 109 10.99 11.95 8.21
C ASN A 109 10.39 11.86 6.80
N MET A 110 9.66 12.90 6.39
CA MET A 110 8.98 12.96 5.10
C MET A 110 8.98 14.39 4.55
N GLN A 111 8.81 15.36 5.45
CA GLN A 111 8.85 16.78 5.10
C GLN A 111 9.08 17.63 6.34
N HIS A 112 8.52 17.21 7.48
CA HIS A 112 8.61 17.98 8.70
C HIS A 112 8.20 17.20 9.95
N ARG A 113 7.97 15.89 9.85
CA ARG A 113 7.41 15.13 10.96
C ARG A 113 7.85 13.66 10.99
N TYR A 114 7.66 13.06 12.16
CA TYR A 114 7.90 11.66 12.51
C TYR A 114 6.92 10.72 11.79
N ILE A 115 6.82 10.79 10.46
CA ILE A 115 5.93 9.89 9.72
C ILE A 115 6.38 8.45 9.91
N GLU A 116 5.47 7.49 9.72
CA GLU A 116 5.82 6.09 9.89
C GLU A 116 5.10 5.20 8.89
N LEU A 117 5.73 4.06 8.55
CA LEU A 117 5.15 3.05 7.69
C LEU A 117 5.63 1.68 8.15
N PHE A 118 4.79 0.65 7.95
CA PHE A 118 4.96 -0.65 8.58
C PHE A 118 4.76 -1.75 7.55
N LEU A 119 5.83 -2.50 7.24
CA LEU A 119 5.86 -3.52 6.21
C LEU A 119 4.77 -4.56 6.45
N ASN A 120 4.07 -4.97 5.38
CA ASN A 120 2.98 -5.92 5.45
C ASN A 120 2.93 -6.77 4.18
N SER A 121 4.07 -7.37 3.81
CA SER A 121 4.15 -8.24 2.66
C SER A 121 5.28 -9.25 2.80
N THR A 122 5.33 -10.20 1.86
CA THR A 122 6.38 -11.20 1.76
C THR A 122 6.51 -11.61 0.30
N THR A 123 7.62 -12.27 -0.06
CA THR A 123 7.84 -12.71 -1.44
C THR A 123 6.66 -13.55 -1.93
N GLY A 124 6.29 -13.37 -3.20
CA GLY A 124 5.10 -13.97 -3.77
C GLY A 124 4.85 -13.42 -5.16
N ALA A 125 3.58 -13.30 -5.55
CA ALA A 125 3.19 -12.80 -6.86
C ALA A 125 1.99 -11.87 -6.75
N SER A 126 1.63 -11.21 -7.87
CA SER A 126 0.56 -10.22 -7.89
C SER A 126 -0.24 -10.32 -9.18
N ASN A 127 -1.37 -9.61 -9.24
CA ASN A 127 -2.26 -9.61 -10.40
C ASN A 127 -1.54 -9.08 -11.64
N GLY A 128 -2.07 -9.45 -12.82
CA GLY A 128 -1.50 -9.03 -14.09
C GLY A 128 -2.25 -9.65 -15.28
N ALA A 129 -3.47 -10.16 -15.06
CA ALA A 129 -4.22 -10.82 -16.12
C ALA A 129 -5.73 -10.60 -16.01
N TYR A 130 -6.20 -9.83 -15.03
CA TYR A 130 -7.63 -9.55 -14.88
C TYR A 130 -7.86 -8.23 -14.15
N SER A 131 -9.11 -7.78 -14.13
CA SER A 131 -9.50 -6.51 -13.52
C SER A 131 -10.89 -6.60 -12.89
N SER A 132 -11.37 -7.83 -12.64
CA SER A 132 -12.71 -8.09 -12.12
C SER A 132 -13.80 -7.55 -13.05
N GLN A 133 -15.06 -7.68 -12.62
CA GLN A 133 -16.21 -7.25 -13.40
C GLN A 133 -17.28 -6.63 -12.51
N VAL A 134 -16.91 -6.34 -11.26
CA VAL A 134 -17.78 -5.72 -10.26
C VAL A 134 -18.15 -4.29 -10.66
N MET A 135 -17.54 -3.79 -11.74
CA MET A 135 -17.74 -2.45 -12.24
C MET A 135 -19.13 -2.32 -12.88
N GLN A 136 -19.62 -1.06 -12.99
CA GLN A 136 -20.91 -0.77 -13.58
C GLN A 136 -20.86 0.54 -14.37
N GLY A 137 -19.68 1.16 -14.47
CA GLY A 137 -19.50 2.41 -15.18
C GLY A 137 -18.07 2.94 -15.00
N MET A 138 -17.78 4.09 -15.61
CA MET A 138 -16.47 4.72 -15.54
C MET A 138 -16.60 6.25 -15.48
N GLY A 139 -17.82 6.75 -15.32
CA GLY A 139 -18.08 8.19 -15.26
C GLY A 139 -19.56 8.46 -15.01
N GLY A 35 9.63 -30.15 -2.90
CA GLY A 35 9.00 -29.00 -3.55
C GLY A 35 9.83 -27.73 -3.37
N ASP A 36 9.67 -26.76 -4.27
CA ASP A 36 10.40 -25.50 -4.22
C ASP A 36 9.55 -24.35 -4.77
N SER A 37 8.27 -24.62 -5.09
CA SER A 37 7.36 -23.64 -5.65
C SER A 37 5.93 -23.92 -5.18
N GLU A 38 5.02 -22.97 -5.45
CA GLU A 38 3.62 -23.07 -5.07
C GLU A 38 2.78 -22.35 -6.10
N PHE A 39 1.46 -22.57 -6.05
CA PHE A 39 0.55 -22.00 -7.02
C PHE A 39 0.33 -20.51 -6.77
N THR A 40 -0.32 -19.84 -7.71
CA THR A 40 -0.60 -18.40 -7.64
C THR A 40 -1.96 -18.11 -8.27
N VAL A 41 -2.48 -16.89 -8.07
CA VAL A 41 -3.76 -16.46 -8.58
C VAL A 41 -3.68 -15.00 -9.05
N GLN A 42 -4.79 -14.50 -9.59
CA GLN A 42 -4.91 -13.16 -10.16
C GLN A 42 -4.78 -12.03 -9.13
N SER A 43 -4.26 -12.31 -7.94
CA SER A 43 -4.09 -11.30 -6.91
C SER A 43 -2.75 -11.42 -6.20
N THR A 44 -1.94 -12.41 -6.55
CA THR A 44 -0.60 -12.56 -5.99
C THR A 44 0.32 -11.45 -6.52
N THR A 45 -0.15 -10.71 -7.54
CA THR A 45 0.59 -9.63 -8.16
C THR A 45 0.54 -8.35 -7.32
N GLY A 46 0.25 -8.48 -6.03
CA GLY A 46 0.10 -7.33 -5.15
C GLY A 46 0.69 -7.62 -3.78
N HIS A 47 1.20 -6.58 -3.11
CA HIS A 47 1.86 -6.67 -1.83
C HIS A 47 1.59 -5.37 -1.09
N CYS A 48 1.40 -5.39 0.24
CA CYS A 48 0.93 -4.20 0.93
C CYS A 48 1.86 -3.71 2.03
N VAL A 49 1.62 -2.47 2.47
CA VAL A 49 2.30 -1.79 3.56
C VAL A 49 1.32 -0.77 4.13
N HIS A 50 1.46 -0.42 5.41
CA HIS A 50 0.59 0.57 6.04
C HIS A 50 1.35 1.88 6.27
N MET A 51 0.62 2.98 6.48
CA MET A 51 1.23 4.28 6.69
C MET A 51 0.28 5.19 7.48
N ARG A 52 0.87 6.07 8.30
CA ARG A 52 0.10 7.04 9.07
C ARG A 52 1.02 8.18 9.51
N GLY A 53 0.49 9.12 10.32
CA GLY A 53 1.22 10.33 10.66
C GLY A 53 1.14 11.34 9.51
N LEU A 54 0.36 11.00 8.49
CA LEU A 54 0.20 11.76 7.27
C LEU A 54 -1.26 12.06 6.94
N PRO A 55 -2.17 11.06 6.95
CA PRO A 55 -3.52 11.10 6.38
C PRO A 55 -4.43 12.31 6.60
N TYR A 56 -4.04 13.35 7.34
CA TYR A 56 -4.88 14.53 7.48
C TYR A 56 -4.09 15.85 7.52
N LYS A 57 -2.89 15.85 6.91
CA LYS A 57 -2.10 17.07 6.73
C LYS A 57 -1.50 17.15 5.32
N ALA A 58 -1.51 16.03 4.58
CA ALA A 58 -1.03 15.96 3.21
C ALA A 58 -1.71 14.79 2.51
N THR A 59 -1.25 14.41 1.31
CA THR A 59 -1.91 13.37 0.53
C THR A 59 -0.96 12.42 -0.19
N GLU A 60 -1.58 11.43 -0.83
CA GLU A 60 -0.90 10.38 -1.58
C GLU A 60 0.11 10.89 -2.59
N ASN A 61 -0.07 12.12 -3.09
CA ASN A 61 0.85 12.71 -4.04
C ASN A 61 2.27 12.85 -3.46
N ASP A 62 2.41 12.69 -2.15
CA ASP A 62 3.71 12.73 -1.48
C ASP A 62 4.00 11.40 -0.79
N ILE A 63 2.99 10.54 -0.66
CA ILE A 63 3.20 9.20 -0.13
C ILE A 63 4.00 8.33 -1.10
N TYR A 64 3.57 8.26 -2.38
CA TYR A 64 4.27 7.44 -3.35
C TYR A 64 5.59 8.09 -3.76
N ASN A 65 5.95 9.20 -3.10
CA ASN A 65 7.19 9.91 -3.34
C ASN A 65 8.08 9.85 -2.09
N PHE A 66 7.47 9.66 -0.91
CA PHE A 66 8.17 9.37 0.33
C PHE A 66 8.68 7.94 0.32
N PHE A 67 8.00 7.08 -0.45
CA PHE A 67 8.33 5.68 -0.64
C PHE A 67 9.20 5.49 -1.87
N SER A 68 10.31 6.23 -1.95
CA SER A 68 11.26 6.17 -3.06
C SER A 68 10.62 6.70 -4.34
N PRO A 69 11.40 6.94 -5.41
CA PRO A 69 10.89 7.36 -6.70
C PRO A 69 9.98 6.34 -7.37
N LEU A 70 9.57 5.29 -6.65
CA LEU A 70 8.66 4.27 -7.15
C LEU A 70 7.37 4.88 -7.69
N ASN A 71 6.77 4.14 -8.61
CA ASN A 71 5.57 4.53 -9.33
C ASN A 71 4.34 4.59 -8.41
N PRO A 72 3.32 5.35 -8.81
CA PRO A 72 2.11 5.61 -8.03
C PRO A 72 1.08 4.49 -8.16
N VAL A 73 1.50 3.34 -8.68
CA VAL A 73 0.69 2.14 -8.89
C VAL A 73 0.06 1.59 -7.60
N ARG A 74 0.16 2.31 -6.48
CA ARG A 74 -0.02 1.68 -5.18
C ARG A 74 -0.70 2.50 -4.10
N VAL A 75 -0.97 3.79 -4.30
CA VAL A 75 -1.54 4.59 -3.22
C VAL A 75 -3.02 4.30 -2.98
N HIS A 76 -3.43 4.46 -1.71
CA HIS A 76 -4.80 4.34 -1.26
C HIS A 76 -4.94 5.10 0.06
N ILE A 77 -6.18 5.50 0.40
CA ILE A 77 -6.45 6.25 1.61
C ILE A 77 -7.83 5.85 2.14
N GLU A 78 -8.03 5.99 3.45
CA GLU A 78 -9.28 5.61 4.11
C GLU A 78 -9.66 6.67 5.15
N ILE A 79 -10.97 6.88 5.31
CA ILE A 79 -11.54 7.93 6.15
C ILE A 79 -12.80 7.39 6.85
N GLY A 80 -13.38 8.18 7.76
CA GLY A 80 -14.54 7.79 8.55
C GLY A 80 -15.48 8.97 8.78
N PRO A 81 -16.45 8.81 9.68
CA PRO A 81 -17.49 9.79 10.00
C PRO A 81 -16.92 10.99 10.76
N ASP A 82 -15.63 11.24 10.58
CA ASP A 82 -14.91 12.32 11.24
C ASP A 82 -14.11 13.15 10.22
N GLY A 83 -13.55 12.44 9.24
CA GLY A 83 -12.78 12.98 8.12
C GLY A 83 -11.84 14.15 8.42
N ARG A 84 -11.27 14.22 9.62
CA ARG A 84 -10.26 15.23 9.91
C ARG A 84 -9.11 14.70 10.79
N VAL A 85 -9.31 13.55 11.44
CA VAL A 85 -8.30 12.93 12.28
C VAL A 85 -8.40 11.39 12.24
N THR A 86 -9.58 10.85 11.94
CA THR A 86 -9.77 9.41 11.85
C THR A 86 -9.01 8.80 10.67
N GLY A 87 -8.40 9.63 9.83
CA GLY A 87 -7.78 9.18 8.60
C GLY A 87 -6.70 8.12 8.80
N GLU A 88 -6.49 7.33 7.75
CA GLU A 88 -5.49 6.28 7.70
C GLU A 88 -5.12 6.10 6.23
N ALA A 89 -3.95 5.53 5.94
CA ALA A 89 -3.56 5.27 4.57
C ALA A 89 -2.82 3.95 4.46
N ASP A 90 -2.88 3.37 3.27
CA ASP A 90 -2.19 2.14 2.97
C ASP A 90 -1.74 2.15 1.51
N VAL A 91 -0.85 1.21 1.16
CA VAL A 91 -0.36 1.12 -0.20
C VAL A 91 -0.27 -0.34 -0.64
N GLU A 92 -0.13 -0.55 -1.96
CA GLU A 92 -0.09 -1.87 -2.55
C GLU A 92 1.03 -1.93 -3.60
N PHE A 93 2.27 -2.03 -3.12
CA PHE A 93 3.45 -2.09 -3.98
C PHE A 93 3.38 -3.22 -5.00
N ALA A 94 4.07 -3.01 -6.12
CA ALA A 94 4.26 -4.04 -7.11
C ALA A 94 5.37 -4.98 -6.61
N THR A 95 4.96 -6.17 -6.15
CA THR A 95 5.84 -7.22 -5.62
C THR A 95 6.50 -6.78 -4.31
N HIS A 96 6.98 -7.76 -3.54
CA HIS A 96 7.67 -7.47 -2.31
C HIS A 96 9.01 -6.79 -2.59
N GLU A 97 9.48 -6.85 -3.83
CA GLU A 97 10.75 -6.27 -4.23
C GLU A 97 10.67 -4.74 -4.25
N GLU A 98 9.57 -4.17 -4.75
CA GLU A 98 9.39 -2.73 -4.67
C GLU A 98 9.06 -2.34 -3.23
N ALA A 99 8.43 -3.26 -2.47
CA ALA A 99 8.08 -2.97 -1.09
C ALA A 99 9.34 -2.80 -0.23
N VAL A 100 10.36 -3.64 -0.42
CA VAL A 100 11.61 -3.49 0.32
C VAL A 100 12.46 -2.38 -0.29
N ALA A 101 12.24 -2.04 -1.57
CA ALA A 101 12.92 -0.92 -2.20
C ALA A 101 12.36 0.40 -1.66
N ALA A 102 11.28 0.32 -0.87
CA ALA A 102 10.69 1.48 -0.22
C ALA A 102 10.81 1.37 1.30
N MET A 103 11.24 0.20 1.81
CA MET A 103 11.51 0.03 3.23
C MET A 103 12.89 0.61 3.57
N SER A 104 12.94 1.95 3.62
CA SER A 104 14.12 2.72 3.96
C SER A 104 13.71 3.97 4.71
N LYS A 105 12.52 3.92 5.33
CA LYS A 105 11.90 5.07 5.97
C LYS A 105 11.41 4.74 7.38
N ASP A 106 11.98 3.73 8.02
CA ASP A 106 11.66 3.38 9.40
C ASP A 106 11.61 4.64 10.27
N ARG A 107 10.39 4.99 10.68
CA ARG A 107 10.04 6.21 11.39
C ARG A 107 10.82 7.44 10.95
N ALA A 108 11.16 7.50 9.65
CA ALA A 108 11.82 8.62 9.01
C ALA A 108 10.85 9.79 8.85
N ASN A 109 11.17 10.72 7.94
CA ASN A 109 10.38 11.92 7.73
C ASN A 109 10.00 12.09 6.26
N MET A 110 9.19 13.12 5.96
CA MET A 110 8.68 13.37 4.61
C MET A 110 8.87 14.82 4.21
N GLN A 111 8.74 15.75 5.16
CA GLN A 111 8.90 17.17 4.86
C GLN A 111 9.31 17.98 6.10
N HIS A 112 8.94 17.56 7.30
CA HIS A 112 9.27 18.32 8.49
C HIS A 112 9.19 17.53 9.80
N ARG A 113 8.67 16.30 9.77
CA ARG A 113 8.51 15.52 11.00
C ARG A 113 8.45 14.02 10.73
N TYR A 114 8.49 13.25 11.82
CA TYR A 114 8.37 11.79 11.85
C TYR A 114 7.10 11.34 11.13
N ILE A 115 7.14 10.15 10.51
CA ILE A 115 6.03 9.56 9.78
C ILE A 115 6.01 8.05 10.08
N GLU A 116 4.84 7.41 9.97
CA GLU A 116 4.74 5.98 10.21
C GLU A 116 4.62 5.21 8.90
N LEU A 117 5.24 4.03 8.85
CA LEU A 117 4.91 3.01 7.88
C LEU A 117 5.41 1.67 8.40
N PHE A 118 4.74 0.59 8.03
CA PHE A 118 5.05 -0.73 8.58
C PHE A 118 4.64 -1.80 7.58
N LEU A 119 5.52 -2.78 7.34
CA LEU A 119 5.36 -3.77 6.29
C LEU A 119 4.07 -4.59 6.46
N ASN A 120 3.50 -5.05 5.34
CA ASN A 120 2.28 -5.85 5.32
C ASN A 120 2.30 -6.79 4.10
N SER A 121 3.45 -7.42 3.85
CA SER A 121 3.59 -8.40 2.78
C SER A 121 4.85 -9.23 2.99
N THR A 122 5.06 -10.21 2.08
CA THR A 122 6.28 -11.00 2.07
C THR A 122 6.59 -11.44 0.64
N THR A 123 7.81 -11.91 0.41
CA THR A 123 8.32 -12.29 -0.91
C THR A 123 7.66 -13.56 -1.47
N GLY A 124 6.56 -14.01 -0.86
CA GLY A 124 5.88 -15.22 -1.32
C GLY A 124 4.36 -15.16 -1.13
N ALA A 125 3.83 -14.04 -0.67
CA ALA A 125 2.39 -13.86 -0.48
C ALA A 125 2.05 -12.38 -0.42
N SER A 126 0.83 -12.05 -0.84
CA SER A 126 0.33 -10.67 -0.84
C SER A 126 0.34 -10.10 0.59
N ASN A 127 0.00 -10.97 1.56
CA ASN A 127 0.00 -10.64 2.98
C ASN A 127 -0.28 -11.91 3.79
N GLY A 128 -1.00 -12.86 3.21
CA GLY A 128 -1.36 -14.11 3.87
C GLY A 128 -2.62 -14.73 3.28
N ALA A 129 -3.27 -14.02 2.35
CA ALA A 129 -4.49 -14.48 1.70
C ALA A 129 -4.55 -13.95 0.27
N TYR A 130 -5.64 -14.22 -0.44
CA TYR A 130 -5.81 -13.83 -1.83
C TYR A 130 -7.28 -13.52 -2.14
N SER A 131 -7.54 -12.98 -3.34
CA SER A 131 -8.88 -12.59 -3.75
C SER A 131 -9.09 -12.80 -5.26
N SER A 132 -8.08 -13.33 -5.96
CA SER A 132 -8.11 -13.55 -7.41
C SER A 132 -8.59 -12.32 -8.18
N GLN A 133 -8.31 -11.13 -7.66
CA GLN A 133 -8.62 -9.87 -8.31
C GLN A 133 -7.61 -8.81 -7.89
N VAL A 134 -7.37 -7.83 -8.77
CA VAL A 134 -6.49 -6.71 -8.49
C VAL A 134 -6.92 -5.51 -9.33
N MET A 135 -7.05 -4.36 -8.66
CA MET A 135 -7.43 -3.11 -9.28
C MET A 135 -6.83 -1.93 -8.52
N GLN A 136 -6.94 -0.73 -9.09
CA GLN A 136 -6.42 0.49 -8.49
C GLN A 136 -7.21 1.71 -8.98
N GLY A 137 -6.93 2.88 -8.41
CA GLY A 137 -7.60 4.12 -8.78
C GLY A 137 -7.02 5.31 -8.00
N MET A 138 -7.58 6.50 -8.26
CA MET A 138 -7.14 7.74 -7.64
C MET A 138 -8.35 8.65 -7.41
N GLY A 139 -8.13 9.76 -6.68
CA GLY A 139 -9.18 10.72 -6.39
C GLY A 139 -8.63 11.90 -5.60
N GLY A 35 -16.39 -1.61 21.51
CA GLY A 35 -16.09 -2.81 20.71
C GLY A 35 -15.14 -2.49 19.57
N ASP A 36 -14.32 -3.47 19.18
CA ASP A 36 -13.35 -3.31 18.10
C ASP A 36 -13.16 -4.62 17.33
N SER A 37 -13.96 -5.64 17.66
CA SER A 37 -13.88 -6.95 17.02
C SER A 37 -14.26 -6.88 15.54
N GLU A 38 -14.02 -7.98 14.82
CA GLU A 38 -14.33 -8.10 13.40
C GLU A 38 -14.57 -9.57 13.08
N PHE A 39 -15.36 -9.85 12.04
CA PHE A 39 -15.70 -11.21 11.67
C PHE A 39 -15.80 -11.40 10.15
N THR A 40 -15.30 -10.43 9.39
CA THR A 40 -15.34 -10.44 7.93
C THR A 40 -14.00 -10.01 7.36
N VAL A 41 -13.75 -10.34 6.09
CA VAL A 41 -12.49 -10.08 5.41
C VAL A 41 -12.75 -9.72 3.95
N GLN A 42 -11.70 -9.40 3.21
CA GLN A 42 -11.76 -9.04 1.80
C GLN A 42 -10.69 -9.83 1.02
N SER A 43 -10.47 -9.47 -0.24
CA SER A 43 -9.53 -10.20 -1.10
C SER A 43 -8.52 -9.25 -1.73
N THR A 44 -7.43 -9.82 -2.27
CA THR A 44 -6.35 -9.05 -2.87
C THR A 44 -5.63 -9.91 -3.91
N THR A 45 -4.69 -9.29 -4.63
CA THR A 45 -3.90 -9.94 -5.67
C THR A 45 -2.53 -9.28 -5.76
N GLY A 46 -2.08 -8.70 -4.64
CA GLY A 46 -0.86 -7.91 -4.63
C GLY A 46 -0.23 -7.85 -3.24
N HIS A 47 0.65 -6.86 -3.04
CA HIS A 47 1.40 -6.71 -1.80
C HIS A 47 1.14 -5.30 -1.27
N CYS A 48 1.04 -5.11 0.05
CA CYS A 48 0.65 -3.82 0.59
C CYS A 48 1.49 -3.39 1.79
N VAL A 49 1.29 -2.12 2.17
CA VAL A 49 1.88 -1.46 3.33
C VAL A 49 0.86 -0.39 3.73
N HIS A 50 0.92 0.10 4.97
CA HIS A 50 0.03 1.17 5.41
C HIS A 50 0.86 2.33 5.91
N MET A 51 0.29 3.53 5.95
CA MET A 51 1.02 4.72 6.35
C MET A 51 0.09 5.81 6.88
N ARG A 52 0.67 6.76 7.62
CA ARG A 52 -0.01 7.93 8.18
C ARG A 52 1.02 9.04 8.36
N GLY A 53 0.67 10.09 9.09
CA GLY A 53 1.55 11.24 9.30
C GLY A 53 1.21 12.43 8.42
N LEU A 54 0.16 12.31 7.59
CA LEU A 54 -0.19 13.37 6.64
C LEU A 54 -1.49 14.12 6.97
N PRO A 55 -2.61 13.45 7.28
CA PRO A 55 -4.00 13.91 7.25
C PRO A 55 -4.44 15.36 7.48
N TYR A 56 -3.56 16.32 7.81
CA TYR A 56 -3.96 17.72 7.91
C TYR A 56 -3.00 18.65 7.18
N LYS A 57 -1.94 18.10 6.55
CA LYS A 57 -0.90 18.92 5.94
C LYS A 57 -0.34 18.35 4.65
N ALA A 58 -0.76 17.13 4.25
CA ALA A 58 -0.24 16.48 3.06
C ALA A 58 -1.21 15.42 2.54
N THR A 59 -0.88 14.77 1.42
CA THR A 59 -1.76 13.80 0.78
C THR A 59 -0.98 12.72 0.02
N GLU A 60 -1.72 11.84 -0.65
CA GLU A 60 -1.16 10.73 -1.42
C GLU A 60 -0.10 11.18 -2.42
N ASN A 61 -0.21 12.40 -2.95
CA ASN A 61 0.77 12.95 -3.88
C ASN A 61 2.16 13.02 -3.24
N ASP A 62 2.22 12.96 -1.91
CA ASP A 62 3.46 12.96 -1.17
C ASP A 62 3.84 11.57 -0.69
N ILE A 63 2.87 10.66 -0.56
CA ILE A 63 3.11 9.29 -0.14
C ILE A 63 4.00 8.57 -1.14
N TYR A 64 3.53 8.44 -2.38
CA TYR A 64 4.30 7.71 -3.38
C TYR A 64 5.48 8.54 -3.86
N ASN A 65 5.71 9.69 -3.19
CA ASN A 65 6.79 10.60 -3.48
C ASN A 65 7.87 10.60 -2.39
N PHE A 66 7.62 9.97 -1.23
CA PHE A 66 8.62 9.91 -0.17
C PHE A 66 9.00 8.47 0.18
N PHE A 67 8.19 7.49 -0.23
CA PHE A 67 8.43 6.09 0.09
C PHE A 67 9.80 5.62 -0.43
N SER A 68 10.15 6.04 -1.64
CA SER A 68 11.37 5.65 -2.36
C SER A 68 11.20 5.97 -3.85
N PRO A 69 12.23 5.75 -4.68
CA PRO A 69 12.21 5.90 -6.14
C PRO A 69 11.18 5.00 -6.85
N LEU A 70 10.19 4.49 -6.10
CA LEU A 70 9.15 3.60 -6.56
C LEU A 70 8.22 4.24 -7.59
N ASN A 71 7.00 3.71 -7.69
CA ASN A 71 6.05 4.03 -8.74
C ASN A 71 4.70 4.45 -8.14
N PRO A 72 3.86 5.15 -8.91
CA PRO A 72 2.58 5.69 -8.48
C PRO A 72 1.45 4.67 -8.56
N VAL A 73 1.78 3.44 -8.94
CA VAL A 73 0.86 2.33 -9.13
C VAL A 73 0.07 1.93 -7.89
N ARG A 74 0.12 2.68 -6.78
CA ARG A 74 -0.21 2.09 -5.50
C ARG A 74 -0.97 2.93 -4.48
N VAL A 75 -1.05 4.26 -4.59
CA VAL A 75 -1.68 5.02 -3.51
C VAL A 75 -3.16 4.70 -3.35
N HIS A 76 -3.62 4.73 -2.10
CA HIS A 76 -5.00 4.49 -1.71
C HIS A 76 -5.24 5.12 -0.34
N ILE A 77 -6.51 5.36 0.01
CA ILE A 77 -6.87 6.07 1.24
C ILE A 77 -8.12 5.44 1.85
N GLU A 78 -8.18 5.45 3.19
CA GLU A 78 -9.24 4.79 3.94
C GLU A 78 -9.60 5.63 5.17
N ILE A 79 -10.81 5.42 5.69
CA ILE A 79 -11.27 6.16 6.86
C ILE A 79 -10.28 6.00 8.01
N GLY A 80 -10.08 7.06 8.78
CA GLY A 80 -9.13 7.07 9.88
C GLY A 80 -9.59 6.19 11.04
N PRO A 81 -8.72 6.05 12.04
CA PRO A 81 -9.00 5.37 13.29
C PRO A 81 -9.92 6.23 14.14
N ASP A 82 -10.38 7.35 13.56
CA ASP A 82 -11.22 8.32 14.22
C ASP A 82 -12.35 8.83 13.31
N GLY A 83 -12.36 8.39 12.04
CA GLY A 83 -13.36 8.75 11.05
C GLY A 83 -13.78 10.21 11.06
N ARG A 84 -12.84 11.13 11.35
CA ARG A 84 -13.14 12.56 11.38
C ARG A 84 -12.34 13.35 10.34
N VAL A 85 -11.43 12.69 9.62
CA VAL A 85 -10.65 13.31 8.57
C VAL A 85 -10.18 12.30 7.53
N THR A 86 -10.71 11.07 7.57
CA THR A 86 -10.21 9.99 6.71
C THR A 86 -8.70 9.87 6.88
N GLY A 87 -8.26 9.89 8.15
CA GLY A 87 -6.87 9.98 8.55
C GLY A 87 -6.05 8.70 8.43
N GLU A 88 -6.31 7.85 7.43
CA GLU A 88 -5.51 6.65 7.22
C GLU A 88 -5.29 6.41 5.72
N ALA A 89 -4.17 5.78 5.37
CA ALA A 89 -3.86 5.50 3.98
C ALA A 89 -3.07 4.20 3.85
N ASP A 90 -3.04 3.66 2.64
CA ASP A 90 -2.33 2.43 2.34
C ASP A 90 -1.76 2.48 0.93
N VAL A 91 -0.93 1.49 0.60
CA VAL A 91 -0.36 1.37 -0.73
C VAL A 91 -0.37 -0.11 -1.15
N GLU A 92 -0.26 -0.35 -2.46
CA GLU A 92 -0.32 -1.68 -3.04
C GLU A 92 0.88 -1.87 -3.97
N PHE A 93 2.05 -2.10 -3.38
CA PHE A 93 3.30 -2.32 -4.10
C PHE A 93 3.21 -3.49 -5.06
N ALA A 94 3.90 -3.33 -6.20
CA ALA A 94 4.08 -4.40 -7.16
C ALA A 94 5.11 -5.36 -6.60
N THR A 95 4.64 -6.53 -6.13
CA THR A 95 5.44 -7.59 -5.53
C THR A 95 6.04 -7.16 -4.21
N HIS A 96 6.48 -8.15 -3.41
CA HIS A 96 7.10 -7.87 -2.14
C HIS A 96 8.45 -7.17 -2.33
N GLU A 97 8.98 -7.18 -3.56
CA GLU A 97 10.24 -6.55 -3.87
C GLU A 97 10.12 -5.03 -3.81
N GLU A 98 9.04 -4.47 -4.34
CA GLU A 98 8.80 -3.04 -4.16
C GLU A 98 8.32 -2.77 -2.73
N ALA A 99 7.83 -3.79 -2.03
CA ALA A 99 7.40 -3.60 -0.65
C ALA A 99 8.60 -3.49 0.30
N VAL A 100 9.70 -4.20 0.03
CA VAL A 100 10.90 -4.08 0.87
C VAL A 100 11.75 -2.90 0.43
N ALA A 101 11.67 -2.53 -0.86
CA ALA A 101 12.34 -1.34 -1.34
C ALA A 101 11.63 -0.10 -0.79
N ALA A 102 10.38 -0.30 -0.34
CA ALA A 102 9.60 0.73 0.32
C ALA A 102 9.84 0.74 1.83
N MET A 103 10.25 -0.41 2.39
CA MET A 103 10.49 -0.56 3.82
C MET A 103 11.87 -0.03 4.19
N SER A 104 12.17 1.20 3.77
CA SER A 104 13.44 1.86 4.02
C SER A 104 13.22 3.26 4.57
N LYS A 105 12.02 3.51 5.11
CA LYS A 105 11.59 4.81 5.61
C LYS A 105 10.98 4.69 7.00
N ASP A 106 11.45 3.71 7.79
CA ASP A 106 10.98 3.52 9.16
C ASP A 106 11.00 4.85 9.90
N ARG A 107 9.81 5.30 10.30
CA ARG A 107 9.53 6.58 10.93
C ARG A 107 10.43 7.72 10.42
N ALA A 108 10.61 7.76 9.10
CA ALA A 108 11.31 8.83 8.39
C ALA A 108 10.54 10.15 8.52
N ASN A 109 10.90 11.16 7.70
CA ASN A 109 10.28 12.47 7.73
C ASN A 109 9.92 12.91 6.31
N MET A 110 9.37 14.13 6.16
CA MET A 110 8.91 14.61 4.87
C MET A 110 9.12 16.11 4.68
N GLN A 111 8.94 16.91 5.73
CA GLN A 111 9.18 18.35 5.63
C GLN A 111 9.35 19.03 6.99
N HIS A 112 8.61 18.57 8.01
CA HIS A 112 8.66 19.22 9.31
C HIS A 112 8.23 18.29 10.46
N ARG A 113 7.89 17.04 10.14
CA ARG A 113 7.43 16.05 11.11
C ARG A 113 7.78 14.65 10.61
N TYR A 114 7.69 13.66 11.50
CA TYR A 114 7.99 12.28 11.14
C TYR A 114 6.78 11.69 10.41
N ILE A 115 6.91 10.51 9.81
CA ILE A 115 5.83 9.90 9.02
C ILE A 115 5.71 8.42 9.38
N GLU A 116 4.48 7.87 9.34
CA GLU A 116 4.27 6.48 9.69
C GLU A 116 4.27 5.57 8.48
N LEU A 117 4.58 4.30 8.73
CA LEU A 117 4.29 3.18 7.86
C LEU A 117 4.76 1.89 8.53
N PHE A 118 4.35 0.74 7.98
CA PHE A 118 4.69 -0.56 8.54
C PHE A 118 4.26 -1.64 7.54
N LEU A 119 5.10 -2.68 7.37
CA LEU A 119 4.91 -3.70 6.34
C LEU A 119 3.56 -4.42 6.48
N ASN A 120 2.96 -4.79 5.35
CA ASN A 120 1.70 -5.51 5.28
C ASN A 120 1.70 -6.44 4.05
N SER A 121 2.80 -7.17 3.86
CA SER A 121 2.92 -8.16 2.80
C SER A 121 4.03 -9.15 3.08
N THR A 122 4.09 -10.19 2.25
CA THR A 122 5.08 -11.24 2.31
C THR A 122 5.34 -11.73 0.90
N THR A 123 6.55 -12.24 0.65
CA THR A 123 6.98 -12.72 -0.67
C THR A 123 6.24 -13.99 -1.11
N GLY A 124 5.13 -14.33 -0.46
CA GLY A 124 4.39 -15.56 -0.76
C GLY A 124 2.98 -15.52 -0.20
N ALA A 125 2.35 -14.34 -0.14
CA ALA A 125 1.02 -14.19 0.43
C ALA A 125 0.13 -13.26 -0.40
N SER A 126 0.50 -13.04 -1.67
CA SER A 126 -0.26 -12.22 -2.60
C SER A 126 -1.70 -12.69 -2.76
N ASN A 127 -1.99 -13.94 -2.34
CA ASN A 127 -3.31 -14.54 -2.46
C ASN A 127 -3.60 -15.46 -1.27
N GLY A 128 -2.90 -15.27 -0.15
CA GLY A 128 -3.04 -16.17 1.00
C GLY A 128 -2.78 -15.48 2.33
N ALA A 129 -2.80 -14.15 2.35
CA ALA A 129 -2.60 -13.38 3.57
C ALA A 129 -3.79 -13.47 4.54
N TYR A 130 -4.81 -14.26 4.17
CA TYR A 130 -6.04 -14.40 4.96
C TYR A 130 -6.70 -15.75 4.69
N SER A 131 -7.77 -16.05 5.44
CA SER A 131 -8.52 -17.30 5.29
C SER A 131 -10.02 -17.08 5.44
N SER A 132 -10.45 -15.84 5.74
CA SER A 132 -11.84 -15.47 5.93
C SER A 132 -12.58 -16.35 6.94
N GLN A 133 -13.89 -16.17 7.05
CA GLN A 133 -14.73 -16.92 7.98
C GLN A 133 -16.16 -17.00 7.42
N VAL A 134 -16.86 -18.11 7.69
CA VAL A 134 -18.21 -18.34 7.19
C VAL A 134 -19.09 -19.03 8.23
N MET A 135 -18.59 -19.09 9.47
CA MET A 135 -19.28 -19.75 10.58
C MET A 135 -20.61 -19.08 10.94
N GLN A 136 -21.00 -18.02 10.22
CA GLN A 136 -22.24 -17.29 10.49
C GLN A 136 -22.98 -16.96 9.20
N GLY A 137 -22.66 -17.65 8.08
CA GLY A 137 -23.33 -17.39 6.81
C GLY A 137 -23.15 -18.53 5.80
N MET A 138 -22.30 -19.52 6.12
CA MET A 138 -22.00 -20.66 5.27
C MET A 138 -21.63 -20.26 3.84
N GLY A 139 -21.22 -19.00 3.63
CA GLY A 139 -20.83 -18.48 2.33
C GLY A 139 -20.47 -17.00 2.41
N GLY A 35 -21.40 -18.01 10.77
CA GLY A 35 -22.36 -18.14 9.64
C GLY A 35 -21.66 -17.93 8.30
N ASP A 36 -22.23 -18.51 7.24
CA ASP A 36 -21.68 -18.42 5.90
C ASP A 36 -22.79 -18.56 4.85
N SER A 37 -22.47 -18.27 3.59
CA SER A 37 -23.40 -18.34 2.48
C SER A 37 -22.72 -18.76 1.19
N GLU A 38 -21.47 -19.23 1.28
CA GLU A 38 -20.66 -19.56 0.12
C GLU A 38 -19.85 -20.83 0.40
N PHE A 39 -19.10 -21.30 -0.59
CA PHE A 39 -18.32 -22.52 -0.47
C PHE A 39 -16.91 -22.35 -1.02
N THR A 40 -16.56 -21.13 -1.44
CA THR A 40 -15.24 -20.81 -1.98
C THR A 40 -14.84 -19.39 -1.57
N VAL A 41 -13.53 -19.10 -1.68
CA VAL A 41 -12.94 -17.83 -1.29
C VAL A 41 -11.77 -17.52 -2.23
N GLN A 42 -11.34 -16.27 -2.27
CA GLN A 42 -10.25 -15.81 -3.12
C GLN A 42 -8.94 -16.55 -2.81
N SER A 43 -7.93 -16.37 -3.66
CA SER A 43 -6.67 -17.11 -3.54
C SER A 43 -5.44 -16.21 -3.76
N THR A 44 -5.65 -14.89 -3.84
CA THR A 44 -4.56 -13.94 -4.03
C THR A 44 -4.83 -12.68 -3.22
N THR A 45 -3.79 -11.87 -3.00
CA THR A 45 -3.90 -10.67 -2.16
C THR A 45 -2.99 -9.54 -2.61
N GLY A 46 -2.08 -9.83 -3.54
CA GLY A 46 -1.03 -8.89 -3.91
C GLY A 46 -0.16 -8.56 -2.69
N HIS A 47 0.60 -7.47 -2.75
CA HIS A 47 1.44 -7.05 -1.64
C HIS A 47 1.03 -5.65 -1.20
N CYS A 48 1.16 -5.32 0.09
CA CYS A 48 0.77 -4.01 0.56
C CYS A 48 1.60 -3.56 1.76
N VAL A 49 1.45 -2.29 2.13
CA VAL A 49 2.05 -1.66 3.29
C VAL A 49 1.09 -0.54 3.71
N HIS A 50 1.17 -0.07 4.95
CA HIS A 50 0.28 1.00 5.41
C HIS A 50 1.11 2.16 5.94
N MET A 51 0.55 3.36 5.97
CA MET A 51 1.28 4.53 6.41
C MET A 51 0.34 5.59 7.00
N ARG A 52 0.93 6.49 7.79
CA ARG A 52 0.22 7.60 8.40
C ARG A 52 1.27 8.63 8.85
N GLY A 53 0.84 9.68 9.56
CA GLY A 53 1.75 10.73 9.99
C GLY A 53 1.49 12.04 9.26
N LEU A 54 0.76 12.00 8.13
CA LEU A 54 0.51 13.19 7.34
C LEU A 54 0.00 14.32 8.24
N PRO A 55 0.48 15.57 8.06
CA PRO A 55 0.10 16.75 8.80
C PRO A 55 -1.39 17.12 8.82
N TYR A 56 -2.30 16.20 8.47
CA TYR A 56 -3.71 16.51 8.25
C TYR A 56 -3.86 17.58 7.16
N LYS A 57 -2.80 17.80 6.36
CA LYS A 57 -2.77 18.85 5.33
C LYS A 57 -1.99 18.38 4.10
N ALA A 58 -1.87 17.07 3.91
CA ALA A 58 -1.12 16.48 2.81
C ALA A 58 -1.89 15.30 2.22
N THR A 59 -1.37 14.70 1.13
CA THR A 59 -2.09 13.66 0.40
C THR A 59 -1.14 12.66 -0.23
N GLU A 60 -1.74 11.67 -0.90
CA GLU A 60 -1.04 10.60 -1.59
C GLU A 60 0.06 11.09 -2.53
N ASN A 61 -0.09 12.30 -3.09
CA ASN A 61 0.92 12.84 -4.00
C ASN A 61 2.24 13.06 -3.27
N ASP A 62 2.20 13.16 -1.94
CA ASP A 62 3.38 13.30 -1.11
C ASP A 62 3.87 11.94 -0.60
N ILE A 63 2.94 10.99 -0.43
CA ILE A 63 3.27 9.67 0.06
C ILE A 63 4.19 8.94 -0.92
N TYR A 64 3.76 8.74 -2.17
CA TYR A 64 4.59 8.02 -3.12
C TYR A 64 5.77 8.90 -3.57
N ASN A 65 5.87 10.09 -2.98
CA ASN A 65 6.95 11.03 -3.25
C ASN A 65 8.03 10.95 -2.15
N PHE A 66 7.75 10.29 -1.02
CA PHE A 66 8.73 10.14 0.05
C PHE A 66 9.03 8.68 0.36
N PHE A 67 8.14 7.77 -0.05
CA PHE A 67 8.27 6.35 0.28
C PHE A 67 9.51 5.74 -0.36
N SER A 68 9.71 6.01 -1.66
CA SER A 68 10.80 5.50 -2.46
C SER A 68 10.62 6.04 -3.88
N PRO A 69 11.65 5.95 -4.74
CA PRO A 69 11.57 6.41 -6.12
C PRO A 69 10.61 5.58 -6.98
N LEU A 70 9.94 4.57 -6.38
CA LEU A 70 8.94 3.76 -7.03
C LEU A 70 7.82 4.58 -7.67
N ASN A 71 7.15 3.90 -8.60
CA ASN A 71 6.02 4.41 -9.35
C ASN A 71 4.77 4.52 -8.46
N PRO A 72 3.77 5.29 -8.89
CA PRO A 72 2.55 5.56 -8.15
C PRO A 72 1.53 4.43 -8.28
N VAL A 73 2.01 3.23 -8.64
CA VAL A 73 1.21 2.01 -8.76
C VAL A 73 0.52 1.62 -7.45
N ARG A 74 0.56 2.46 -6.42
CA ARG A 74 0.38 1.97 -5.06
C ARG A 74 -0.56 2.75 -4.17
N VAL A 75 -0.60 4.09 -4.27
CA VAL A 75 -1.32 4.86 -3.27
C VAL A 75 -2.82 4.63 -3.27
N HIS A 76 -3.39 4.75 -2.07
CA HIS A 76 -4.81 4.70 -1.78
C HIS A 76 -5.02 5.46 -0.47
N ILE A 77 -6.28 5.74 -0.12
CA ILE A 77 -6.59 6.49 1.11
C ILE A 77 -7.81 5.87 1.78
N GLU A 78 -7.84 5.93 3.11
CA GLU A 78 -8.89 5.33 3.92
C GLU A 78 -9.15 6.15 5.19
N ILE A 79 -10.24 5.84 5.88
CA ILE A 79 -10.68 6.57 7.07
C ILE A 79 -10.80 5.59 8.24
N GLY A 80 -10.64 6.11 9.47
CA GLY A 80 -10.69 5.34 10.69
C GLY A 80 -12.09 4.92 11.07
N PRO A 81 -12.27 4.49 12.33
CA PRO A 81 -13.57 4.16 12.89
C PRO A 81 -14.37 5.45 13.08
N ASP A 82 -13.80 6.56 12.62
CA ASP A 82 -14.41 7.87 12.63
C ASP A 82 -13.76 8.69 11.52
N GLY A 83 -14.46 9.72 11.05
CA GLY A 83 -14.00 10.52 9.92
C GLY A 83 -13.71 11.95 10.32
N ARG A 84 -13.06 12.13 11.48
CA ARG A 84 -12.61 13.41 12.01
C ARG A 84 -11.50 14.00 11.13
N VAL A 85 -11.87 14.41 9.91
CA VAL A 85 -10.99 14.96 8.88
C VAL A 85 -9.66 14.21 8.73
N THR A 86 -9.61 12.95 9.16
CA THR A 86 -8.42 12.12 9.04
C THR A 86 -8.16 11.80 7.57
N GLY A 87 -7.06 11.09 7.30
CA GLY A 87 -6.62 10.79 5.95
C GLY A 87 -5.59 9.66 5.95
N GLU A 88 -5.90 8.56 6.65
CA GLU A 88 -5.00 7.43 6.74
C GLU A 88 -4.81 6.87 5.33
N ALA A 89 -3.70 6.16 5.08
CA ALA A 89 -3.42 5.70 3.74
C ALA A 89 -2.69 4.36 3.73
N ASP A 90 -2.67 3.74 2.56
CA ASP A 90 -1.97 2.49 2.32
C ASP A 90 -1.38 2.50 0.92
N VAL A 91 -0.46 1.56 0.66
CA VAL A 91 0.23 1.49 -0.61
C VAL A 91 0.38 0.03 -1.04
N GLU A 92 -0.22 -0.31 -2.19
CA GLU A 92 -0.11 -1.64 -2.76
C GLU A 92 1.28 -1.77 -3.39
N PHE A 93 1.74 -2.99 -3.69
CA PHE A 93 3.02 -3.17 -4.33
C PHE A 93 3.01 -4.37 -5.28
N ALA A 94 3.77 -4.21 -6.35
CA ALA A 94 4.03 -5.25 -7.32
C ALA A 94 5.13 -6.16 -6.73
N THR A 95 4.70 -7.31 -6.20
CA THR A 95 5.53 -8.32 -5.55
C THR A 95 6.18 -7.79 -4.27
N HIS A 96 6.67 -8.71 -3.44
CA HIS A 96 7.35 -8.33 -2.22
C HIS A 96 8.65 -7.61 -2.51
N GLU A 97 9.14 -7.72 -3.75
CA GLU A 97 10.40 -7.10 -4.15
C GLU A 97 10.28 -5.58 -4.21
N GLU A 98 9.16 -5.05 -4.70
CA GLU A 98 8.94 -3.61 -4.60
C GLU A 98 8.53 -3.25 -3.18
N ALA A 99 7.93 -4.18 -2.43
CA ALA A 99 7.53 -3.89 -1.07
C ALA A 99 8.75 -3.63 -0.18
N VAL A 100 9.82 -4.42 -0.35
CA VAL A 100 11.05 -4.18 0.41
C VAL A 100 11.84 -3.01 -0.17
N ALA A 101 11.64 -2.70 -1.45
CA ALA A 101 12.28 -1.54 -2.07
C ALA A 101 11.61 -0.26 -1.57
N ALA A 102 10.53 -0.40 -0.80
CA ALA A 102 9.83 0.70 -0.17
C ALA A 102 9.92 0.61 1.36
N MET A 103 10.37 -0.53 1.89
CA MET A 103 10.51 -0.75 3.32
C MET A 103 11.84 -0.17 3.81
N SER A 104 12.12 1.10 3.47
CA SER A 104 13.40 1.74 3.77
C SER A 104 13.21 3.13 4.37
N LYS A 105 12.03 3.41 4.92
CA LYS A 105 11.69 4.70 5.51
C LYS A 105 11.02 4.52 6.87
N ASP A 106 11.31 3.42 7.56
CA ASP A 106 10.77 3.10 8.87
C ASP A 106 10.72 4.34 9.76
N ARG A 107 9.48 4.76 10.10
CA ARG A 107 9.14 5.94 10.87
C ARG A 107 10.07 7.15 10.61
N ALA A 108 10.46 7.33 9.34
CA ALA A 108 11.27 8.44 8.85
C ALA A 108 10.54 9.78 9.00
N ASN A 109 10.94 10.80 8.24
CA ASN A 109 10.28 12.09 8.28
C ASN A 109 10.26 12.79 6.92
N MET A 110 9.35 13.76 6.79
CA MET A 110 9.19 14.59 5.61
C MET A 110 8.43 15.85 6.03
N GLN A 111 8.89 17.01 5.55
CA GLN A 111 8.39 18.37 5.78
C GLN A 111 8.10 18.78 7.23
N HIS A 112 8.00 17.85 8.18
CA HIS A 112 7.59 18.19 9.53
C HIS A 112 8.03 17.12 10.52
N ARG A 113 7.34 17.02 11.65
CA ARG A 113 7.69 16.18 12.80
C ARG A 113 8.21 14.80 12.38
N TYR A 114 7.33 13.89 11.97
CA TYR A 114 7.76 12.61 11.43
C TYR A 114 6.63 11.94 10.63
N ILE A 115 6.96 10.88 9.89
CA ILE A 115 5.99 10.14 9.07
C ILE A 115 6.31 8.67 9.25
N GLU A 116 5.35 7.77 9.02
CA GLU A 116 5.60 6.37 9.31
C GLU A 116 4.85 5.44 8.37
N LEU A 117 5.45 4.27 8.12
CA LEU A 117 4.88 3.21 7.31
C LEU A 117 5.34 1.85 7.82
N PHE A 118 4.46 0.85 7.76
CA PHE A 118 4.70 -0.44 8.40
C PHE A 118 4.24 -1.56 7.47
N LEU A 119 5.12 -2.55 7.23
CA LEU A 119 4.93 -3.60 6.23
C LEU A 119 3.60 -4.34 6.41
N ASN A 120 3.01 -4.79 5.29
CA ASN A 120 1.75 -5.51 5.26
C ASN A 120 1.76 -6.53 4.11
N SER A 121 2.86 -7.27 3.97
CA SER A 121 2.98 -8.35 3.01
C SER A 121 4.26 -9.15 3.23
N THR A 122 4.41 -10.25 2.49
CA THR A 122 5.64 -11.02 2.45
C THR A 122 5.68 -11.83 1.16
N THR A 123 6.84 -12.44 0.87
CA THR A 123 7.08 -13.23 -0.34
C THR A 123 6.22 -14.50 -0.39
N GLY A 124 5.26 -14.65 0.53
CA GLY A 124 4.42 -15.83 0.62
C GLY A 124 3.01 -15.50 1.13
N ALA A 125 2.52 -14.30 0.84
CA ALA A 125 1.22 -13.83 1.29
C ALA A 125 0.49 -13.09 0.18
N SER A 126 0.62 -13.59 -1.06
CA SER A 126 0.02 -12.99 -2.24
C SER A 126 -0.60 -14.06 -3.15
N ASN A 127 -0.33 -15.34 -2.84
CA ASN A 127 -0.87 -16.46 -3.58
C ASN A 127 -0.90 -17.68 -2.64
N GLY A 128 -1.85 -18.59 -2.85
CA GLY A 128 -1.99 -19.77 -2.01
C GLY A 128 -3.36 -20.40 -2.17
N ALA A 129 -3.71 -21.32 -1.26
CA ALA A 129 -5.01 -21.95 -1.23
C ALA A 129 -6.12 -20.92 -0.99
N TYR A 130 -7.38 -21.36 -1.09
CA TYR A 130 -8.54 -20.49 -0.90
C TYR A 130 -8.56 -19.85 0.50
N SER A 131 -7.77 -20.37 1.44
CA SER A 131 -7.59 -19.84 2.79
C SER A 131 -8.86 -19.25 3.41
N SER A 132 -10.00 -19.94 3.27
CA SER A 132 -11.27 -19.48 3.79
C SER A 132 -11.26 -19.34 5.31
N GLN A 133 -10.23 -19.87 5.97
CA GLN A 133 -10.08 -19.80 7.42
C GLN A 133 -8.60 -19.91 7.77
N VAL A 134 -8.20 -19.38 8.94
CA VAL A 134 -6.82 -19.42 9.40
C VAL A 134 -6.36 -20.84 9.72
N MET A 135 -7.27 -21.80 9.58
CA MET A 135 -7.01 -23.21 9.87
C MET A 135 -5.90 -23.77 8.97
N GLN A 136 -5.58 -23.07 7.87
CA GLN A 136 -4.53 -23.48 6.94
C GLN A 136 -3.14 -23.23 7.53
N GLY A 137 -3.06 -22.71 8.76
CA GLY A 137 -1.78 -22.44 9.42
C GLY A 137 -1.92 -22.29 10.93
N MET A 138 -3.05 -22.73 11.49
CA MET A 138 -3.32 -22.63 12.92
C MET A 138 -4.26 -23.76 13.35
N GLY A 139 -4.22 -24.12 14.63
CA GLY A 139 -5.05 -25.18 15.18
C GLY A 139 -4.81 -25.34 16.68
N GLY A 35 -23.80 -2.23 -5.24
CA GLY A 35 -23.19 -1.31 -6.23
C GLY A 35 -23.95 -1.35 -7.55
N ASP A 36 -23.25 -1.07 -8.65
CA ASP A 36 -23.84 -1.06 -9.98
C ASP A 36 -22.82 -1.53 -11.03
N SER A 37 -21.65 -2.00 -10.59
CA SER A 37 -20.57 -2.43 -11.46
C SER A 37 -19.79 -3.58 -10.82
N GLU A 38 -18.85 -4.15 -11.56
CA GLU A 38 -18.01 -5.25 -11.09
C GLU A 38 -16.67 -5.21 -11.81
N PHE A 39 -15.72 -6.02 -11.34
CA PHE A 39 -14.37 -6.05 -11.89
C PHE A 39 -13.83 -7.48 -11.87
N THR A 40 -12.65 -7.67 -12.48
CA THR A 40 -11.97 -8.96 -12.53
C THR A 40 -10.46 -8.74 -12.46
N VAL A 41 -9.72 -9.82 -12.21
CA VAL A 41 -8.26 -9.78 -12.09
C VAL A 41 -7.70 -11.08 -12.66
N GLN A 42 -6.43 -11.07 -13.07
CA GLN A 42 -5.79 -12.22 -13.71
C GLN A 42 -4.35 -12.41 -13.22
N SER A 43 -4.01 -11.79 -12.08
CA SER A 43 -2.67 -11.83 -11.51
C SER A 43 -2.76 -11.95 -9.98
N THR A 44 -1.60 -12.03 -9.31
CA THR A 44 -1.55 -12.18 -7.86
C THR A 44 -0.61 -11.16 -7.24
N THR A 45 0.11 -10.38 -8.06
CA THR A 45 0.96 -9.31 -7.56
C THR A 45 0.09 -8.25 -6.89
N GLY A 46 0.05 -8.25 -5.55
CA GLY A 46 -0.76 -7.30 -4.81
C GLY A 46 -0.24 -7.09 -3.40
N HIS A 47 1.08 -6.92 -3.26
CA HIS A 47 1.72 -6.71 -1.98
C HIS A 47 1.27 -5.37 -1.41
N CYS A 48 1.30 -5.16 -0.09
CA CYS A 48 0.83 -3.90 0.47
C CYS A 48 1.64 -3.48 1.70
N VAL A 49 1.47 -2.21 2.08
CA VAL A 49 2.08 -1.59 3.24
C VAL A 49 1.15 -0.45 3.69
N HIS A 50 1.01 -0.26 5.00
CA HIS A 50 0.15 0.80 5.54
C HIS A 50 0.87 2.15 5.48
N MET A 51 0.12 3.26 5.64
CA MET A 51 0.69 4.60 5.67
C MET A 51 -0.23 5.52 6.48
N ARG A 52 0.38 6.40 7.27
CA ARG A 52 -0.32 7.35 8.13
C ARG A 52 0.72 8.36 8.61
N GLY A 53 0.46 9.13 9.67
CA GLY A 53 1.45 10.08 10.16
C GLY A 53 1.49 11.38 9.34
N LEU A 54 0.71 11.49 8.28
CA LEU A 54 0.70 12.71 7.47
C LEU A 54 0.40 13.92 8.36
N PRO A 55 1.00 15.08 8.05
CA PRO A 55 0.79 16.36 8.73
C PRO A 55 -0.66 16.87 8.79
N TYR A 56 -1.66 16.02 8.54
CA TYR A 56 -3.06 16.43 8.41
C TYR A 56 -3.23 17.53 7.34
N LYS A 57 -2.22 17.71 6.48
CA LYS A 57 -2.18 18.76 5.47
C LYS A 57 -1.54 18.25 4.18
N ALA A 58 -1.55 16.93 3.97
CA ALA A 58 -0.94 16.31 2.80
C ALA A 58 -1.80 15.16 2.29
N THR A 59 -1.45 14.62 1.12
CA THR A 59 -2.21 13.57 0.46
C THR A 59 -1.31 12.61 -0.30
N GLU A 60 -1.96 11.60 -0.89
CA GLU A 60 -1.33 10.57 -1.69
C GLU A 60 -0.36 11.12 -2.72
N ASN A 61 -0.58 12.33 -3.22
CA ASN A 61 0.27 12.96 -4.22
C ASN A 61 1.72 13.11 -3.73
N ASP A 62 1.95 12.93 -2.42
CA ASP A 62 3.29 12.99 -1.85
C ASP A 62 3.65 11.68 -1.15
N ILE A 63 2.67 10.83 -0.88
CA ILE A 63 2.92 9.52 -0.30
C ILE A 63 3.78 8.68 -1.24
N TYR A 64 3.32 8.46 -2.47
CA TYR A 64 4.06 7.62 -3.40
C TYR A 64 5.31 8.36 -3.91
N ASN A 65 5.59 9.53 -3.33
CA ASN A 65 6.70 10.37 -3.73
C ASN A 65 7.69 10.59 -2.58
N PHE A 66 7.41 10.06 -1.38
CA PHE A 66 8.37 10.13 -0.27
C PHE A 66 8.84 8.74 0.14
N PHE A 67 8.11 7.69 -0.26
CA PHE A 67 8.45 6.32 0.12
C PHE A 67 9.84 5.94 -0.38
N SER A 68 10.11 6.15 -1.67
CA SER A 68 11.35 5.77 -2.34
C SER A 68 11.19 6.05 -3.84
N PRO A 69 12.23 5.80 -4.65
CA PRO A 69 12.23 5.91 -6.11
C PRO A 69 11.20 5.01 -6.81
N LEU A 70 10.20 4.53 -6.06
CA LEU A 70 9.15 3.61 -6.51
C LEU A 70 8.23 4.24 -7.55
N ASN A 71 7.00 3.71 -7.64
CA ASN A 71 6.06 4.00 -8.71
C ASN A 71 4.70 4.38 -8.13
N PRO A 72 3.86 5.06 -8.92
CA PRO A 72 2.55 5.56 -8.50
C PRO A 72 1.45 4.51 -8.61
N VAL A 73 1.84 3.27 -8.95
CA VAL A 73 0.97 2.12 -9.15
C VAL A 73 0.14 1.72 -7.93
N ARG A 74 0.10 2.52 -6.86
CA ARG A 74 -0.25 1.95 -5.56
C ARG A 74 -1.05 2.79 -4.58
N VAL A 75 -1.13 4.12 -4.72
CA VAL A 75 -1.78 4.89 -3.66
C VAL A 75 -3.28 4.64 -3.57
N HIS A 76 -3.77 4.68 -2.33
CA HIS A 76 -5.18 4.60 -1.97
C HIS A 76 -5.32 5.26 -0.60
N ILE A 77 -6.54 5.65 -0.21
CA ILE A 77 -6.75 6.43 1.01
C ILE A 77 -7.91 5.85 1.81
N GLU A 78 -7.86 6.05 3.14
CA GLU A 78 -8.85 5.52 4.06
C GLU A 78 -9.10 6.50 5.20
N ILE A 79 -10.20 6.32 5.94
CA ILE A 79 -10.61 7.21 7.02
C ILE A 79 -11.09 6.38 8.20
N GLY A 80 -10.97 6.93 9.41
CA GLY A 80 -11.34 6.25 10.64
C GLY A 80 -12.85 6.15 10.84
N PRO A 81 -13.26 5.42 11.88
CA PRO A 81 -14.64 5.22 12.28
C PRO A 81 -15.18 6.50 12.93
N ASP A 82 -14.40 7.59 12.85
CA ASP A 82 -14.78 8.87 13.44
C ASP A 82 -14.56 10.02 12.46
N GLY A 83 -13.99 9.71 11.29
CA GLY A 83 -13.61 10.66 10.28
C GLY A 83 -12.96 11.93 10.83
N ARG A 84 -12.12 11.77 11.86
CA ARG A 84 -11.34 12.83 12.48
C ARG A 84 -10.23 13.33 11.55
N VAL A 85 -10.53 13.46 10.25
CA VAL A 85 -9.60 13.87 9.20
C VAL A 85 -8.23 13.20 9.31
N THR A 86 -8.20 11.97 9.84
CA THR A 86 -6.96 11.23 10.05
C THR A 86 -6.17 11.02 8.76
N GLY A 87 -6.82 11.16 7.60
CA GLY A 87 -6.16 11.04 6.31
C GLY A 87 -5.33 9.76 6.19
N GLU A 88 -5.84 8.65 6.73
CA GLU A 88 -5.11 7.39 6.73
C GLU A 88 -4.93 6.92 5.28
N ALA A 89 -3.95 6.04 5.03
CA ALA A 89 -3.65 5.62 3.68
C ALA A 89 -3.04 4.22 3.67
N ASP A 90 -2.91 3.68 2.46
CA ASP A 90 -2.22 2.42 2.23
C ASP A 90 -1.66 2.44 0.81
N VAL A 91 -0.68 1.56 0.56
CA VAL A 91 -0.06 1.48 -0.75
C VAL A 91 0.22 0.03 -1.11
N GLU A 92 -0.10 -0.34 -2.34
CA GLU A 92 0.27 -1.63 -2.88
C GLU A 92 1.73 -1.57 -3.35
N PHE A 93 2.28 -2.70 -3.79
CA PHE A 93 3.63 -2.74 -4.34
C PHE A 93 3.76 -3.87 -5.34
N ALA A 94 4.53 -3.60 -6.40
CA ALA A 94 4.87 -4.60 -7.39
C ALA A 94 5.91 -5.52 -6.76
N THR A 95 5.44 -6.65 -6.23
CA THR A 95 6.21 -7.71 -5.59
C THR A 95 6.74 -7.25 -4.24
N HIS A 96 7.18 -8.22 -3.42
CA HIS A 96 7.74 -7.91 -2.12
C HIS A 96 9.04 -7.12 -2.26
N GLU A 97 9.61 -7.09 -3.47
CA GLU A 97 10.86 -6.36 -3.71
C GLU A 97 10.62 -4.86 -3.66
N GLU A 98 9.52 -4.37 -4.25
CA GLU A 98 9.17 -2.96 -4.08
C GLU A 98 8.61 -2.73 -2.68
N ALA A 99 8.15 -3.78 -1.99
CA ALA A 99 7.66 -3.62 -0.63
C ALA A 99 8.81 -3.41 0.35
N VAL A 100 9.94 -4.09 0.17
CA VAL A 100 11.10 -3.88 1.03
C VAL A 100 11.89 -2.65 0.58
N ALA A 101 11.80 -2.27 -0.69
CA ALA A 101 12.42 -1.04 -1.17
C ALA A 101 11.65 0.16 -0.63
N ALA A 102 10.39 -0.07 -0.20
CA ALA A 102 9.58 0.93 0.45
C ALA A 102 9.82 0.94 1.95
N MET A 103 10.30 -0.20 2.49
CA MET A 103 10.58 -0.38 3.91
C MET A 103 11.91 0.26 4.29
N SER A 104 12.05 1.55 4.00
CA SER A 104 13.28 2.31 4.26
C SER A 104 12.93 3.67 4.87
N LYS A 105 11.71 3.81 5.41
CA LYS A 105 11.20 5.06 5.97
C LYS A 105 10.43 4.80 7.26
N ASP A 106 10.61 3.60 7.83
CA ASP A 106 9.92 3.13 9.02
C ASP A 106 10.85 3.22 10.23
N ARG A 107 10.89 4.36 10.95
CA ARG A 107 10.06 5.55 10.78
C ARG A 107 10.95 6.71 10.32
N ALA A 108 10.33 7.69 9.66
CA ALA A 108 11.05 8.78 9.00
C ALA A 108 10.19 10.04 8.88
N ASN A 109 10.58 10.93 7.97
CA ASN A 109 9.95 12.24 7.77
C ASN A 109 9.60 12.40 6.28
N MET A 110 8.75 13.40 5.97
CA MET A 110 8.28 13.69 4.63
C MET A 110 8.49 15.16 4.30
N GLN A 111 8.45 16.04 5.30
CA GLN A 111 8.70 17.46 5.11
C GLN A 111 9.03 18.19 6.40
N HIS A 112 8.44 17.77 7.52
CA HIS A 112 8.66 18.49 8.77
C HIS A 112 8.25 17.69 10.03
N ARG A 113 7.79 16.44 9.88
CA ARG A 113 7.34 15.66 11.03
C ARG A 113 7.42 14.17 10.77
N TYR A 114 7.46 13.39 11.85
CA TYR A 114 7.45 11.93 11.86
C TYR A 114 6.24 11.41 11.07
N ILE A 115 6.43 10.31 10.33
CA ILE A 115 5.38 9.70 9.50
C ILE A 115 5.28 8.20 9.81
N GLU A 116 4.19 7.56 9.40
CA GLU A 116 4.00 6.13 9.63
C GLU A 116 3.89 5.36 8.33
N LEU A 117 4.47 4.16 8.32
CA LEU A 117 4.20 3.13 7.33
C LEU A 117 4.66 1.81 7.93
N PHE A 118 4.01 0.70 7.58
CA PHE A 118 4.32 -0.57 8.21
C PHE A 118 3.96 -1.72 7.27
N LEU A 119 4.85 -2.70 7.16
CA LEU A 119 4.74 -3.78 6.18
C LEU A 119 3.40 -4.52 6.29
N ASN A 120 2.82 -4.90 5.15
CA ASN A 120 1.57 -5.63 5.06
C ASN A 120 1.63 -6.59 3.86
N SER A 121 2.74 -7.32 3.75
CA SER A 121 2.91 -8.37 2.74
C SER A 121 4.15 -9.19 3.04
N THR A 122 4.42 -10.19 2.20
CA THR A 122 5.63 -10.99 2.27
C THR A 122 5.90 -11.59 0.89
N THR A 123 7.08 -12.19 0.71
CA THR A 123 7.53 -12.76 -0.55
C THR A 123 6.70 -13.99 -0.98
N GLY A 124 5.53 -14.20 -0.36
CA GLY A 124 4.69 -15.36 -0.65
C GLY A 124 3.20 -15.09 -0.43
N ALA A 125 2.80 -13.82 -0.30
CA ALA A 125 1.40 -13.47 -0.11
C ALA A 125 1.08 -12.08 -0.66
N SER A 126 -0.20 -11.85 -0.98
CA SER A 126 -0.69 -10.60 -1.54
C SER A 126 -2.21 -10.53 -1.40
N ASN A 127 -2.80 -9.42 -1.85
CA ASN A 127 -4.25 -9.19 -1.86
C ASN A 127 -4.85 -9.13 -0.45
N GLY A 128 -6.09 -8.64 -0.37
CA GLY A 128 -6.83 -8.52 0.88
C GLY A 128 -8.10 -7.71 0.73
N ALA A 129 -8.48 -7.34 -0.50
CA ALA A 129 -9.66 -6.52 -0.73
C ALA A 129 -10.35 -6.82 -2.06
N TYR A 130 -9.89 -7.83 -2.81
CA TYR A 130 -10.48 -8.20 -4.09
C TYR A 130 -10.26 -9.69 -4.36
N SER A 131 -10.63 -10.13 -5.57
CA SER A 131 -10.49 -11.51 -5.99
C SER A 131 -10.12 -11.55 -7.47
N SER A 132 -9.94 -12.74 -8.04
CA SER A 132 -9.48 -12.89 -9.41
C SER A 132 -10.17 -14.06 -10.12
N GLN A 133 -10.02 -14.11 -11.44
CA GLN A 133 -10.66 -15.09 -12.31
C GLN A 133 -12.18 -15.11 -12.18
N VAL A 134 -12.87 -15.86 -13.06
CA VAL A 134 -14.32 -15.99 -13.01
C VAL A 134 -14.74 -16.88 -11.83
N MET A 135 -13.77 -17.31 -11.03
CA MET A 135 -13.98 -18.19 -9.89
C MET A 135 -14.66 -17.44 -8.74
N GLN A 136 -14.63 -16.10 -8.76
CA GLN A 136 -15.26 -15.29 -7.73
C GLN A 136 -16.79 -15.48 -7.75
N GLY A 137 -17.44 -15.13 -6.63
CA GLY A 137 -18.89 -15.28 -6.51
C GLY A 137 -19.37 -15.23 -5.06
N MET A 138 -18.45 -15.20 -4.09
CA MET A 138 -18.79 -15.16 -2.68
C MET A 138 -17.75 -14.35 -1.88
N GLY A 139 -16.83 -13.67 -2.57
CA GLY A 139 -15.78 -12.89 -1.95
C GLY A 139 -14.91 -12.22 -3.02
N GLY A 35 -15.18 -24.38 -17.32
CA GLY A 35 -13.88 -23.91 -16.78
C GLY A 35 -12.94 -25.08 -16.54
N ASP A 36 -11.86 -25.14 -17.33
CA ASP A 36 -10.89 -26.23 -17.25
C ASP A 36 -9.47 -25.71 -17.48
N SER A 37 -9.29 -24.38 -17.50
CA SER A 37 -8.00 -23.77 -17.71
C SER A 37 -7.94 -22.39 -17.05
N GLU A 38 -6.74 -21.82 -16.96
CA GLU A 38 -6.52 -20.51 -16.37
C GLU A 38 -5.23 -19.92 -16.91
N PHE A 39 -5.04 -18.61 -16.77
CA PHE A 39 -3.86 -17.92 -17.26
C PHE A 39 -3.36 -16.93 -16.20
N THR A 40 -2.09 -16.53 -16.32
CA THR A 40 -1.44 -15.63 -15.38
C THR A 40 -0.40 -14.77 -16.11
N VAL A 41 0.26 -13.87 -15.36
CA VAL A 41 1.29 -12.99 -15.91
C VAL A 41 2.45 -12.91 -14.91
N GLN A 42 3.64 -12.61 -15.42
CA GLN A 42 4.88 -12.55 -14.64
C GLN A 42 4.93 -11.39 -13.64
N SER A 43 3.81 -10.71 -13.38
CA SER A 43 3.79 -9.56 -12.49
C SER A 43 2.52 -9.52 -11.65
N THR A 44 2.58 -8.79 -10.53
CA THR A 44 1.48 -8.61 -9.60
C THR A 44 1.68 -7.31 -8.84
N THR A 45 0.60 -6.81 -8.22
CA THR A 45 0.61 -5.57 -7.45
C THR A 45 -0.27 -5.73 -6.22
N GLY A 46 -0.40 -6.97 -5.75
CA GLY A 46 -1.28 -7.29 -4.64
C GLY A 46 -0.58 -7.21 -3.29
N HIS A 47 0.63 -6.65 -3.25
CA HIS A 47 1.37 -6.50 -2.00
C HIS A 47 1.07 -5.11 -1.45
N CYS A 48 1.02 -4.93 -0.12
CA CYS A 48 0.67 -3.62 0.41
C CYS A 48 1.40 -3.29 1.70
N VAL A 49 1.25 -2.04 2.15
CA VAL A 49 1.90 -1.49 3.33
C VAL A 49 1.02 -0.40 3.92
N HIS A 50 1.18 -0.09 5.20
CA HIS A 50 0.41 0.96 5.87
C HIS A 50 1.30 2.17 6.12
N MET A 51 0.70 3.33 6.38
CA MET A 51 1.43 4.57 6.60
C MET A 51 0.60 5.51 7.48
N ARG A 52 1.28 6.41 8.21
CA ARG A 52 0.59 7.38 9.05
C ARG A 52 1.51 8.55 9.39
N GLY A 53 0.92 9.63 9.90
CA GLY A 53 1.63 10.85 10.25
C GLY A 53 1.45 11.96 9.22
N LEU A 54 0.96 11.62 8.01
CA LEU A 54 0.91 12.57 6.91
C LEU A 54 -0.41 13.34 6.83
N PRO A 55 -1.58 12.71 6.64
CA PRO A 55 -2.79 13.42 6.22
C PRO A 55 -3.24 14.49 7.20
N TYR A 56 -3.93 15.51 6.66
CA TYR A 56 -4.55 16.67 7.32
C TYR A 56 -4.17 17.96 6.58
N LYS A 57 -2.93 18.02 6.06
CA LYS A 57 -2.40 19.22 5.42
C LYS A 57 -1.51 18.87 4.22
N ALA A 58 -1.50 17.59 3.86
CA ALA A 58 -0.74 17.06 2.73
C ALA A 58 -1.50 15.84 2.19
N THR A 59 -1.10 15.32 1.03
CA THR A 59 -1.88 14.27 0.39
C THR A 59 -1.04 13.26 -0.36
N GLU A 60 -1.78 12.30 -0.93
CA GLU A 60 -1.30 11.23 -1.77
C GLU A 60 -0.25 11.71 -2.79
N ASN A 61 -0.40 12.95 -3.27
CA ASN A 61 0.49 13.53 -4.27
C ASN A 61 1.95 13.55 -3.84
N ASP A 62 2.23 13.29 -2.55
CA ASP A 62 3.59 13.23 -2.05
C ASP A 62 3.84 11.95 -1.26
N ILE A 63 2.80 11.16 -1.01
CA ILE A 63 2.95 9.86 -0.38
C ILE A 63 3.71 8.91 -1.30
N TYR A 64 3.33 8.83 -2.58
CA TYR A 64 4.04 7.95 -3.49
C TYR A 64 5.38 8.55 -3.90
N ASN A 65 5.71 9.74 -3.37
CA ASN A 65 7.03 10.33 -3.53
C ASN A 65 7.88 9.97 -2.31
N PHE A 66 7.22 9.70 -1.18
CA PHE A 66 7.84 9.20 0.03
C PHE A 66 8.10 7.69 -0.10
N PHE A 67 7.58 7.09 -1.17
CA PHE A 67 7.76 5.68 -1.47
C PHE A 67 8.51 5.44 -2.77
N SER A 68 9.25 6.45 -3.25
CA SER A 68 10.17 6.32 -4.37
C SER A 68 11.23 5.26 -4.03
N PRO A 69 12.03 4.79 -5.00
CA PRO A 69 12.06 5.18 -6.40
C PRO A 69 10.91 4.59 -7.22
N LEU A 70 9.97 3.87 -6.58
CA LEU A 70 8.92 3.20 -7.33
C LEU A 70 8.01 4.20 -8.03
N ASN A 71 7.70 3.88 -9.29
CA ASN A 71 6.78 4.61 -10.13
C ASN A 71 5.37 4.53 -9.52
N PRO A 72 4.48 5.45 -9.87
CA PRO A 72 3.16 5.56 -9.27
C PRO A 72 2.27 4.39 -9.67
N VAL A 73 1.91 3.59 -8.66
CA VAL A 73 1.02 2.43 -8.79
C VAL A 73 0.19 2.29 -7.52
N ARG A 74 0.26 3.29 -6.62
CA ARG A 74 -0.26 3.18 -5.27
C ARG A 74 -0.58 4.53 -4.67
N VAL A 75 -1.67 4.60 -3.89
CA VAL A 75 -2.04 5.66 -2.96
C VAL A 75 -3.44 5.42 -2.41
N HIS A 76 -3.61 5.55 -1.11
CA HIS A 76 -4.93 5.51 -0.47
C HIS A 76 -4.84 6.16 0.92
N ILE A 77 -5.93 6.76 1.39
CA ILE A 77 -5.97 7.44 2.68
C ILE A 77 -7.29 7.10 3.36
N GLU A 78 -7.24 6.71 4.64
CA GLU A 78 -8.42 6.23 5.35
C GLU A 78 -8.31 6.36 6.87
N ILE A 79 -9.47 6.31 7.53
CA ILE A 79 -9.63 6.18 8.97
C ILE A 79 -11.00 5.55 9.25
N GLY A 80 -12.06 6.14 8.68
CA GLY A 80 -13.43 5.68 8.89
C GLY A 80 -14.44 6.80 8.68
N PRO A 81 -15.72 6.44 8.65
CA PRO A 81 -16.84 7.36 8.57
C PRO A 81 -17.11 7.99 9.94
N ASP A 82 -16.34 7.58 10.95
CA ASP A 82 -16.56 7.99 12.35
C ASP A 82 -15.26 8.38 13.04
N GLY A 83 -14.17 8.54 12.27
CA GLY A 83 -12.88 8.93 12.80
C GLY A 83 -12.49 10.30 12.24
N ARG A 84 -13.51 11.13 12.01
CA ARG A 84 -13.44 12.45 11.38
C ARG A 84 -12.48 12.47 10.18
N VAL A 85 -11.98 13.66 9.82
CA VAL A 85 -11.04 13.78 8.71
C VAL A 85 -9.91 12.77 8.89
N THR A 86 -9.51 12.12 7.80
CA THR A 86 -8.54 11.04 7.87
C THR A 86 -7.15 11.52 8.26
N GLY A 87 -6.35 10.57 8.79
CA GLY A 87 -5.03 10.81 9.33
C GLY A 87 -4.12 9.61 9.18
N GLU A 88 -4.59 8.54 8.49
CA GLU A 88 -3.76 7.38 8.22
C GLU A 88 -3.90 7.02 6.73
N ALA A 89 -2.99 6.19 6.23
CA ALA A 89 -2.96 5.86 4.83
C ALA A 89 -2.41 4.45 4.61
N ASP A 90 -2.52 3.99 3.36
CA ASP A 90 -1.98 2.72 2.95
C ASP A 90 -1.65 2.76 1.46
N VAL A 91 -0.83 1.82 1.01
CA VAL A 91 -0.34 1.78 -0.36
C VAL A 91 -0.16 0.34 -0.83
N GLU A 92 0.09 0.18 -2.12
CA GLU A 92 0.35 -1.10 -2.75
C GLU A 92 1.75 -1.09 -3.37
N PHE A 93 2.26 -2.27 -3.74
CA PHE A 93 3.56 -2.40 -4.36
C PHE A 93 3.57 -3.60 -5.29
N ALA A 94 4.42 -3.53 -6.31
CA ALA A 94 4.62 -4.64 -7.22
C ALA A 94 5.61 -5.61 -6.57
N THR A 95 5.08 -6.75 -6.11
CA THR A 95 5.80 -7.80 -5.39
C THR A 95 6.37 -7.31 -4.07
N HIS A 96 6.76 -8.25 -3.22
CA HIS A 96 7.36 -7.94 -1.93
C HIS A 96 8.72 -7.28 -2.13
N GLU A 97 9.32 -7.42 -3.31
CA GLU A 97 10.62 -6.87 -3.61
C GLU A 97 10.57 -5.35 -3.67
N GLU A 98 9.53 -4.78 -4.27
CA GLU A 98 9.38 -3.32 -4.22
C GLU A 98 8.88 -2.89 -2.85
N ALA A 99 8.17 -3.78 -2.13
CA ALA A 99 7.68 -3.43 -0.81
C ALA A 99 8.83 -3.22 0.18
N VAL A 100 9.90 -4.04 0.08
CA VAL A 100 11.06 -3.86 0.94
C VAL A 100 11.96 -2.75 0.41
N ALA A 101 11.90 -2.46 -0.89
CA ALA A 101 12.64 -1.36 -1.48
C ALA A 101 12.00 -0.03 -1.09
N ALA A 102 10.81 -0.09 -0.48
CA ALA A 102 10.08 1.08 0.00
C ALA A 102 9.97 1.05 1.54
N MET A 103 10.40 -0.04 2.17
CA MET A 103 10.44 -0.16 3.63
C MET A 103 11.59 0.66 4.22
N SER A 104 12.29 1.42 3.37
CA SER A 104 13.49 2.17 3.72
C SER A 104 13.21 3.43 4.55
N LYS A 105 12.01 3.53 5.14
CA LYS A 105 11.58 4.72 5.86
C LYS A 105 10.94 4.37 7.21
N ASP A 106 11.29 3.22 7.79
CA ASP A 106 10.83 2.79 9.10
C ASP A 106 10.81 3.97 10.07
N ARG A 107 9.60 4.48 10.35
CA ARG A 107 9.33 5.65 11.17
C ARG A 107 10.37 6.77 11.02
N ALA A 108 10.84 6.97 9.78
CA ALA A 108 11.79 7.99 9.39
C ALA A 108 11.15 9.38 9.39
N ASN A 109 11.52 10.22 8.41
CA ASN A 109 11.00 11.57 8.25
C ASN A 109 10.57 11.80 6.80
N MET A 110 9.97 12.95 6.50
CA MET A 110 9.42 13.19 5.17
C MET A 110 9.38 14.68 4.81
N GLN A 111 9.14 15.56 5.79
CA GLN A 111 9.05 17.00 5.52
C GLN A 111 9.24 17.82 6.79
N HIS A 112 8.58 17.39 7.87
CA HIS A 112 8.48 18.16 9.09
C HIS A 112 7.90 17.32 10.25
N ARG A 113 7.66 16.03 10.00
CA ARG A 113 7.11 15.09 10.99
C ARG A 113 7.86 13.77 10.89
N TYR A 114 7.79 12.95 11.94
CA TYR A 114 8.44 11.65 11.94
C TYR A 114 7.51 10.60 11.33
N ILE A 115 7.20 10.77 10.04
CA ILE A 115 6.29 9.92 9.30
C ILE A 115 6.70 8.45 9.41
N GLU A 116 5.72 7.54 9.35
CA GLU A 116 5.99 6.13 9.58
C GLU A 116 5.21 5.27 8.59
N LEU A 117 5.71 4.07 8.33
CA LEU A 117 5.03 3.11 7.48
C LEU A 117 5.33 1.68 7.97
N PHE A 118 4.36 0.78 7.79
CA PHE A 118 4.36 -0.51 8.47
C PHE A 118 4.02 -1.61 7.47
N LEU A 119 4.96 -2.54 7.24
CA LEU A 119 4.86 -3.58 6.22
C LEU A 119 3.58 -4.40 6.35
N ASN A 120 2.96 -4.75 5.22
CA ASN A 120 1.75 -5.57 5.17
C ASN A 120 1.75 -6.45 3.90
N SER A 121 2.86 -7.17 3.68
CA SER A 121 2.96 -8.12 2.58
C SER A 121 4.07 -9.12 2.87
N THR A 122 4.18 -10.14 2.01
CA THR A 122 5.25 -11.11 2.08
C THR A 122 5.56 -11.68 0.70
N THR A 123 6.71 -12.32 0.56
CA THR A 123 7.22 -12.90 -0.68
C THR A 123 6.45 -14.16 -1.11
N GLY A 124 5.21 -14.34 -0.64
CA GLY A 124 4.45 -15.55 -0.92
C GLY A 124 2.93 -15.32 -0.84
N ALA A 125 2.47 -14.08 -1.01
CA ALA A 125 1.06 -13.77 -0.97
C ALA A 125 0.72 -12.61 -1.91
N SER A 126 -0.58 -12.40 -2.16
CA SER A 126 -1.08 -11.34 -3.02
C SER A 126 -2.51 -10.99 -2.63
N ASN A 127 -3.10 -9.98 -3.29
CA ASN A 127 -4.46 -9.57 -3.01
C ASN A 127 -5.47 -10.65 -3.42
N GLY A 128 -5.03 -11.61 -4.26
CA GLY A 128 -5.87 -12.72 -4.69
C GLY A 128 -5.53 -13.18 -6.09
N ALA A 129 -4.87 -12.34 -6.90
CA ALA A 129 -4.53 -12.68 -8.26
C ALA A 129 -3.35 -11.85 -8.76
N TYR A 130 -2.87 -12.18 -9.96
CA TYR A 130 -1.79 -11.46 -10.64
C TYR A 130 -2.27 -10.08 -11.12
N SER A 131 -1.36 -9.31 -11.73
CA SER A 131 -1.68 -7.98 -12.24
C SER A 131 -0.94 -7.75 -13.56
N SER A 132 -1.65 -7.93 -14.67
CA SER A 132 -1.09 -7.75 -16.01
C SER A 132 -0.73 -6.28 -16.27
N GLN A 133 0.02 -6.04 -17.35
CA GLN A 133 0.43 -4.70 -17.75
C GLN A 133 -0.77 -3.82 -18.08
N VAL A 134 -0.59 -2.50 -18.04
CA VAL A 134 -1.63 -1.52 -18.30
C VAL A 134 -2.07 -1.50 -19.76
N MET A 135 -1.62 -2.48 -20.53
CA MET A 135 -1.91 -2.63 -21.94
C MET A 135 -2.14 -4.09 -22.32
N GLN A 136 -1.98 -5.00 -21.34
CA GLN A 136 -2.13 -6.44 -21.51
C GLN A 136 -1.34 -7.00 -22.71
N GLY A 137 -0.37 -6.25 -23.22
CA GLY A 137 0.43 -6.66 -24.37
C GLY A 137 1.31 -5.51 -24.86
N MET A 138 2.09 -5.77 -25.91
CA MET A 138 2.98 -4.76 -26.49
C MET A 138 3.15 -5.00 -27.99
N GLY A 139 2.46 -6.01 -28.55
CA GLY A 139 2.55 -6.35 -29.96
C GLY A 139 1.69 -7.56 -30.28
N GLY A 35 -25.15 -5.92 -21.43
CA GLY A 35 -24.43 -7.19 -21.66
C GLY A 35 -22.98 -6.94 -21.99
N ASP A 36 -22.08 -7.75 -21.41
CA ASP A 36 -20.65 -7.62 -21.62
C ASP A 36 -19.95 -8.96 -21.40
N SER A 37 -18.65 -9.04 -21.72
CA SER A 37 -17.86 -10.25 -21.58
C SER A 37 -16.39 -9.90 -21.40
N GLU A 38 -15.55 -10.92 -21.18
CA GLU A 38 -14.12 -10.76 -21.01
C GLU A 38 -13.41 -12.03 -21.46
N PHE A 39 -12.09 -11.93 -21.66
CA PHE A 39 -11.27 -13.04 -22.12
C PHE A 39 -9.91 -13.05 -21.42
N THR A 40 -9.73 -12.16 -20.44
CA THR A 40 -8.48 -11.99 -19.70
C THR A 40 -8.79 -11.79 -18.22
N VAL A 41 -7.74 -11.79 -17.38
CA VAL A 41 -7.90 -11.65 -15.93
C VAL A 41 -6.77 -10.79 -15.38
N GLN A 42 -7.04 -10.08 -14.27
CA GLN A 42 -6.08 -9.22 -13.62
C GLN A 42 -6.29 -9.21 -12.10
N SER A 43 -7.05 -10.19 -11.59
CA SER A 43 -7.41 -10.31 -10.18
C SER A 43 -6.22 -10.76 -9.29
N THR A 44 -4.98 -10.54 -9.75
CA THR A 44 -3.80 -10.94 -9.00
C THR A 44 -3.83 -10.41 -7.57
N THR A 45 -3.13 -11.08 -6.66
CA THR A 45 -3.15 -10.77 -5.24
C THR A 45 -2.50 -9.44 -4.92
N GLY A 46 -1.28 -9.28 -5.40
CA GLY A 46 -0.42 -8.17 -5.05
C GLY A 46 -0.18 -8.14 -3.54
N HIS A 47 0.49 -7.08 -3.05
CA HIS A 47 0.78 -7.00 -1.62
C HIS A 47 0.81 -5.54 -1.15
N CYS A 48 0.85 -5.31 0.17
CA CYS A 48 0.60 -3.96 0.69
C CYS A 48 1.52 -3.58 1.84
N VAL A 49 1.40 -2.32 2.27
CA VAL A 49 2.09 -1.73 3.40
C VAL A 49 1.20 -0.62 3.97
N HIS A 50 1.26 -0.38 5.28
CA HIS A 50 0.48 0.68 5.91
C HIS A 50 1.17 2.03 5.73
N MET A 51 0.45 3.14 5.92
CA MET A 51 1.02 4.48 5.86
C MET A 51 0.20 5.44 6.72
N ARG A 52 0.85 6.04 7.73
CA ARG A 52 0.16 6.94 8.66
C ARG A 52 1.06 8.12 9.01
N GLY A 53 0.51 9.08 9.75
CA GLY A 53 1.18 10.33 10.06
C GLY A 53 0.55 11.49 9.28
N LEU A 54 -0.26 11.15 8.27
CA LEU A 54 -0.92 12.12 7.41
C LEU A 54 -2.21 12.71 8.02
N PRO A 55 -3.13 11.88 8.55
CA PRO A 55 -4.57 12.10 8.73
C PRO A 55 -5.22 13.49 8.72
N TYR A 56 -4.53 14.60 9.00
CA TYR A 56 -5.17 15.91 8.97
C TYR A 56 -4.31 16.98 8.29
N LYS A 57 -3.16 16.61 7.71
CA LYS A 57 -2.23 17.60 7.16
C LYS A 57 -1.54 17.16 5.86
N ALA A 58 -1.83 15.97 5.33
CA ALA A 58 -1.17 15.49 4.13
C ALA A 58 -2.03 14.49 3.36
N THR A 59 -1.56 14.08 2.17
CA THR A 59 -2.31 13.18 1.28
C THR A 59 -1.42 12.29 0.44
N GLU A 60 -2.08 11.40 -0.31
CA GLU A 60 -1.44 10.42 -1.17
C GLU A 60 -0.43 11.02 -2.14
N ASN A 61 -0.66 12.27 -2.56
CA ASN A 61 0.21 12.94 -3.53
C ASN A 61 1.64 13.09 -3.03
N ASP A 62 1.90 12.84 -1.74
CA ASP A 62 3.25 12.88 -1.20
C ASP A 62 3.67 11.52 -0.66
N ILE A 63 2.72 10.61 -0.47
CA ILE A 63 3.03 9.25 -0.06
C ILE A 63 3.87 8.54 -1.12
N TYR A 64 3.34 8.40 -2.33
CA TYR A 64 4.06 7.67 -3.37
C TYR A 64 5.13 8.55 -4.01
N ASN A 65 5.39 9.72 -3.42
CA ASN A 65 6.36 10.66 -3.89
C ASN A 65 7.53 10.85 -2.90
N PHE A 66 7.45 10.27 -1.70
CA PHE A 66 8.56 10.29 -0.76
C PHE A 66 9.05 8.88 -0.45
N PHE A 67 8.25 7.88 -0.81
CA PHE A 67 8.49 6.48 -0.46
C PHE A 67 9.81 5.97 -1.04
N SER A 68 10.06 6.23 -2.33
CA SER A 68 11.22 5.73 -3.05
C SER A 68 11.21 6.26 -4.49
N PRO A 69 12.30 6.07 -5.24
CA PRO A 69 12.38 6.40 -6.66
C PRO A 69 11.47 5.50 -7.51
N LEU A 70 10.72 4.60 -6.87
CA LEU A 70 9.69 3.78 -7.49
C LEU A 70 8.68 4.60 -8.28
N ASN A 71 7.80 3.88 -8.98
CA ASN A 71 6.83 4.42 -9.90
C ASN A 71 5.43 4.11 -9.39
N PRO A 72 4.42 4.90 -9.78
CA PRO A 72 3.09 4.86 -9.22
C PRO A 72 2.32 3.61 -9.66
N VAL A 73 1.94 2.81 -8.66
CA VAL A 73 1.14 1.59 -8.79
C VAL A 73 0.32 1.41 -7.51
N ARG A 74 0.18 2.48 -6.72
CA ARG A 74 -0.26 2.38 -5.35
C ARG A 74 -1.16 3.55 -4.89
N VAL A 75 -1.03 3.89 -3.61
CA VAL A 75 -1.85 4.80 -2.82
C VAL A 75 -3.34 4.48 -2.80
N HIS A 76 -3.90 4.69 -1.60
CA HIS A 76 -5.28 4.53 -1.24
C HIS A 76 -5.49 5.33 0.05
N ILE A 77 -6.74 5.57 0.43
CA ILE A 77 -7.02 6.42 1.58
C ILE A 77 -8.15 5.83 2.42
N GLU A 78 -8.04 6.06 3.73
CA GLU A 78 -8.94 5.52 4.74
C GLU A 78 -9.43 6.65 5.65
N ILE A 79 -10.55 6.42 6.34
CA ILE A 79 -11.21 7.41 7.17
C ILE A 79 -10.25 8.04 8.18
N GLY A 80 -9.88 7.31 9.23
CA GLY A 80 -9.02 7.85 10.27
C GLY A 80 -9.22 7.12 11.59
N PRO A 81 -8.46 7.54 12.61
CA PRO A 81 -8.61 7.06 13.98
C PRO A 81 -9.88 7.66 14.60
N ASP A 82 -10.60 8.50 13.83
CA ASP A 82 -11.83 9.11 14.30
C ASP A 82 -12.73 9.50 13.12
N GLY A 83 -12.12 9.91 12.02
CA GLY A 83 -12.82 10.22 10.78
C GLY A 83 -12.90 11.72 10.52
N ARG A 84 -12.28 12.53 11.37
CA ARG A 84 -12.22 13.97 11.19
C ARG A 84 -11.34 14.29 9.98
N VAL A 85 -11.83 15.16 9.09
CA VAL A 85 -11.13 15.57 7.85
C VAL A 85 -10.22 14.46 7.31
N THR A 86 -10.83 13.29 7.06
CA THR A 86 -10.18 12.04 6.69
C THR A 86 -8.94 12.21 5.81
N GLY A 87 -7.91 11.40 6.08
CA GLY A 87 -6.65 11.45 5.35
C GLY A 87 -5.70 10.31 5.68
N GLU A 88 -6.14 9.28 6.41
CA GLU A 88 -5.29 8.13 6.70
C GLU A 88 -5.04 7.35 5.41
N ALA A 89 -4.02 6.49 5.34
CA ALA A 89 -3.72 5.85 4.08
C ALA A 89 -3.10 4.47 4.19
N ASP A 90 -3.00 3.83 3.03
CA ASP A 90 -2.30 2.58 2.83
C ASP A 90 -1.81 2.54 1.39
N VAL A 91 -0.89 1.61 1.07
CA VAL A 91 -0.31 1.53 -0.25
C VAL A 91 -0.20 0.09 -0.72
N GLU A 92 0.20 -0.08 -1.98
CA GLU A 92 0.33 -1.39 -2.62
C GLU A 92 1.68 -1.47 -3.32
N PHE A 93 2.08 -2.68 -3.69
CA PHE A 93 3.36 -2.91 -4.35
C PHE A 93 3.28 -4.15 -5.25
N ALA A 94 4.35 -4.37 -6.02
CA ALA A 94 4.48 -5.48 -6.93
C ALA A 94 5.61 -6.38 -6.45
N THR A 95 5.24 -7.55 -5.92
CA THR A 95 6.11 -8.52 -5.25
C THR A 95 6.89 -7.93 -4.08
N HIS A 96 7.10 -8.75 -3.06
CA HIS A 96 7.73 -8.33 -1.82
C HIS A 96 9.03 -7.59 -2.07
N GLU A 97 9.65 -7.82 -3.23
CA GLU A 97 10.88 -7.15 -3.63
C GLU A 97 10.67 -5.63 -3.77
N GLU A 98 9.56 -5.20 -4.35
CA GLU A 98 9.28 -3.77 -4.42
C GLU A 98 8.84 -3.23 -3.06
N ALA A 99 8.22 -4.05 -2.21
CA ALA A 99 7.81 -3.55 -0.90
C ALA A 99 9.02 -3.32 0.00
N VAL A 100 10.05 -4.19 -0.06
CA VAL A 100 11.26 -3.98 0.72
C VAL A 100 12.15 -2.94 0.06
N ALA A 101 12.03 -2.74 -1.26
CA ALA A 101 12.77 -1.69 -1.94
C ALA A 101 12.21 -0.33 -1.53
N ALA A 102 10.99 -0.32 -0.99
CA ALA A 102 10.36 0.88 -0.48
C ALA A 102 10.54 1.01 1.04
N MET A 103 10.98 -0.07 1.70
CA MET A 103 11.30 -0.04 3.12
C MET A 103 12.63 0.68 3.34
N SER A 104 12.56 2.02 3.33
CA SER A 104 13.70 2.88 3.59
C SER A 104 13.24 4.15 4.30
N LYS A 105 12.03 4.12 4.88
CA LYS A 105 11.41 5.27 5.51
C LYS A 105 10.68 4.88 6.80
N ASP A 106 11.02 3.71 7.36
CA ASP A 106 10.46 3.12 8.57
C ASP A 106 9.54 4.06 9.35
N ARG A 107 10.09 5.15 9.89
CA ARG A 107 9.30 6.17 10.56
C ARG A 107 9.96 7.55 10.35
N ALA A 108 10.51 7.74 9.15
CA ALA A 108 11.28 8.92 8.75
C ALA A 108 10.43 10.20 8.66
N ASN A 109 11.11 11.34 8.50
CA ASN A 109 10.48 12.64 8.34
C ASN A 109 9.92 12.81 6.93
N MET A 110 9.18 13.90 6.68
CA MET A 110 8.63 14.20 5.36
C MET A 110 8.60 15.69 5.07
N GLN A 111 8.17 16.53 6.04
CA GLN A 111 8.15 17.97 5.81
C GLN A 111 8.03 18.80 7.09
N HIS A 112 7.46 18.24 8.16
CA HIS A 112 7.20 19.03 9.36
C HIS A 112 7.07 18.17 10.63
N ARG A 113 6.80 16.88 10.45
CA ARG A 113 6.71 15.91 11.54
C ARG A 113 6.99 14.53 10.94
N TYR A 114 7.18 13.50 11.77
CA TYR A 114 7.53 12.21 11.22
C TYR A 114 6.36 11.59 10.45
N ILE A 115 6.64 10.54 9.69
CA ILE A 115 5.66 9.77 8.93
C ILE A 115 6.08 8.32 9.06
N GLU A 116 5.14 7.39 8.90
CA GLU A 116 5.47 6.00 9.14
C GLU A 116 4.71 5.08 8.20
N LEU A 117 5.35 3.94 7.91
CA LEU A 117 4.80 2.90 7.06
C LEU A 117 5.28 1.55 7.59
N PHE A 118 4.39 0.57 7.66
CA PHE A 118 4.68 -0.68 8.35
C PHE A 118 4.27 -1.85 7.47
N LEU A 119 5.18 -2.81 7.29
CA LEU A 119 5.04 -3.89 6.32
C LEU A 119 3.71 -4.65 6.47
N ASN A 120 3.15 -5.07 5.32
CA ASN A 120 1.94 -5.85 5.24
C ASN A 120 2.05 -6.81 4.06
N SER A 121 3.23 -7.42 3.90
CA SER A 121 3.50 -8.38 2.85
C SER A 121 4.65 -9.30 3.21
N THR A 122 4.87 -10.33 2.39
CA THR A 122 6.03 -11.21 2.51
C THR A 122 6.27 -11.89 1.16
N THR A 123 7.44 -12.50 1.01
CA THR A 123 7.91 -13.18 -0.20
C THR A 123 7.08 -14.42 -0.53
N GLY A 124 5.93 -14.60 0.13
CA GLY A 124 5.05 -15.75 -0.07
C GLY A 124 3.58 -15.36 0.04
N ALA A 125 3.27 -14.08 -0.20
CA ALA A 125 1.91 -13.55 -0.11
C ALA A 125 1.65 -12.53 -1.21
N SER A 126 2.30 -12.73 -2.36
CA SER A 126 2.20 -11.81 -3.50
C SER A 126 2.31 -12.58 -4.82
N ASN A 127 2.00 -13.87 -4.79
CA ASN A 127 2.10 -14.73 -5.97
C ASN A 127 0.92 -15.70 -6.02
N GLY A 128 0.69 -16.28 -7.19
CA GLY A 128 -0.43 -17.17 -7.44
C GLY A 128 -0.63 -17.38 -8.94
N ALA A 129 -1.81 -17.83 -9.34
CA ALA A 129 -2.15 -18.02 -10.74
C ALA A 129 -3.61 -17.63 -10.99
N TYR A 130 -3.94 -17.42 -12.27
CA TYR A 130 -5.26 -16.97 -12.69
C TYR A 130 -5.59 -17.36 -14.13
N SER A 131 -4.76 -18.24 -14.73
CA SER A 131 -4.92 -18.71 -16.10
C SER A 131 -5.22 -17.61 -17.12
N SER A 132 -4.78 -16.37 -16.85
CA SER A 132 -4.98 -15.25 -17.77
C SER A 132 -4.24 -15.48 -19.09
N GLN A 133 -4.48 -14.60 -20.07
CA GLN A 133 -3.89 -14.70 -21.39
C GLN A 133 -3.74 -13.30 -21.99
N VAL A 134 -2.72 -13.10 -22.82
CA VAL A 134 -2.46 -11.82 -23.48
C VAL A 134 -2.00 -12.01 -24.93
N MET A 135 -2.00 -13.26 -25.38
CA MET A 135 -1.58 -13.70 -26.70
C MET A 135 -0.31 -13.04 -27.23
N GLN A 136 0.56 -12.56 -26.32
CA GLN A 136 1.80 -11.89 -26.67
C GLN A 136 2.92 -12.25 -25.68
N GLY A 137 2.70 -13.25 -24.83
CA GLY A 137 3.69 -13.65 -23.83
C GLY A 137 3.28 -14.89 -23.03
N MET A 138 2.07 -15.41 -23.27
CA MET A 138 1.58 -16.60 -22.59
C MET A 138 0.76 -17.48 -23.55
N GLY A 139 0.81 -17.18 -24.85
CA GLY A 139 0.07 -17.90 -25.87
C GLY A 139 0.34 -17.31 -27.26
N GLY A 35 -8.90 -21.92 -10.95
CA GLY A 35 -9.06 -20.92 -12.02
C GLY A 35 -7.76 -20.71 -12.78
N ASP A 36 -7.88 -20.40 -14.08
CA ASP A 36 -6.73 -20.18 -14.95
C ASP A 36 -7.13 -19.26 -16.10
N SER A 37 -6.13 -18.73 -16.82
CA SER A 37 -6.31 -17.79 -17.93
C SER A 37 -7.16 -16.59 -17.55
N GLU A 38 -7.34 -16.31 -16.26
CA GLU A 38 -8.14 -15.19 -15.80
C GLU A 38 -7.59 -14.69 -14.48
N PHE A 39 -7.77 -13.39 -14.20
CA PHE A 39 -7.25 -12.75 -13.01
C PHE A 39 -8.26 -11.75 -12.45
N THR A 40 -7.95 -11.17 -11.29
CA THR A 40 -8.82 -10.21 -10.61
C THR A 40 -7.99 -9.13 -9.93
N VAL A 41 -8.67 -8.12 -9.38
CA VAL A 41 -8.04 -7.00 -8.69
C VAL A 41 -8.84 -6.67 -7.43
N GLN A 42 -9.55 -7.68 -6.94
CA GLN A 42 -10.42 -7.58 -5.77
C GLN A 42 -10.21 -8.80 -4.84
N SER A 43 -9.04 -9.43 -4.95
CA SER A 43 -8.72 -10.65 -4.21
C SER A 43 -7.31 -10.58 -3.61
N THR A 44 -6.84 -9.37 -3.29
CA THR A 44 -5.52 -9.13 -2.72
C THR A 44 -4.42 -9.71 -3.62
N THR A 45 -4.61 -9.59 -4.94
CA THR A 45 -3.65 -10.01 -5.96
C THR A 45 -2.45 -9.09 -6.03
N GLY A 46 -1.86 -8.78 -4.88
CA GLY A 46 -0.73 -7.87 -4.86
C GLY A 46 0.00 -7.93 -3.52
N HIS A 47 0.85 -6.93 -3.26
CA HIS A 47 1.64 -6.86 -2.03
C HIS A 47 1.42 -5.48 -1.43
N CYS A 48 1.41 -5.35 -0.09
CA CYS A 48 1.06 -4.05 0.49
C CYS A 48 1.86 -3.72 1.75
N VAL A 49 1.69 -2.48 2.20
CA VAL A 49 2.38 -1.91 3.36
C VAL A 49 1.46 -0.88 3.99
N HIS A 50 1.43 -0.81 5.32
CA HIS A 50 0.62 0.17 6.04
C HIS A 50 1.40 1.47 6.17
N MET A 51 0.70 2.58 6.48
CA MET A 51 1.35 3.87 6.69
C MET A 51 0.51 4.74 7.61
N ARG A 52 1.05 5.09 8.79
CA ARG A 52 0.38 6.09 9.60
C ARG A 52 0.38 7.35 8.78
N GLY A 53 -0.77 8.02 8.73
CA GLY A 53 -1.04 9.01 7.71
C GLY A 53 -0.25 10.30 7.89
N LEU A 54 0.05 10.94 6.76
CA LEU A 54 0.59 12.28 6.71
C LEU A 54 -0.41 13.24 7.36
N PRO A 55 -0.05 14.51 7.57
CA PRO A 55 -0.97 15.50 8.07
C PRO A 55 -2.29 15.47 7.29
N TYR A 56 -3.42 15.66 7.99
CA TYR A 56 -4.73 15.66 7.37
C TYR A 56 -4.98 16.93 6.53
N LYS A 57 -3.92 17.40 5.86
CA LYS A 57 -3.92 18.56 4.99
C LYS A 57 -3.07 18.28 3.74
N ALA A 58 -2.78 17.01 3.46
CA ALA A 58 -1.94 16.58 2.35
C ALA A 58 -2.50 15.33 1.68
N THR A 59 -1.86 14.84 0.62
CA THR A 59 -2.39 13.75 -0.18
C THR A 59 -1.33 12.81 -0.75
N GLU A 60 -1.84 11.77 -1.41
CA GLU A 60 -1.09 10.72 -2.06
C GLU A 60 0.02 11.24 -2.97
N ASN A 61 -0.15 12.45 -3.52
CA ASN A 61 0.84 13.06 -4.41
C ASN A 61 2.20 13.24 -3.73
N ASP A 62 2.24 13.13 -2.40
CA ASP A 62 3.48 13.20 -1.66
C ASP A 62 3.81 11.86 -0.99
N ILE A 63 2.80 11.01 -0.79
CA ILE A 63 3.00 9.69 -0.21
C ILE A 63 3.86 8.81 -1.10
N TYR A 64 3.48 8.67 -2.38
CA TYR A 64 4.26 7.84 -3.30
C TYR A 64 5.57 8.52 -3.65
N ASN A 65 5.82 9.70 -3.06
CA ASN A 65 7.02 10.47 -3.27
C ASN A 65 7.85 10.52 -1.99
N PHE A 66 7.32 9.92 -0.90
CA PHE A 66 8.00 9.81 0.37
C PHE A 66 8.49 8.38 0.62
N PHE A 67 7.87 7.40 -0.05
CA PHE A 67 8.24 6.01 0.11
C PHE A 67 9.54 5.70 -0.65
N SER A 68 9.53 5.86 -1.97
CA SER A 68 10.66 5.53 -2.85
C SER A 68 10.33 5.86 -4.30
N PRO A 69 11.35 5.94 -5.17
CA PRO A 69 11.23 6.30 -6.58
C PRO A 69 10.57 5.20 -7.44
N LEU A 70 9.93 4.20 -6.82
CA LEU A 70 9.19 3.15 -7.50
C LEU A 70 8.00 3.70 -8.28
N ASN A 71 7.82 5.02 -8.22
CA ASN A 71 6.80 5.77 -8.95
C ASN A 71 5.39 5.39 -8.49
N PRO A 72 4.37 6.21 -8.82
CA PRO A 72 3.01 5.99 -8.33
C PRO A 72 2.37 4.77 -8.98
N VAL A 73 2.12 3.75 -8.15
CA VAL A 73 1.48 2.50 -8.53
C VAL A 73 0.73 1.90 -7.35
N ARG A 74 0.63 2.61 -6.22
CA ARG A 74 0.32 1.95 -4.96
C ARG A 74 -0.53 2.74 -3.96
N VAL A 75 -0.73 4.05 -4.15
CA VAL A 75 -1.36 4.85 -3.11
C VAL A 75 -2.83 4.50 -2.85
N HIS A 76 -3.24 4.69 -1.59
CA HIS A 76 -4.60 4.56 -1.12
C HIS A 76 -4.77 5.38 0.16
N ILE A 77 -6.01 5.70 0.54
CA ILE A 77 -6.29 6.52 1.71
C ILE A 77 -7.41 5.88 2.53
N GLU A 78 -7.38 6.11 3.85
CA GLU A 78 -8.33 5.59 4.81
C GLU A 78 -8.75 6.72 5.76
N ILE A 79 -9.73 6.47 6.64
CA ILE A 79 -10.28 7.49 7.53
C ILE A 79 -10.29 6.99 8.97
N GLY A 80 -10.29 7.94 9.92
CA GLY A 80 -10.26 7.68 11.35
C GLY A 80 -11.56 7.08 11.87
N PRO A 81 -11.57 6.75 13.17
CA PRO A 81 -12.69 6.18 13.88
C PRO A 81 -13.72 7.27 14.18
N ASP A 82 -13.52 8.46 13.61
CA ASP A 82 -14.38 9.61 13.86
C ASP A 82 -14.75 10.34 12.57
N GLY A 83 -14.19 9.91 11.44
CA GLY A 83 -14.43 10.50 10.13
C GLY A 83 -14.39 12.02 10.09
N ARG A 84 -13.57 12.65 10.93
CA ARG A 84 -13.31 14.09 10.85
C ARG A 84 -12.57 14.39 9.55
N VAL A 85 -12.07 15.62 9.41
CA VAL A 85 -11.23 15.98 8.26
C VAL A 85 -9.93 15.17 8.26
N THR A 86 -9.74 14.34 9.28
CA THR A 86 -8.58 13.46 9.44
C THR A 86 -8.43 12.48 8.29
N GLY A 87 -7.35 11.69 8.31
CA GLY A 87 -7.11 10.68 7.32
C GLY A 87 -5.95 9.77 7.72
N GLU A 88 -5.85 8.63 7.03
CA GLU A 88 -4.81 7.63 7.23
C GLU A 88 -4.44 7.10 5.85
N ALA A 89 -3.43 6.22 5.76
CA ALA A 89 -3.03 5.74 4.45
C ALA A 89 -2.50 4.31 4.48
N ASP A 90 -2.44 3.73 3.28
CA ASP A 90 -1.84 2.44 3.03
C ASP A 90 -1.43 2.39 1.57
N VAL A 91 -0.61 1.41 1.20
CA VAL A 91 -0.14 1.29 -0.17
C VAL A 91 -0.08 -0.16 -0.60
N GLU A 92 -0.05 -0.39 -1.92
CA GLU A 92 -0.05 -1.72 -2.52
C GLU A 92 1.03 -1.81 -3.60
N PHE A 93 2.25 -2.11 -3.18
CA PHE A 93 3.40 -2.21 -4.05
C PHE A 93 3.28 -3.36 -5.06
N ALA A 94 4.03 -3.22 -6.15
CA ALA A 94 4.19 -4.26 -7.15
C ALA A 94 5.24 -5.25 -6.64
N THR A 95 4.77 -6.45 -6.28
CA THR A 95 5.59 -7.54 -5.73
C THR A 95 6.28 -7.15 -4.42
N HIS A 96 6.79 -8.18 -3.73
CA HIS A 96 7.52 -7.98 -2.49
C HIS A 96 8.84 -7.25 -2.75
N GLU A 97 9.33 -7.31 -3.99
CA GLU A 97 10.60 -6.72 -4.35
C GLU A 97 10.56 -5.20 -4.29
N GLU A 98 9.51 -4.58 -4.81
CA GLU A 98 9.39 -3.14 -4.70
C GLU A 98 9.02 -2.76 -3.25
N ALA A 99 8.31 -3.66 -2.54
CA ALA A 99 7.93 -3.39 -1.17
C ALA A 99 9.15 -3.28 -0.26
N VAL A 100 10.09 -4.23 -0.35
CA VAL A 100 11.29 -4.17 0.47
C VAL A 100 12.26 -3.10 -0.06
N ALA A 101 12.14 -2.75 -1.35
CA ALA A 101 12.94 -1.69 -1.92
C ALA A 101 12.48 -0.33 -1.41
N ALA A 102 11.34 -0.28 -0.73
CA ALA A 102 10.82 0.93 -0.11
C ALA A 102 10.82 0.82 1.41
N MET A 103 11.18 -0.34 1.96
CA MET A 103 11.36 -0.53 3.39
C MET A 103 12.68 0.10 3.85
N SER A 104 12.81 1.41 3.63
CA SER A 104 14.02 2.15 3.97
C SER A 104 13.67 3.49 4.62
N LYS A 105 12.45 3.61 5.15
CA LYS A 105 11.93 4.83 5.75
C LYS A 105 11.21 4.53 7.06
N ASP A 106 11.60 3.45 7.75
CA ASP A 106 11.02 3.07 9.03
C ASP A 106 10.82 4.28 9.95
N ARG A 107 9.55 4.56 10.23
CA ARG A 107 9.05 5.71 10.98
C ARG A 107 9.85 7.00 10.77
N ALA A 108 10.33 7.20 9.53
CA ALA A 108 11.14 8.34 9.12
C ALA A 108 10.33 9.63 8.93
N ASN A 109 11.02 10.73 8.65
CA ASN A 109 10.40 12.00 8.32
C ASN A 109 9.73 11.92 6.93
N MET A 110 8.92 12.92 6.58
CA MET A 110 8.21 12.94 5.31
C MET A 110 8.13 14.35 4.73
N GLN A 111 8.03 15.37 5.59
CA GLN A 111 7.98 16.76 5.18
C GLN A 111 8.38 17.68 6.31
N HIS A 112 7.87 17.41 7.52
CA HIS A 112 8.17 18.25 8.67
C HIS A 112 7.89 17.54 10.00
N ARG A 113 7.49 16.27 9.98
CA ARG A 113 7.12 15.56 11.20
C ARG A 113 7.27 14.04 11.05
N TYR A 114 7.20 13.38 12.20
CA TYR A 114 7.15 11.94 12.39
C TYR A 114 6.05 11.36 11.48
N ILE A 115 6.39 10.36 10.66
CA ILE A 115 5.46 9.63 9.79
C ILE A 115 5.96 8.20 9.68
N GLU A 116 5.10 7.22 9.36
CA GLU A 116 5.55 5.84 9.49
C GLU A 116 4.90 4.91 8.48
N LEU A 117 5.56 3.78 8.20
CA LEU A 117 5.05 2.74 7.32
C LEU A 117 5.58 1.37 7.74
N PHE A 118 4.72 0.35 7.64
CA PHE A 118 4.97 -0.95 8.26
C PHE A 118 4.64 -2.07 7.27
N LEU A 119 5.62 -2.93 6.98
CA LEU A 119 5.53 -3.96 5.96
C LEU A 119 4.33 -4.89 6.18
N ASN A 120 3.63 -5.25 5.10
CA ASN A 120 2.49 -6.14 5.13
C ASN A 120 2.43 -6.99 3.85
N SER A 121 3.52 -7.71 3.58
CA SER A 121 3.59 -8.62 2.44
C SER A 121 4.68 -9.68 2.66
N THR A 122 4.81 -10.59 1.69
CA THR A 122 5.84 -11.61 1.69
C THR A 122 6.30 -11.85 0.27
N THR A 123 7.49 -12.44 0.09
CA THR A 123 8.05 -12.69 -1.23
C THR A 123 7.05 -13.45 -2.11
N GLY A 124 6.95 -13.03 -3.37
CA GLY A 124 5.98 -13.56 -4.31
C GLY A 124 6.02 -12.76 -5.61
N ALA A 125 5.01 -12.97 -6.45
CA ALA A 125 4.91 -12.33 -7.76
C ALA A 125 3.45 -11.98 -8.07
N SER A 126 2.68 -11.64 -7.02
CA SER A 126 1.25 -11.37 -7.11
C SER A 126 0.45 -12.57 -7.62
N ASN A 127 1.12 -13.71 -7.81
CA ASN A 127 0.53 -14.96 -8.30
C ASN A 127 -0.38 -14.77 -9.51
N GLY A 128 -0.19 -13.70 -10.28
CA GLY A 128 -1.03 -13.42 -11.43
C GLY A 128 -0.80 -12.02 -11.99
N ALA A 129 -1.80 -11.52 -12.71
CA ALA A 129 -1.79 -10.20 -13.33
C ALA A 129 -3.05 -9.44 -12.91
N TYR A 130 -3.46 -8.42 -13.68
CA TYR A 130 -4.58 -7.58 -13.31
C TYR A 130 -5.61 -7.48 -14.44
N SER A 131 -6.83 -7.08 -14.06
CA SER A 131 -7.98 -6.99 -14.96
C SER A 131 -8.88 -5.84 -14.53
N SER A 132 -8.30 -4.81 -13.92
CA SER A 132 -9.01 -3.66 -13.39
C SER A 132 -9.76 -2.84 -14.46
N GLN A 133 -9.62 -3.22 -15.73
CA GLN A 133 -10.27 -2.54 -16.84
C GLN A 133 -10.60 -3.54 -17.94
N VAL A 134 -11.63 -3.25 -18.74
CA VAL A 134 -12.08 -4.13 -19.81
C VAL A 134 -11.03 -4.31 -20.90
N MET A 135 -9.98 -3.48 -20.85
CA MET A 135 -8.87 -3.50 -21.77
C MET A 135 -7.95 -4.70 -21.53
N GLN A 136 -8.35 -5.60 -20.63
CA GLN A 136 -7.58 -6.78 -20.26
C GLN A 136 -8.33 -8.06 -20.66
N GLY A 137 -9.39 -7.92 -21.45
CA GLY A 137 -10.19 -9.06 -21.89
C GLY A 137 -11.02 -8.73 -23.14
N MET A 138 -10.83 -7.55 -23.72
CA MET A 138 -11.55 -7.14 -24.93
C MET A 138 -10.70 -6.12 -25.71
N GLY A 139 -11.00 -5.95 -26.99
CA GLY A 139 -10.29 -5.02 -27.85
C GLY A 139 -10.91 -4.98 -29.25
N GLY A 35 -22.14 -16.58 -18.39
CA GLY A 35 -22.88 -16.90 -17.15
C GLY A 35 -23.57 -15.68 -16.59
N ASP A 36 -23.73 -15.64 -15.27
CA ASP A 36 -24.38 -14.53 -14.58
C ASP A 36 -23.79 -14.31 -13.19
N SER A 37 -22.73 -15.07 -12.84
CA SER A 37 -22.07 -14.96 -11.55
C SER A 37 -20.64 -15.48 -11.65
N GLU A 38 -19.86 -15.29 -10.58
CA GLU A 38 -18.49 -15.75 -10.49
C GLU A 38 -18.09 -15.92 -9.04
N PHE A 39 -17.13 -16.79 -8.76
CA PHE A 39 -16.70 -17.07 -7.41
C PHE A 39 -15.19 -17.33 -7.30
N THR A 40 -14.48 -17.23 -8.42
CA THR A 40 -13.04 -17.47 -8.45
C THR A 40 -12.26 -16.25 -8.02
N VAL A 41 -11.03 -16.46 -7.55
CA VAL A 41 -10.15 -15.40 -7.09
C VAL A 41 -8.69 -15.81 -7.35
N GLN A 42 -7.83 -14.84 -7.66
CA GLN A 42 -6.41 -15.09 -7.89
C GLN A 42 -5.55 -13.91 -7.43
N SER A 43 -6.18 -12.77 -7.12
CA SER A 43 -5.51 -11.59 -6.59
C SER A 43 -6.54 -10.70 -5.91
N THR A 44 -6.19 -10.13 -4.76
CA THR A 44 -7.10 -9.26 -4.02
C THR A 44 -6.37 -8.42 -2.97
N THR A 45 -5.04 -8.57 -2.83
CA THR A 45 -4.28 -7.86 -1.81
C THR A 45 -2.92 -7.40 -2.32
N GLY A 46 -2.45 -7.98 -3.42
CA GLY A 46 -1.11 -7.72 -3.92
C GLY A 46 -0.09 -7.80 -2.79
N HIS A 47 0.78 -6.81 -2.67
CA HIS A 47 1.73 -6.74 -1.57
C HIS A 47 1.58 -5.36 -0.94
N CYS A 48 1.30 -5.29 0.37
CA CYS A 48 0.87 -4.01 0.93
C CYS A 48 1.61 -3.65 2.21
N VAL A 49 1.35 -2.42 2.68
CA VAL A 49 1.94 -1.84 3.86
C VAL A 49 0.98 -0.80 4.41
N HIS A 50 1.08 -0.50 5.71
CA HIS A 50 0.28 0.54 6.34
C HIS A 50 1.22 1.61 6.88
N MET A 51 0.76 2.85 6.97
CA MET A 51 1.64 3.95 7.29
C MET A 51 0.94 5.08 8.04
N ARG A 52 1.71 5.78 8.90
CA ARG A 52 1.26 7.02 9.48
C ARG A 52 0.97 7.95 8.32
N GLY A 53 -0.25 8.48 8.32
CA GLY A 53 -0.75 9.30 7.22
C GLY A 53 -0.28 10.73 7.38
N LEU A 54 -0.48 11.54 6.33
CA LEU A 54 -0.04 12.92 6.34
C LEU A 54 -0.65 13.62 7.56
N PRO A 55 -1.95 13.48 7.82
CA PRO A 55 -3.05 13.35 6.87
C PRO A 55 -3.64 14.75 6.63
N TYR A 56 -3.02 15.78 7.19
CA TYR A 56 -3.61 17.11 7.31
C TYR A 56 -2.92 18.20 6.48
N LYS A 57 -1.84 17.89 5.74
CA LYS A 57 -1.05 18.95 5.11
C LYS A 57 -0.53 18.60 3.72
N ALA A 58 -0.84 17.42 3.18
CA ALA A 58 -0.34 17.00 1.88
C ALA A 58 -1.25 15.92 1.28
N THR A 59 -0.81 15.27 0.20
CA THR A 59 -1.59 14.24 -0.48
C THR A 59 -0.74 13.08 -0.98
N GLU A 60 -1.41 12.05 -1.51
CA GLU A 60 -0.79 10.83 -1.98
C GLU A 60 0.23 11.10 -3.09
N ASN A 61 0.07 12.21 -3.81
CA ASN A 61 0.97 12.60 -4.88
C ASN A 61 2.40 12.84 -4.37
N ASP A 62 2.55 12.91 -3.04
CA ASP A 62 3.86 13.05 -2.42
C ASP A 62 4.20 11.84 -1.56
N ILE A 63 3.20 11.01 -1.22
CA ILE A 63 3.45 9.77 -0.49
C ILE A 63 4.21 8.77 -1.37
N TYR A 64 3.71 8.51 -2.58
CA TYR A 64 4.36 7.55 -3.45
C TYR A 64 5.71 8.07 -3.94
N ASN A 65 6.11 9.25 -3.45
CA ASN A 65 7.34 9.90 -3.82
C ASN A 65 8.25 10.09 -2.60
N PHE A 66 7.71 9.95 -1.39
CA PHE A 66 8.50 10.00 -0.16
C PHE A 66 9.10 8.63 0.14
N PHE A 67 8.47 7.57 -0.38
CA PHE A 67 8.90 6.20 -0.19
C PHE A 67 10.18 5.90 -0.95
N SER A 68 10.15 6.07 -2.28
CA SER A 68 11.24 5.70 -3.17
C SER A 68 10.89 6.12 -4.60
N PRO A 69 11.75 5.84 -5.59
CA PRO A 69 11.60 6.28 -6.97
C PRO A 69 10.71 5.29 -7.73
N LEU A 70 9.75 4.69 -7.03
CA LEU A 70 8.85 3.66 -7.53
C LEU A 70 7.86 4.19 -8.58
N ASN A 71 6.59 3.77 -8.42
CA ASN A 71 5.49 3.97 -9.34
C ASN A 71 4.21 4.19 -8.54
N PRO A 72 3.30 5.04 -9.02
CA PRO A 72 2.11 5.47 -8.30
C PRO A 72 1.01 4.40 -8.25
N VAL A 73 1.33 3.19 -8.72
CA VAL A 73 0.44 2.04 -8.76
C VAL A 73 -0.05 1.59 -7.38
N ARG A 74 0.25 2.32 -6.30
CA ARG A 74 0.09 1.76 -4.96
C ARG A 74 -0.55 2.65 -3.91
N VAL A 75 -0.77 3.95 -4.16
CA VAL A 75 -1.30 4.80 -3.11
C VAL A 75 -2.76 4.50 -2.79
N HIS A 76 -3.11 4.68 -1.52
CA HIS A 76 -4.45 4.56 -1.00
C HIS A 76 -4.55 5.35 0.30
N ILE A 77 -5.77 5.61 0.77
CA ILE A 77 -6.00 6.43 1.94
C ILE A 77 -7.19 5.88 2.74
N GLU A 78 -7.22 6.15 4.04
CA GLU A 78 -8.23 5.62 4.94
C GLU A 78 -8.71 6.70 5.92
N ILE A 79 -9.88 6.49 6.51
CA ILE A 79 -10.56 7.47 7.36
C ILE A 79 -11.12 6.77 8.61
N GLY A 80 -11.35 7.56 9.67
CA GLY A 80 -11.86 7.06 10.94
C GLY A 80 -13.35 6.73 10.92
N PRO A 81 -13.83 6.16 12.02
CA PRO A 81 -15.22 5.79 12.23
C PRO A 81 -16.08 7.03 12.48
N ASP A 82 -15.50 8.21 12.26
CA ASP A 82 -16.18 9.49 12.49
C ASP A 82 -16.06 10.41 11.28
N GLY A 83 -15.28 9.98 10.29
CA GLY A 83 -14.97 10.72 9.08
C GLY A 83 -14.64 12.20 9.31
N ARG A 84 -14.03 12.52 10.46
CA ARG A 84 -13.46 13.83 10.74
C ARG A 84 -12.39 14.14 9.68
N VAL A 85 -11.84 15.36 9.68
CA VAL A 85 -10.74 15.72 8.80
C VAL A 85 -9.52 14.80 9.03
N THR A 86 -9.59 13.93 10.04
CA THR A 86 -8.59 12.92 10.33
C THR A 86 -8.36 11.99 9.14
N GLY A 87 -7.34 11.14 9.23
CA GLY A 87 -7.08 10.16 8.20
C GLY A 87 -5.79 9.39 8.48
N GLU A 88 -5.58 8.35 7.67
CA GLU A 88 -4.40 7.49 7.69
C GLU A 88 -4.14 7.07 6.26
N ALA A 89 -3.04 6.35 6.00
CA ALA A 89 -2.76 5.93 4.64
C ALA A 89 -2.18 4.52 4.61
N ASP A 90 -2.25 3.91 3.43
CA ASP A 90 -1.68 2.60 3.19
C ASP A 90 -1.30 2.50 1.72
N VAL A 91 -0.49 1.49 1.37
CA VAL A 91 -0.05 1.31 0.00
C VAL A 91 -0.08 -0.15 -0.41
N GLU A 92 0.00 -0.40 -1.71
CA GLU A 92 -0.06 -1.74 -2.30
C GLU A 92 0.99 -1.88 -3.41
N PHE A 93 2.25 -2.03 -3.00
CA PHE A 93 3.38 -2.21 -3.89
C PHE A 93 3.14 -3.34 -4.89
N ALA A 94 3.68 -3.16 -6.09
CA ALA A 94 3.74 -4.21 -7.08
C ALA A 94 4.82 -5.19 -6.65
N THR A 95 4.40 -6.36 -6.16
CA THR A 95 5.25 -7.40 -5.59
C THR A 95 6.00 -6.93 -4.36
N HIS A 96 6.51 -7.89 -3.58
CA HIS A 96 7.28 -7.60 -2.40
C HIS A 96 8.62 -6.95 -2.79
N GLU A 97 9.01 -7.05 -4.06
CA GLU A 97 10.25 -6.48 -4.55
C GLU A 97 10.18 -4.96 -4.55
N GLU A 98 9.07 -4.38 -4.99
CA GLU A 98 8.92 -2.93 -4.89
C GLU A 98 8.73 -2.54 -3.43
N ALA A 99 8.15 -3.42 -2.61
CA ALA A 99 7.94 -3.12 -1.20
C ALA A 99 9.28 -2.96 -0.48
N VAL A 100 10.24 -3.86 -0.73
CA VAL A 100 11.57 -3.74 -0.13
C VAL A 100 12.41 -2.69 -0.83
N ALA A 101 12.09 -2.39 -2.10
CA ALA A 101 12.79 -1.35 -2.84
C ALA A 101 12.42 0.04 -2.30
N ALA A 102 11.42 0.10 -1.41
CA ALA A 102 11.03 1.33 -0.75
C ALA A 102 11.11 1.22 0.77
N MET A 103 11.44 0.04 1.30
CA MET A 103 11.67 -0.13 2.73
C MET A 103 12.97 0.55 3.15
N SER A 104 12.88 1.86 3.43
CA SER A 104 14.00 2.65 3.91
C SER A 104 13.51 3.83 4.74
N LYS A 105 12.26 3.76 5.23
CA LYS A 105 11.62 4.86 5.94
C LYS A 105 10.86 4.39 7.17
N ASP A 106 11.15 3.17 7.65
CA ASP A 106 10.49 2.50 8.78
C ASP A 106 9.67 3.44 9.68
N ARG A 107 10.32 4.42 10.29
CA ARG A 107 9.65 5.48 11.04
C ARG A 107 10.50 6.74 10.96
N ALA A 108 10.99 7.00 9.74
CA ALA A 108 11.81 8.14 9.35
C ALA A 108 11.04 9.46 9.47
N ASN A 109 11.43 10.46 8.69
CA ASN A 109 10.80 11.78 8.70
C ASN A 109 10.44 12.21 7.28
N MET A 110 9.60 13.24 7.18
CA MET A 110 9.12 13.76 5.90
C MET A 110 8.70 15.21 6.06
N GLN A 111 7.90 15.49 7.09
CA GLN A 111 7.52 16.85 7.47
C GLN A 111 6.82 16.81 8.84
N HIS A 112 7.02 17.88 9.61
CA HIS A 112 6.32 18.16 10.87
C HIS A 112 6.29 17.03 11.92
N ARG A 113 6.77 15.83 11.59
CA ARG A 113 6.74 14.67 12.49
C ARG A 113 7.69 13.60 11.97
N TYR A 114 7.45 12.34 12.37
CA TYR A 114 8.24 11.20 11.96
C TYR A 114 7.40 10.19 11.19
N ILE A 115 7.02 10.56 9.95
CA ILE A 115 6.13 9.75 9.11
C ILE A 115 6.67 8.33 9.01
N GLU A 116 5.77 7.36 8.83
CA GLU A 116 6.16 6.01 9.16
C GLU A 116 5.35 4.97 8.40
N LEU A 117 5.91 3.74 8.28
CA LEU A 117 5.25 2.66 7.58
C LEU A 117 5.72 1.30 8.11
N PHE A 118 4.79 0.35 8.23
CA PHE A 118 5.01 -0.94 8.88
C PHE A 118 4.65 -2.04 7.89
N LEU A 119 5.63 -2.85 7.49
CA LEU A 119 5.51 -3.83 6.42
C LEU A 119 4.31 -4.77 6.63
N ASN A 120 3.61 -5.11 5.54
CA ASN A 120 2.44 -5.97 5.56
C ASN A 120 2.43 -6.82 4.27
N SER A 121 3.57 -7.43 3.94
CA SER A 121 3.68 -8.33 2.81
C SER A 121 4.93 -9.20 2.92
N THR A 122 5.06 -10.16 2.02
CA THR A 122 6.23 -11.01 1.89
C THR A 122 6.33 -11.51 0.46
N THR A 123 7.49 -12.02 0.06
CA THR A 123 7.69 -12.57 -1.27
C THR A 123 6.74 -13.74 -1.49
N GLY A 124 6.08 -13.76 -2.65
CA GLY A 124 5.10 -14.79 -2.98
C GLY A 124 4.16 -14.29 -4.08
N ALA A 125 3.10 -15.04 -4.32
CA ALA A 125 2.06 -14.68 -5.28
C ALA A 125 1.30 -13.43 -4.83
N SER A 126 0.50 -12.88 -5.75
CA SER A 126 -0.32 -11.68 -5.50
C SER A 126 -1.48 -11.95 -4.54
N ASN A 127 -1.55 -13.15 -3.95
CA ASN A 127 -2.59 -13.52 -3.02
C ASN A 127 -2.03 -14.44 -1.93
N GLY A 128 -2.69 -14.46 -0.78
CA GLY A 128 -2.28 -15.25 0.37
C GLY A 128 -3.23 -15.04 1.55
N ALA A 129 -4.42 -14.50 1.29
CA ALA A 129 -5.39 -14.18 2.32
C ALA A 129 -6.82 -14.43 1.83
N TYR A 130 -6.98 -15.20 0.76
CA TYR A 130 -8.28 -15.48 0.18
C TYR A 130 -8.32 -16.87 -0.44
N SER A 131 -9.49 -17.23 -1.00
CA SER A 131 -9.70 -18.52 -1.63
C SER A 131 -10.67 -18.37 -2.81
N SER A 132 -10.91 -19.47 -3.52
CA SER A 132 -11.76 -19.48 -4.71
C SER A 132 -12.82 -20.57 -4.59
N GLN A 133 -12.98 -21.11 -3.38
CA GLN A 133 -13.92 -22.18 -3.09
C GLN A 133 -14.46 -22.01 -1.66
N VAL A 134 -15.44 -22.83 -1.27
CA VAL A 134 -16.09 -22.73 0.04
C VAL A 134 -16.21 -24.12 0.68
N MET A 135 -15.30 -25.02 0.30
CA MET A 135 -15.27 -26.38 0.79
C MET A 135 -13.84 -26.82 1.13
N GLN A 136 -12.87 -25.91 1.00
CA GLN A 136 -11.45 -26.15 1.26
C GLN A 136 -10.90 -27.39 0.54
N GLY A 137 -11.63 -27.91 -0.45
CA GLY A 137 -11.19 -29.07 -1.23
C GLY A 137 -11.21 -30.36 -0.41
N MET A 138 -11.93 -30.40 0.71
CA MET A 138 -11.98 -31.57 1.58
C MET A 138 -13.34 -31.68 2.25
N GLY A 139 -13.71 -32.90 2.68
CA GLY A 139 -14.97 -33.16 3.34
C GLY A 139 -15.06 -34.61 3.80
#